data_9G0L
# 
_entry.id   9G0L 
# 
_audit_conform.dict_name       mmcif_pdbx.dic 
_audit_conform.dict_version    5.404 
_audit_conform.dict_location   http://mmcif.pdb.org/dictionaries/ascii/mmcif_pdbx.dic 
# 
loop_
_database_2.database_id 
_database_2.database_code 
_database_2.pdbx_database_accession 
_database_2.pdbx_DOI 
PDB   9G0L         pdb_00009g0l 10.2210/pdb9g0l/pdb 
WWPDB D_1292140072 ?            ?                   
# 
loop_
_pdbx_audit_revision_history.ordinal 
_pdbx_audit_revision_history.data_content_type 
_pdbx_audit_revision_history.major_revision 
_pdbx_audit_revision_history.minor_revision 
_pdbx_audit_revision_history.revision_date 
_pdbx_audit_revision_history.part_number 
1 'Structure model' 1 0 2025-02-19 ? 
2 'Structure model' 1 1 2025-06-18 ? 
# 
_pdbx_audit_revision_details.ordinal             1 
_pdbx_audit_revision_details.revision_ordinal    1 
_pdbx_audit_revision_details.data_content_type   'Structure model' 
_pdbx_audit_revision_details.provider            repository 
_pdbx_audit_revision_details.type                'Initial release' 
_pdbx_audit_revision_details.description         ? 
_pdbx_audit_revision_details.details             ? 
# 
_pdbx_audit_revision_group.ordinal             1 
_pdbx_audit_revision_group.revision_ordinal    2 
_pdbx_audit_revision_group.data_content_type   'Structure model' 
_pdbx_audit_revision_group.group               'Database references' 
# 
loop_
_pdbx_audit_revision_category.ordinal 
_pdbx_audit_revision_category.revision_ordinal 
_pdbx_audit_revision_category.data_content_type 
_pdbx_audit_revision_category.category 
1 2 'Structure model' citation        
2 2 'Structure model' citation_author 
# 
loop_
_pdbx_audit_revision_item.ordinal 
_pdbx_audit_revision_item.revision_ordinal 
_pdbx_audit_revision_item.data_content_type 
_pdbx_audit_revision_item.item 
1 2 'Structure model' '_citation.journal_volume'          
2 2 'Structure model' '_citation.page_first'              
3 2 'Structure model' '_citation.page_last'               
4 2 'Structure model' '_citation_author.identifier_ORCID' 
# 
_pdbx_database_status.status_code                     REL 
_pdbx_database_status.status_code_sf                  REL 
_pdbx_database_status.status_code_mr                  ? 
_pdbx_database_status.entry_id                        9G0L 
_pdbx_database_status.recvd_initial_deposition_date   2024-07-08 
_pdbx_database_status.SG_entry                        N 
_pdbx_database_status.deposit_site                    PDBE 
_pdbx_database_status.process_site                    PDBE 
_pdbx_database_status.status_code_cs                  ? 
_pdbx_database_status.status_code_nmr_data            ? 
_pdbx_database_status.methods_development_category    ? 
_pdbx_database_status.pdb_format_compatible           Y 
# 
_pdbx_contact_author.id                 2 
_pdbx_contact_author.email              marcin.suskiewicz@cnrs-orleans.fr 
_pdbx_contact_author.name_first         Marcin 
_pdbx_contact_author.name_last          Suskiewicz 
_pdbx_contact_author.name_mi            J. 
_pdbx_contact_author.role               'principal investigator/group leader' 
_pdbx_contact_author.identifier_ORCID   0000-0002-3279-6571 
# 
loop_
_audit_author.name 
_audit_author.pdbx_ordinal 
_audit_author.identifier_ORCID 
'Coste, F.'        1 0000-0002-7409-0470 
'Suskiewicz, M.J.' 2 0000-0002-3279-6571 
# 
_citation.abstract                  ? 
_citation.abstract_id_CAS           ? 
_citation.book_id_ISBN              ? 
_citation.book_publisher            ? 
_citation.book_publisher_city       ? 
_citation.book_title                ? 
_citation.coordinate_linkage        ? 
_citation.country                   UK 
_citation.database_id_Medline       ? 
_citation.details                   ? 
_citation.id                        primary 
_citation.journal_abbrev            'Febs J.' 
_citation.journal_id_ASTM           ? 
_citation.journal_id_CSD            ? 
_citation.journal_id_ISSN           1742-464X 
_citation.journal_full              ? 
_citation.journal_issue             ? 
_citation.journal_volume            292 
_citation.language                  ? 
_citation.page_first                2784 
_citation.page_last                 2805 
_citation.title                     'RING dimerisation drives higher-order organisation of SINA/SIAH E3 ubiquitin ligases.' 
_citation.year                      2025 
_citation.database_id_CSD           ? 
_citation.pdbx_database_id_DOI      10.1111/febs.70000 
_citation.pdbx_database_id_PubMed   39910688 
_citation.pdbx_database_id_patent   ? 
_citation.unpublished_flag          ? 
# 
loop_
_citation_author.citation_id 
_citation_author.name 
_citation_author.ordinal 
_citation_author.identifier_ORCID 
primary 'Coste, F.'        1  ? 
primary 'Mishra, A.'       2  ? 
primary 'Chapuis, C.'      3  ? 
primary 'Mance, L.'        4  ? 
primary 'Pukalo, Z.'       5  ? 
primary 'Bigot, N.'        6  ? 
primary 'Goffinont, S.'    7  ? 
primary 'Gaudon, V.'       8  ? 
primary 'Garnier, N.'      9  ? 
primary 'Talhaoui, I.'     10 ? 
primary 'Castaing, B.'     11 ? 
primary 'Huet, S.'         12 ? 
primary 'Suskiewicz, M.J.' 13 ? 
# 
loop_
_entity.id 
_entity.type 
_entity.src_method 
_entity.pdbx_description 
_entity.formula_weight 
_entity.pdbx_number_of_molecules 
_entity.pdbx_ec 
_entity.pdbx_mutation 
_entity.pdbx_fragment 
_entity.details 
1 polymer     man 'E3 ubiquitin-protein ligase SIAH1' 11948.755 1  2.3.2.27 ? ? ? 
2 non-polymer syn 'ZINC ION'                          65.409    3  ?        ? ? ? 
3 water       nat water                               18.015    72 ?        ? ? ? 
# 
_entity_name_com.entity_id   1 
_entity_name_com.name        'RING-type E3 ubiquitin transferase SIAH1,Seven in absentia homolog 1,Siah-1,Siah-1a' 
# 
_entity_poly.entity_id                      1 
_entity_poly.type                           'polypeptide(L)' 
_entity_poly.nstd_linkage                   no 
_entity_poly.nstd_monomer                   no 
_entity_poly.pdbx_seq_one_letter_code       
;MTTASNNDLASLFECPVCFDYVLPPILQCQSGHLVCSNCRPKLTCCPTCRGPLGSIRNLAMEKVANSVLFPCKYASSGCE
ITLPHTEKADHEELCEFRPLEHHHHHH
;
_entity_poly.pdbx_seq_one_letter_code_can   
;MTTASNNDLASLFECPVCFDYVLPPILQCQSGHLVCSNCRPKLTCCPTCRGPLGSIRNLAMEKVANSVLFPCKYASSGCE
ITLPHTEKADHEELCEFRPLEHHHHHH
;
_entity_poly.pdbx_strand_id                 A 
_entity_poly.pdbx_target_identifier         ? 
# 
loop_
_pdbx_entity_nonpoly.entity_id 
_pdbx_entity_nonpoly.name 
_pdbx_entity_nonpoly.comp_id 
2 'ZINC ION' ZN  
3 water      HOH 
# 
loop_
_entity_poly_seq.entity_id 
_entity_poly_seq.num 
_entity_poly_seq.mon_id 
_entity_poly_seq.hetero 
1 1   MET n 
1 2   THR n 
1 3   THR n 
1 4   ALA n 
1 5   SER n 
1 6   ASN n 
1 7   ASN n 
1 8   ASP n 
1 9   LEU n 
1 10  ALA n 
1 11  SER n 
1 12  LEU n 
1 13  PHE n 
1 14  GLU n 
1 15  CYS n 
1 16  PRO n 
1 17  VAL n 
1 18  CYS n 
1 19  PHE n 
1 20  ASP n 
1 21  TYR n 
1 22  VAL n 
1 23  LEU n 
1 24  PRO n 
1 25  PRO n 
1 26  ILE n 
1 27  LEU n 
1 28  GLN n 
1 29  CYS n 
1 30  GLN n 
1 31  SER n 
1 32  GLY n 
1 33  HIS n 
1 34  LEU n 
1 35  VAL n 
1 36  CYS n 
1 37  SER n 
1 38  ASN n 
1 39  CYS n 
1 40  ARG n 
1 41  PRO n 
1 42  LYS n 
1 43  LEU n 
1 44  THR n 
1 45  CYS n 
1 46  CYS n 
1 47  PRO n 
1 48  THR n 
1 49  CYS n 
1 50  ARG n 
1 51  GLY n 
1 52  PRO n 
1 53  LEU n 
1 54  GLY n 
1 55  SER n 
1 56  ILE n 
1 57  ARG n 
1 58  ASN n 
1 59  LEU n 
1 60  ALA n 
1 61  MET n 
1 62  GLU n 
1 63  LYS n 
1 64  VAL n 
1 65  ALA n 
1 66  ASN n 
1 67  SER n 
1 68  VAL n 
1 69  LEU n 
1 70  PHE n 
1 71  PRO n 
1 72  CYS n 
1 73  LYS n 
1 74  TYR n 
1 75  ALA n 
1 76  SER n 
1 77  SER n 
1 78  GLY n 
1 79  CYS n 
1 80  GLU n 
1 81  ILE n 
1 82  THR n 
1 83  LEU n 
1 84  PRO n 
1 85  HIS n 
1 86  THR n 
1 87  GLU n 
1 88  LYS n 
1 89  ALA n 
1 90  ASP n 
1 91  HIS n 
1 92  GLU n 
1 93  GLU n 
1 94  LEU n 
1 95  CYS n 
1 96  GLU n 
1 97  PHE n 
1 98  ARG n 
1 99  PRO n 
1 100 LEU n 
1 101 GLU n 
1 102 HIS n 
1 103 HIS n 
1 104 HIS n 
1 105 HIS n 
1 106 HIS n 
1 107 HIS n 
# 
_entity_src_gen.entity_id                          1 
_entity_src_gen.pdbx_src_id                        1 
_entity_src_gen.pdbx_alt_source_flag               sample 
_entity_src_gen.pdbx_seq_type                      'Biological sequence' 
_entity_src_gen.pdbx_beg_seq_num                   1 
_entity_src_gen.pdbx_end_seq_num                   107 
_entity_src_gen.gene_src_common_name               human 
_entity_src_gen.gene_src_genus                     ? 
_entity_src_gen.pdbx_gene_src_gene                 'SIAH1, HUMSIAH' 
_entity_src_gen.gene_src_species                   ? 
_entity_src_gen.gene_src_strain                    ? 
_entity_src_gen.gene_src_tissue                    ? 
_entity_src_gen.gene_src_tissue_fraction           ? 
_entity_src_gen.gene_src_details                   ? 
_entity_src_gen.pdbx_gene_src_fragment             ? 
_entity_src_gen.pdbx_gene_src_scientific_name      'Homo sapiens' 
_entity_src_gen.pdbx_gene_src_ncbi_taxonomy_id     9606 
_entity_src_gen.pdbx_gene_src_variant              ? 
_entity_src_gen.pdbx_gene_src_cell_line            ? 
_entity_src_gen.pdbx_gene_src_atcc                 ? 
_entity_src_gen.pdbx_gene_src_organ                ? 
_entity_src_gen.pdbx_gene_src_organelle            ? 
_entity_src_gen.pdbx_gene_src_cell                 ? 
_entity_src_gen.pdbx_gene_src_cellular_location    ? 
_entity_src_gen.host_org_common_name               ? 
_entity_src_gen.pdbx_host_org_scientific_name      'Escherichia coli' 
_entity_src_gen.pdbx_host_org_ncbi_taxonomy_id     562 
_entity_src_gen.host_org_genus                     ? 
_entity_src_gen.pdbx_host_org_gene                 ? 
_entity_src_gen.pdbx_host_org_organ                ? 
_entity_src_gen.host_org_species                   ? 
_entity_src_gen.pdbx_host_org_tissue               ? 
_entity_src_gen.pdbx_host_org_tissue_fraction      ? 
_entity_src_gen.pdbx_host_org_strain               ? 
_entity_src_gen.pdbx_host_org_variant              ? 
_entity_src_gen.pdbx_host_org_cell_line            ? 
_entity_src_gen.pdbx_host_org_atcc                 ? 
_entity_src_gen.pdbx_host_org_culture_collection   ? 
_entity_src_gen.pdbx_host_org_cell                 ? 
_entity_src_gen.pdbx_host_org_organelle            ? 
_entity_src_gen.pdbx_host_org_cellular_location    ? 
_entity_src_gen.pdbx_host_org_vector_type          ? 
_entity_src_gen.pdbx_host_org_vector               ? 
_entity_src_gen.host_org_details                   ? 
_entity_src_gen.expression_system_id               ? 
_entity_src_gen.plasmid_name                       ? 
_entity_src_gen.plasmid_details                    ? 
_entity_src_gen.pdbx_description                   ? 
# 
loop_
_chem_comp.id 
_chem_comp.type 
_chem_comp.mon_nstd_flag 
_chem_comp.name 
_chem_comp.pdbx_synonyms 
_chem_comp.formula 
_chem_comp.formula_weight 
ALA 'L-peptide linking' y ALANINE         ? 'C3 H7 N O2'     89.093  
ARG 'L-peptide linking' y ARGININE        ? 'C6 H15 N4 O2 1' 175.209 
ASN 'L-peptide linking' y ASPARAGINE      ? 'C4 H8 N2 O3'    132.118 
ASP 'L-peptide linking' y 'ASPARTIC ACID' ? 'C4 H7 N O4'     133.103 
CYS 'L-peptide linking' y CYSTEINE        ? 'C3 H7 N O2 S'   121.158 
GLN 'L-peptide linking' y GLUTAMINE       ? 'C5 H10 N2 O3'   146.144 
GLU 'L-peptide linking' y 'GLUTAMIC ACID' ? 'C5 H9 N O4'     147.129 
GLY 'peptide linking'   y GLYCINE         ? 'C2 H5 N O2'     75.067  
HIS 'L-peptide linking' y HISTIDINE       ? 'C6 H10 N3 O2 1' 156.162 
HOH non-polymer         . WATER           ? 'H2 O'           18.015  
ILE 'L-peptide linking' y ISOLEUCINE      ? 'C6 H13 N O2'    131.173 
LEU 'L-peptide linking' y LEUCINE         ? 'C6 H13 N O2'    131.173 
LYS 'L-peptide linking' y LYSINE          ? 'C6 H15 N2 O2 1' 147.195 
MET 'L-peptide linking' y METHIONINE      ? 'C5 H11 N O2 S'  149.211 
PHE 'L-peptide linking' y PHENYLALANINE   ? 'C9 H11 N O2'    165.189 
PRO 'L-peptide linking' y PROLINE         ? 'C5 H9 N O2'     115.130 
SER 'L-peptide linking' y SERINE          ? 'C3 H7 N O3'     105.093 
THR 'L-peptide linking' y THREONINE       ? 'C4 H9 N O3'     119.119 
TYR 'L-peptide linking' y TYROSINE        ? 'C9 H11 N O3'    181.189 
VAL 'L-peptide linking' y VALINE          ? 'C5 H11 N O2'    117.146 
ZN  non-polymer         . 'ZINC ION'      ? 'Zn 2'           65.409  
# 
loop_
_pdbx_poly_seq_scheme.asym_id 
_pdbx_poly_seq_scheme.entity_id 
_pdbx_poly_seq_scheme.seq_id 
_pdbx_poly_seq_scheme.mon_id 
_pdbx_poly_seq_scheme.ndb_seq_num 
_pdbx_poly_seq_scheme.pdb_seq_num 
_pdbx_poly_seq_scheme.auth_seq_num 
_pdbx_poly_seq_scheme.pdb_mon_id 
_pdbx_poly_seq_scheme.auth_mon_id 
_pdbx_poly_seq_scheme.pdb_strand_id 
_pdbx_poly_seq_scheme.pdb_ins_code 
_pdbx_poly_seq_scheme.hetero 
A 1 1   MET 1   27  ?   ?   ?   A . n 
A 1 2   THR 2   28  ?   ?   ?   A . n 
A 1 3   THR 3   29  29  THR THR A . n 
A 1 4   ALA 4   30  30  ALA ALA A . n 
A 1 5   SER 5   31  31  SER SER A . n 
A 1 6   ASN 6   32  32  ASN ASN A . n 
A 1 7   ASN 7   33  33  ASN ASN A . n 
A 1 8   ASP 8   34  34  ASP ASP A . n 
A 1 9   LEU 9   35  35  LEU LEU A . n 
A 1 10  ALA 10  36  36  ALA ALA A . n 
A 1 11  SER 11  37  37  SER SER A . n 
A 1 12  LEU 12  38  38  LEU LEU A . n 
A 1 13  PHE 13  39  39  PHE PHE A . n 
A 1 14  GLU 14  40  40  GLU GLU A . n 
A 1 15  CYS 15  41  41  CYS CYS A . n 
A 1 16  PRO 16  42  42  PRO PRO A . n 
A 1 17  VAL 17  43  43  VAL VAL A . n 
A 1 18  CYS 18  44  44  CYS CYS A . n 
A 1 19  PHE 19  45  45  PHE PHE A . n 
A 1 20  ASP 20  46  46  ASP ASP A . n 
A 1 21  TYR 21  47  47  TYR TYR A . n 
A 1 22  VAL 22  48  48  VAL VAL A . n 
A 1 23  LEU 23  49  49  LEU LEU A . n 
A 1 24  PRO 24  50  50  PRO PRO A . n 
A 1 25  PRO 25  51  51  PRO PRO A . n 
A 1 26  ILE 26  52  52  ILE ILE A . n 
A 1 27  LEU 27  53  53  LEU LEU A . n 
A 1 28  GLN 28  54  54  GLN GLN A . n 
A 1 29  CYS 29  55  55  CYS CYS A . n 
A 1 30  GLN 30  56  56  GLN GLN A . n 
A 1 31  SER 31  57  57  SER SER A . n 
A 1 32  GLY 32  58  58  GLY GLY A . n 
A 1 33  HIS 33  59  59  HIS HIS A . n 
A 1 34  LEU 34  60  60  LEU LEU A . n 
A 1 35  VAL 35  61  61  VAL VAL A . n 
A 1 36  CYS 36  62  62  CYS CYS A . n 
A 1 37  SER 37  63  63  SER SER A . n 
A 1 38  ASN 38  64  64  ASN ASN A . n 
A 1 39  CYS 39  65  65  CYS CYS A . n 
A 1 40  ARG 40  66  66  ARG ARG A . n 
A 1 41  PRO 41  67  67  PRO PRO A . n 
A 1 42  LYS 42  68  68  LYS LYS A . n 
A 1 43  LEU 43  69  69  LEU LEU A . n 
A 1 44  THR 44  70  70  THR THR A . n 
A 1 45  CYS 45  71  71  CYS CYS A . n 
A 1 46  CYS 46  72  72  CYS CYS A . n 
A 1 47  PRO 47  73  73  PRO PRO A . n 
A 1 48  THR 48  74  74  THR THR A . n 
A 1 49  CYS 49  75  75  CYS CYS A . n 
A 1 50  ARG 50  76  76  ARG ARG A . n 
A 1 51  GLY 51  77  77  GLY GLY A . n 
A 1 52  PRO 52  78  78  PRO PRO A . n 
A 1 53  LEU 53  79  79  LEU LEU A . n 
A 1 54  GLY 54  80  80  GLY GLY A . n 
A 1 55  SER 55  81  81  SER SER A . n 
A 1 56  ILE 56  82  82  ILE ILE A . n 
A 1 57  ARG 57  83  83  ARG ARG A . n 
A 1 58  ASN 58  84  84  ASN ASN A . n 
A 1 59  LEU 59  85  85  LEU LEU A . n 
A 1 60  ALA 60  86  86  ALA ALA A . n 
A 1 61  MET 61  87  87  MET MET A . n 
A 1 62  GLU 62  88  88  GLU GLU A . n 
A 1 63  LYS 63  89  89  LYS LYS A . n 
A 1 64  VAL 64  90  90  VAL VAL A . n 
A 1 65  ALA 65  91  91  ALA ALA A . n 
A 1 66  ASN 66  92  92  ASN ASN A . n 
A 1 67  SER 67  93  93  SER SER A . n 
A 1 68  VAL 68  94  94  VAL VAL A . n 
A 1 69  LEU 69  95  95  LEU LEU A . n 
A 1 70  PHE 70  96  96  PHE PHE A . n 
A 1 71  PRO 71  97  97  PRO PRO A . n 
A 1 72  CYS 72  98  98  CYS CYS A . n 
A 1 73  LYS 73  99  99  LYS LYS A . n 
A 1 74  TYR 74  100 100 TYR TYR A . n 
A 1 75  ALA 75  101 101 ALA ALA A . n 
A 1 76  SER 76  102 102 SER SER A . n 
A 1 77  SER 77  103 103 SER SER A . n 
A 1 78  GLY 78  104 104 GLY GLY A . n 
A 1 79  CYS 79  105 105 CYS CYS A . n 
A 1 80  GLU 80  106 106 GLU GLU A . n 
A 1 81  ILE 81  107 107 ILE ILE A . n 
A 1 82  THR 82  108 108 THR THR A . n 
A 1 83  LEU 83  109 109 LEU LEU A . n 
A 1 84  PRO 84  110 110 PRO PRO A . n 
A 1 85  HIS 85  111 111 HIS HIS A . n 
A 1 86  THR 86  112 112 THR THR A . n 
A 1 87  GLU 87  113 113 GLU GLU A . n 
A 1 88  LYS 88  114 114 LYS LYS A . n 
A 1 89  ALA 89  115 115 ALA ALA A . n 
A 1 90  ASP 90  116 116 ASP ASP A . n 
A 1 91  HIS 91  117 117 HIS HIS A . n 
A 1 92  GLU 92  118 118 GLU GLU A . n 
A 1 93  GLU 93  119 119 GLU GLU A . n 
A 1 94  LEU 94  120 120 LEU LEU A . n 
A 1 95  CYS 95  121 121 CYS CYS A . n 
A 1 96  GLU 96  122 122 GLU GLU A . n 
A 1 97  PHE 97  123 123 PHE PHE A . n 
A 1 98  ARG 98  124 124 ARG ARG A . n 
A 1 99  PRO 99  125 125 PRO PRO A . n 
A 1 100 LEU 100 126 ?   ?   ?   A . n 
A 1 101 GLU 101 127 ?   ?   ?   A . n 
A 1 102 HIS 102 128 ?   ?   ?   A . n 
A 1 103 HIS 103 129 ?   ?   ?   A . n 
A 1 104 HIS 104 130 ?   ?   ?   A . n 
A 1 105 HIS 105 131 ?   ?   ?   A . n 
A 1 106 HIS 106 132 ?   ?   ?   A . n 
A 1 107 HIS 107 133 ?   ?   ?   A . n 
# 
loop_
_pdbx_nonpoly_scheme.asym_id 
_pdbx_nonpoly_scheme.entity_id 
_pdbx_nonpoly_scheme.mon_id 
_pdbx_nonpoly_scheme.ndb_seq_num 
_pdbx_nonpoly_scheme.pdb_seq_num 
_pdbx_nonpoly_scheme.auth_seq_num 
_pdbx_nonpoly_scheme.pdb_mon_id 
_pdbx_nonpoly_scheme.auth_mon_id 
_pdbx_nonpoly_scheme.pdb_strand_id 
_pdbx_nonpoly_scheme.pdb_ins_code 
B 2 ZN  1  201 201 ZN  ZN  A . 
C 2 ZN  1  202 202 ZN  ZN  A . 
D 2 ZN  1  203 203 ZN  ZN  A . 
E 3 HOH 1  301 26  HOH HOH A . 
E 3 HOH 2  302 13  HOH HOH A . 
E 3 HOH 3  303 20  HOH HOH A . 
E 3 HOH 4  304 49  HOH HOH A . 
E 3 HOH 5  305 10  HOH HOH A . 
E 3 HOH 6  306 42  HOH HOH A . 
E 3 HOH 7  307 8   HOH HOH A . 
E 3 HOH 8  308 9   HOH HOH A . 
E 3 HOH 9  309 41  HOH HOH A . 
E 3 HOH 10 310 71  HOH HOH A . 
E 3 HOH 11 311 24  HOH HOH A . 
E 3 HOH 12 312 38  HOH HOH A . 
E 3 HOH 13 313 12  HOH HOH A . 
E 3 HOH 14 314 68  HOH HOH A . 
E 3 HOH 15 315 3   HOH HOH A . 
E 3 HOH 16 316 44  HOH HOH A . 
E 3 HOH 17 317 51  HOH HOH A . 
E 3 HOH 18 318 36  HOH HOH A . 
E 3 HOH 19 319 18  HOH HOH A . 
E 3 HOH 20 320 43  HOH HOH A . 
E 3 HOH 21 321 52  HOH HOH A . 
E 3 HOH 22 322 29  HOH HOH A . 
E 3 HOH 23 323 56  HOH HOH A . 
E 3 HOH 24 324 2   HOH HOH A . 
E 3 HOH 25 325 34  HOH HOH A . 
E 3 HOH 26 326 45  HOH HOH A . 
E 3 HOH 27 327 23  HOH HOH A . 
E 3 HOH 28 328 1   HOH HOH A . 
E 3 HOH 29 329 7   HOH HOH A . 
E 3 HOH 30 330 64  HOH HOH A . 
E 3 HOH 31 331 28  HOH HOH A . 
E 3 HOH 32 332 21  HOH HOH A . 
E 3 HOH 33 333 17  HOH HOH A . 
E 3 HOH 34 334 63  HOH HOH A . 
E 3 HOH 35 335 19  HOH HOH A . 
E 3 HOH 36 336 70  HOH HOH A . 
E 3 HOH 37 337 31  HOH HOH A . 
E 3 HOH 38 338 47  HOH HOH A . 
E 3 HOH 39 339 22  HOH HOH A . 
E 3 HOH 40 340 60  HOH HOH A . 
E 3 HOH 41 341 5   HOH HOH A . 
E 3 HOH 42 342 72  HOH HOH A . 
E 3 HOH 43 343 54  HOH HOH A . 
E 3 HOH 44 344 30  HOH HOH A . 
E 3 HOH 45 345 14  HOH HOH A . 
E 3 HOH 46 346 32  HOH HOH A . 
E 3 HOH 47 347 16  HOH HOH A . 
E 3 HOH 48 348 4   HOH HOH A . 
E 3 HOH 49 349 66  HOH HOH A . 
E 3 HOH 50 350 33  HOH HOH A . 
E 3 HOH 51 351 25  HOH HOH A . 
E 3 HOH 52 352 11  HOH HOH A . 
E 3 HOH 53 353 6   HOH HOH A . 
E 3 HOH 54 354 67  HOH HOH A . 
E 3 HOH 55 355 61  HOH HOH A . 
E 3 HOH 56 356 40  HOH HOH A . 
E 3 HOH 57 357 65  HOH HOH A . 
E 3 HOH 58 358 27  HOH HOH A . 
E 3 HOH 59 359 53  HOH HOH A . 
E 3 HOH 60 360 50  HOH HOH A . 
E 3 HOH 61 361 69  HOH HOH A . 
E 3 HOH 62 362 58  HOH HOH A . 
E 3 HOH 63 363 59  HOH HOH A . 
E 3 HOH 64 364 62  HOH HOH A . 
E 3 HOH 65 365 37  HOH HOH A . 
E 3 HOH 66 366 46  HOH HOH A . 
E 3 HOH 67 367 39  HOH HOH A . 
E 3 HOH 68 368 35  HOH HOH A . 
E 3 HOH 69 369 15  HOH HOH A . 
E 3 HOH 70 370 57  HOH HOH A . 
E 3 HOH 71 371 48  HOH HOH A . 
E 3 HOH 72 372 55  HOH HOH A . 
# 
loop_
_pdbx_unobs_or_zero_occ_atoms.id 
_pdbx_unobs_or_zero_occ_atoms.PDB_model_num 
_pdbx_unobs_or_zero_occ_atoms.polymer_flag 
_pdbx_unobs_or_zero_occ_atoms.occupancy_flag 
_pdbx_unobs_or_zero_occ_atoms.auth_asym_id 
_pdbx_unobs_or_zero_occ_atoms.auth_comp_id 
_pdbx_unobs_or_zero_occ_atoms.auth_seq_id 
_pdbx_unobs_or_zero_occ_atoms.PDB_ins_code 
_pdbx_unobs_or_zero_occ_atoms.auth_atom_id 
_pdbx_unobs_or_zero_occ_atoms.label_alt_id 
_pdbx_unobs_or_zero_occ_atoms.label_asym_id 
_pdbx_unobs_or_zero_occ_atoms.label_comp_id 
_pdbx_unobs_or_zero_occ_atoms.label_seq_id 
_pdbx_unobs_or_zero_occ_atoms.label_atom_id 
1 1 Y 1 A THR 29 ? OG1 ? A THR 3  OG1 
2 1 Y 1 A THR 29 ? CG2 ? A THR 3  CG2 
3 1 Y 1 A LYS 68 ? CD  ? A LYS 42 CD  
4 1 Y 1 A LYS 68 ? CE  ? A LYS 42 CE  
5 1 Y 1 A LYS 68 ? NZ  ? A LYS 42 NZ  
# 
loop_
_software.citation_id 
_software.classification 
_software.compiler_name 
_software.compiler_version 
_software.contact_author 
_software.contact_author_email 
_software.date 
_software.description 
_software.dependencies 
_software.hardware 
_software.language 
_software.location 
_software.mods 
_software.name 
_software.os 
_software.os_version 
_software.type 
_software.version 
_software.pdbx_ordinal 
? 'data collection' ? ? ? ? ? ? ? ? ? ? ? MxCuBE   ? ? ? .      1 
? 'data reduction'  ? ? ? ? ? ? ? ? ? ? ? XDS      ? ? ? .      2 
? 'data processing' ? ? ? ? ? ? ? ? ? ? ? autoPROC ? ? ? .      3 
? 'data scaling'    ? ? ? ? ? ? ? ? ? ? ? Aimless  ? ? ? .      4 
? phasing           ? ? ? ? ? ? ? ? ? ? ? PHASER   ? ? ? .      5 
? refinement        ? ? ? ? ? ? ? ? ? ? ? PHENIX   ? ? ? 1.20.1 6 
# 
_cell.angle_alpha                  90.000 
_cell.angle_alpha_esd              ? 
_cell.angle_beta                   90.000 
_cell.angle_beta_esd               ? 
_cell.angle_gamma                  90.000 
_cell.angle_gamma_esd              ? 
_cell.entry_id                     9G0L 
_cell.details                      ? 
_cell.formula_units_Z              ? 
_cell.length_a                     69.850 
_cell.length_a_esd                 ? 
_cell.length_b                     69.850 
_cell.length_b_esd                 ? 
_cell.length_c                     62.713 
_cell.length_c_esd                 ? 
_cell.volume                       305978.138 
_cell.volume_esd                   ? 
_cell.Z_PDB                        8 
_cell.reciprocal_angle_alpha       ? 
_cell.reciprocal_angle_beta        ? 
_cell.reciprocal_angle_gamma       ? 
_cell.reciprocal_angle_alpha_esd   ? 
_cell.reciprocal_angle_beta_esd    ? 
_cell.reciprocal_angle_gamma_esd   ? 
_cell.reciprocal_length_a          ? 
_cell.reciprocal_length_b          ? 
_cell.reciprocal_length_c          ? 
_cell.reciprocal_length_a_esd      ? 
_cell.reciprocal_length_b_esd      ? 
_cell.reciprocal_length_c_esd      ? 
_cell.pdbx_unique_axis             ? 
_cell.pdbx_esd_method              ? 
# 
_symmetry.entry_id                         9G0L 
_symmetry.cell_setting                     ? 
_symmetry.Int_Tables_number                96 
_symmetry.space_group_name_Hall            'P 4nw 2abw' 
_symmetry.space_group_name_H-M             'P 43 21 2' 
_symmetry.pdbx_full_space_group_name_H-M   ? 
# 
_exptl.absorpt_coefficient_mu     ? 
_exptl.absorpt_correction_T_max   ? 
_exptl.absorpt_correction_T_min   ? 
_exptl.absorpt_correction_type    ? 
_exptl.absorpt_process_details    ? 
_exptl.entry_id                   9G0L 
_exptl.crystals_number            1 
_exptl.details                    ? 
_exptl.method                     'X-RAY DIFFRACTION' 
_exptl.method_details             ? 
# 
_exptl_crystal.colour                       ? 
_exptl_crystal.density_diffrn               ? 
_exptl_crystal.density_Matthews             3.20 
_exptl_crystal.density_method               ? 
_exptl_crystal.density_percent_sol          61.57 
_exptl_crystal.description                  ? 
_exptl_crystal.F_000                        ? 
_exptl_crystal.id                           1 
_exptl_crystal.preparation                  ? 
_exptl_crystal.size_max                     ? 
_exptl_crystal.size_mid                     ? 
_exptl_crystal.size_min                     ? 
_exptl_crystal.size_rad                     ? 
_exptl_crystal.colour_lustre                ? 
_exptl_crystal.colour_modifier              ? 
_exptl_crystal.colour_primary               ? 
_exptl_crystal.density_meas                 ? 
_exptl_crystal.density_meas_esd             ? 
_exptl_crystal.density_meas_gt              ? 
_exptl_crystal.density_meas_lt              ? 
_exptl_crystal.density_meas_temp            ? 
_exptl_crystal.density_meas_temp_esd        ? 
_exptl_crystal.density_meas_temp_gt         ? 
_exptl_crystal.density_meas_temp_lt         ? 
_exptl_crystal.pdbx_crystal_image_url       ? 
_exptl_crystal.pdbx_crystal_image_format    ? 
_exptl_crystal.pdbx_mosaicity               ? 
_exptl_crystal.pdbx_mosaicity_esd           ? 
_exptl_crystal.pdbx_mosaic_method           ? 
_exptl_crystal.pdbx_mosaic_block_size       ? 
_exptl_crystal.pdbx_mosaic_block_size_esd   ? 
# 
_exptl_crystal_grow.apparatus       ? 
_exptl_crystal_grow.atmosphere      ? 
_exptl_crystal_grow.crystal_id      1 
_exptl_crystal_grow.details         ? 
_exptl_crystal_grow.method          'VAPOR DIFFUSION, SITTING DROP' 
_exptl_crystal_grow.method_ref      ? 
_exptl_crystal_grow.pH              6.5 
_exptl_crystal_grow.pressure        ? 
_exptl_crystal_grow.pressure_esd    ? 
_exptl_crystal_grow.seeding         ? 
_exptl_crystal_grow.seeding_ref     ? 
_exptl_crystal_grow.temp_details    ? 
_exptl_crystal_grow.temp_esd        ? 
_exptl_crystal_grow.time            ? 
_exptl_crystal_grow.pdbx_details    
'MES-imidazole buffer, PEG550MME-20K, 1,6-hexanediol, 1-butanol, 1,2-propanediol, 2-propanol, 1,4-butanediol, 1,3-propanediol' 
_exptl_crystal_grow.pdbx_pH_range   ? 
_exptl_crystal_grow.temp            293 
# 
_diffrn.ambient_environment              ? 
_diffrn.ambient_temp                     100 
_diffrn.ambient_temp_details             ? 
_diffrn.ambient_temp_esd                 ? 
_diffrn.crystal_id                       1 
_diffrn.crystal_support                  ? 
_diffrn.crystal_treatment                ? 
_diffrn.details                          ? 
_diffrn.id                               1 
_diffrn.ambient_pressure                 ? 
_diffrn.ambient_pressure_esd             ? 
_diffrn.ambient_pressure_gt              ? 
_diffrn.ambient_pressure_lt              ? 
_diffrn.ambient_temp_gt                  ? 
_diffrn.ambient_temp_lt                  ? 
_diffrn.pdbx_serial_crystal_experiment   N 
# 
_diffrn_detector.details                      ? 
_diffrn_detector.detector                     PIXEL 
_diffrn_detector.diffrn_id                    1 
_diffrn_detector.type                         'DECTRIS EIGER X 16M' 
_diffrn_detector.area_resol_mean              ? 
_diffrn_detector.dtime                        ? 
_diffrn_detector.pdbx_frames_total            ? 
_diffrn_detector.pdbx_collection_time_total   ? 
_diffrn_detector.pdbx_collection_date         2022-10-13 
_diffrn_detector.pdbx_frequency               ? 
_diffrn_detector.id                           ? 
_diffrn_detector.number_of_axes               ? 
# 
_diffrn_radiation.collimation                      ? 
_diffrn_radiation.diffrn_id                        1 
_diffrn_radiation.filter_edge                      ? 
_diffrn_radiation.inhomogeneity                    ? 
_diffrn_radiation.monochromator                    ? 
_diffrn_radiation.polarisn_norm                    ? 
_diffrn_radiation.polarisn_ratio                   ? 
_diffrn_radiation.probe                            ? 
_diffrn_radiation.type                             ? 
_diffrn_radiation.xray_symbol                      ? 
_diffrn_radiation.wavelength_id                    1 
_diffrn_radiation.pdbx_monochromatic_or_laue_m_l   M 
_diffrn_radiation.pdbx_wavelength_list             ? 
_diffrn_radiation.pdbx_wavelength                  ? 
_diffrn_radiation.pdbx_diffrn_protocol             'SINGLE WAVELENGTH' 
_diffrn_radiation.pdbx_analyzer                    ? 
_diffrn_radiation.pdbx_scattering_type             x-ray 
# 
_diffrn_radiation_wavelength.id           1 
_diffrn_radiation_wavelength.wavelength   0.97856 
_diffrn_radiation_wavelength.wt           1.0 
# 
_diffrn_source.current                     ? 
_diffrn_source.details                     ? 
_diffrn_source.diffrn_id                   1 
_diffrn_source.power                       ? 
_diffrn_source.size                        ? 
_diffrn_source.source                      SYNCHROTRON 
_diffrn_source.target                      ? 
_diffrn_source.type                        'SOLEIL BEAMLINE PROXIMA 1' 
_diffrn_source.voltage                     ? 
_diffrn_source.take-off_angle              ? 
_diffrn_source.pdbx_wavelength_list        0.97856 
_diffrn_source.pdbx_wavelength             ? 
_diffrn_source.pdbx_synchrotron_beamline   'PROXIMA 1' 
_diffrn_source.pdbx_synchrotron_site       SOLEIL 
# 
_reflns.B_iso_Wilson_estimate                          46.39 
_reflns.entry_id                                       9G0L 
_reflns.data_reduction_details                         ? 
_reflns.data_reduction_method                          ? 
_reflns.d_resolution_high                              1.90 
_reflns.d_resolution_low                               46.66 
_reflns.details                                        ? 
_reflns.limit_h_max                                    ? 
_reflns.limit_h_min                                    ? 
_reflns.limit_k_max                                    ? 
_reflns.limit_k_min                                    ? 
_reflns.limit_l_max                                    ? 
_reflns.limit_l_min                                    ? 
_reflns.number_all                                     ? 
_reflns.number_obs                                     12780 
_reflns.observed_criterion                             ? 
_reflns.observed_criterion_F_max                       ? 
_reflns.observed_criterion_F_min                       ? 
_reflns.observed_criterion_I_max                       ? 
_reflns.observed_criterion_I_min                       ? 
_reflns.observed_criterion_sigma_F                     ? 
_reflns.observed_criterion_sigma_I                     ? 
_reflns.percent_possible_obs                           100 
_reflns.R_free_details                                 ? 
_reflns.Rmerge_F_all                                   ? 
_reflns.Rmerge_F_obs                                   ? 
_reflns.Friedel_coverage                               ? 
_reflns.number_gt                                      ? 
_reflns.threshold_expression                           ? 
_reflns.pdbx_redundancy                                25.1 
_reflns.pdbx_netI_over_av_sigmaI                       ? 
_reflns.pdbx_netI_over_sigmaI                          17.0 
_reflns.pdbx_res_netI_over_av_sigmaI_2                 ? 
_reflns.pdbx_res_netI_over_sigmaI_2                    ? 
_reflns.pdbx_chi_squared                               ? 
_reflns.pdbx_scaling_rejects                           ? 
_reflns.pdbx_d_res_high_opt                            ? 
_reflns.pdbx_d_res_low_opt                             ? 
_reflns.pdbx_d_res_opt_method                          ? 
_reflns.phase_calculation_details                      ? 
_reflns.pdbx_Rrim_I_all                                ? 
_reflns.pdbx_Rpim_I_all                                ? 
_reflns.pdbx_d_opt                                     ? 
_reflns.pdbx_number_measured_all                       ? 
_reflns.pdbx_diffrn_id                                 1 
_reflns.pdbx_ordinal                                   1 
_reflns.pdbx_CC_half                                   0.999 
_reflns.pdbx_CC_star                                   ? 
_reflns.pdbx_R_split                                   ? 
_reflns.pdbx_Rmerge_I_obs                              0.104 
_reflns.pdbx_Rmerge_I_all                              ? 
_reflns.pdbx_Rsym_value                                ? 
_reflns.pdbx_CC_split_method                           ? 
_reflns.pdbx_aniso_diffraction_limit_axis_1_ortho[1]   ? 
_reflns.pdbx_aniso_diffraction_limit_axis_1_ortho[2]   ? 
_reflns.pdbx_aniso_diffraction_limit_axis_1_ortho[3]   ? 
_reflns.pdbx_aniso_diffraction_limit_axis_2_ortho[1]   ? 
_reflns.pdbx_aniso_diffraction_limit_axis_2_ortho[2]   ? 
_reflns.pdbx_aniso_diffraction_limit_axis_2_ortho[3]   ? 
_reflns.pdbx_aniso_diffraction_limit_axis_3_ortho[1]   ? 
_reflns.pdbx_aniso_diffraction_limit_axis_3_ortho[2]   ? 
_reflns.pdbx_aniso_diffraction_limit_axis_3_ortho[3]   ? 
_reflns.pdbx_aniso_diffraction_limit_1                 ? 
_reflns.pdbx_aniso_diffraction_limit_2                 ? 
_reflns.pdbx_aniso_diffraction_limit_3                 ? 
_reflns.pdbx_aniso_B_tensor_eigenvector_1_ortho[1]     ? 
_reflns.pdbx_aniso_B_tensor_eigenvector_1_ortho[2]     ? 
_reflns.pdbx_aniso_B_tensor_eigenvector_1_ortho[3]     ? 
_reflns.pdbx_aniso_B_tensor_eigenvector_2_ortho[1]     ? 
_reflns.pdbx_aniso_B_tensor_eigenvector_2_ortho[2]     ? 
_reflns.pdbx_aniso_B_tensor_eigenvector_2_ortho[3]     ? 
_reflns.pdbx_aniso_B_tensor_eigenvector_3_ortho[1]     ? 
_reflns.pdbx_aniso_B_tensor_eigenvector_3_ortho[2]     ? 
_reflns.pdbx_aniso_B_tensor_eigenvector_3_ortho[3]     ? 
_reflns.pdbx_aniso_B_tensor_eigenvalue_1               ? 
_reflns.pdbx_aniso_B_tensor_eigenvalue_2               ? 
_reflns.pdbx_aniso_B_tensor_eigenvalue_3               ? 
_reflns.pdbx_orthogonalization_convention              ? 
_reflns.pdbx_percent_possible_ellipsoidal              ? 
_reflns.pdbx_percent_possible_spherical                ? 
_reflns.pdbx_percent_possible_ellipsoidal_anomalous    ? 
_reflns.pdbx_percent_possible_spherical_anomalous      ? 
_reflns.pdbx_redundancy_anomalous                      ? 
_reflns.pdbx_CC_half_anomalous                         ? 
_reflns.pdbx_absDiff_over_sigma_anomalous              ? 
_reflns.pdbx_percent_possible_anomalous                ? 
_reflns.pdbx_observed_signal_threshold                 ? 
_reflns.pdbx_signal_type                               ? 
_reflns.pdbx_signal_details                            ? 
_reflns.pdbx_signal_software_id                        ? 
# 
_reflns_shell.d_res_high                                    1.90 
_reflns_shell.d_res_low                                     1.94 
_reflns_shell.meanI_over_sigI_all                           ? 
_reflns_shell.meanI_over_sigI_obs                           1.3 
_reflns_shell.number_measured_all                           ? 
_reflns_shell.number_measured_obs                           ? 
_reflns_shell.number_possible                               ? 
_reflns_shell.number_unique_all                             ? 
_reflns_shell.number_unique_obs                             804 
_reflns_shell.percent_possible_obs                          ? 
_reflns_shell.Rmerge_F_all                                  ? 
_reflns_shell.Rmerge_F_obs                                  ? 
_reflns_shell.meanI_over_sigI_gt                            ? 
_reflns_shell.meanI_over_uI_all                             ? 
_reflns_shell.meanI_over_uI_gt                              ? 
_reflns_shell.number_measured_gt                            ? 
_reflns_shell.number_unique_gt                              ? 
_reflns_shell.percent_possible_gt                           ? 
_reflns_shell.Rmerge_F_gt                                   ? 
_reflns_shell.Rmerge_I_gt                                   ? 
_reflns_shell.pdbx_redundancy                               27.3 
_reflns_shell.pdbx_chi_squared                              ? 
_reflns_shell.pdbx_netI_over_sigmaI_all                     ? 
_reflns_shell.pdbx_netI_over_sigmaI_obs                     ? 
_reflns_shell.pdbx_Rrim_I_all                               ? 
_reflns_shell.pdbx_Rpim_I_all                               ? 
_reflns_shell.pdbx_rejects                                  ? 
_reflns_shell.pdbx_ordinal                                  1 
_reflns_shell.pdbx_diffrn_id                                1 
_reflns_shell.pdbx_CC_half                                  0.669 
_reflns_shell.pdbx_CC_star                                  ? 
_reflns_shell.pdbx_R_split                                  ? 
_reflns_shell.percent_possible_all                          100 
_reflns_shell.Rmerge_I_all                                  ? 
_reflns_shell.Rmerge_I_obs                                  2.909 
_reflns_shell.pdbx_Rsym_value                               ? 
_reflns_shell.pdbx_percent_possible_ellipsoidal             ? 
_reflns_shell.pdbx_percent_possible_spherical               ? 
_reflns_shell.pdbx_percent_possible_ellipsoidal_anomalous   ? 
_reflns_shell.pdbx_percent_possible_spherical_anomalous     ? 
_reflns_shell.pdbx_redundancy_anomalous                     ? 
_reflns_shell.pdbx_CC_half_anomalous                        ? 
_reflns_shell.pdbx_absDiff_over_sigma_anomalous             ? 
_reflns_shell.pdbx_percent_possible_anomalous               ? 
# 
_refine.aniso_B[1][1]                            ? 
_refine.aniso_B[1][2]                            ? 
_refine.aniso_B[1][3]                            ? 
_refine.aniso_B[2][2]                            ? 
_refine.aniso_B[2][3]                            ? 
_refine.aniso_B[3][3]                            ? 
_refine.B_iso_max                                ? 
_refine.B_iso_mean                               50.64 
_refine.B_iso_min                                ? 
_refine.correlation_coeff_Fo_to_Fc               ? 
_refine.correlation_coeff_Fo_to_Fc_free          ? 
_refine.details                                  ? 
_refine.diff_density_max                         ? 
_refine.diff_density_max_esd                     ? 
_refine.diff_density_min                         ? 
_refine.diff_density_min_esd                     ? 
_refine.diff_density_rms                         ? 
_refine.diff_density_rms_esd                     ? 
_refine.entry_id                                 9G0L 
_refine.pdbx_refine_id                           'X-RAY DIFFRACTION' 
_refine.ls_abs_structure_details                 ? 
_refine.ls_abs_structure_Flack                   ? 
_refine.ls_abs_structure_Flack_esd               ? 
_refine.ls_abs_structure_Rogers                  ? 
_refine.ls_abs_structure_Rogers_esd              ? 
_refine.ls_d_res_high                            1.90 
_refine.ls_d_res_low                             46.66 
_refine.ls_extinction_coef                       ? 
_refine.ls_extinction_coef_esd                   ? 
_refine.ls_extinction_expression                 ? 
_refine.ls_extinction_method                     ? 
_refine.ls_goodness_of_fit_all                   ? 
_refine.ls_goodness_of_fit_all_esd               ? 
_refine.ls_goodness_of_fit_obs                   ? 
_refine.ls_goodness_of_fit_obs_esd               ? 
_refine.ls_hydrogen_treatment                    ? 
_refine.ls_matrix_type                           ? 
_refine.ls_number_constraints                    ? 
_refine.ls_number_parameters                     ? 
_refine.ls_number_reflns_all                     ? 
_refine.ls_number_reflns_obs                     12728 
_refine.ls_number_reflns_R_free                  627 
_refine.ls_number_reflns_R_work                  12101 
_refine.ls_number_restraints                     ? 
_refine.ls_percent_reflns_obs                    99.91 
_refine.ls_percent_reflns_R_free                 4.93 
_refine.ls_R_factor_all                          ? 
_refine.ls_R_factor_obs                          0.2038 
_refine.ls_R_factor_R_free                       0.2368 
_refine.ls_R_factor_R_free_error                 ? 
_refine.ls_R_factor_R_free_error_details         ? 
_refine.ls_R_factor_R_work                       0.2022 
_refine.ls_R_Fsqd_factor_obs                     ? 
_refine.ls_R_I_factor_obs                        ? 
_refine.ls_redundancy_reflns_all                 ? 
_refine.ls_redundancy_reflns_obs                 ? 
_refine.ls_restrained_S_all                      ? 
_refine.ls_restrained_S_obs                      ? 
_refine.ls_shift_over_esd_max                    ? 
_refine.ls_shift_over_esd_mean                   ? 
_refine.ls_structure_factor_coef                 ? 
_refine.ls_weighting_details                     ? 
_refine.ls_weighting_scheme                      ? 
_refine.ls_wR_factor_all                         ? 
_refine.ls_wR_factor_obs                         ? 
_refine.ls_wR_factor_R_free                      ? 
_refine.ls_wR_factor_R_work                      ? 
_refine.occupancy_max                            ? 
_refine.occupancy_min                            ? 
_refine.solvent_model_details                    'FLAT BULK SOLVENT MODEL' 
_refine.solvent_model_param_bsol                 ? 
_refine.solvent_model_param_ksol                 ? 
_refine.pdbx_R_complete                          ? 
_refine.ls_R_factor_gt                           ? 
_refine.ls_goodness_of_fit_gt                    ? 
_refine.ls_goodness_of_fit_ref                   ? 
_refine.ls_shift_over_su_max                     ? 
_refine.ls_shift_over_su_max_lt                  ? 
_refine.ls_shift_over_su_mean                    ? 
_refine.ls_shift_over_su_mean_lt                 ? 
_refine.pdbx_ls_sigma_I                          ? 
_refine.pdbx_ls_sigma_F                          1.36 
_refine.pdbx_ls_sigma_Fsqd                       ? 
_refine.pdbx_data_cutoff_high_absF               ? 
_refine.pdbx_data_cutoff_high_rms_absF           ? 
_refine.pdbx_data_cutoff_low_absF                ? 
_refine.pdbx_isotropic_thermal_model             ? 
_refine.pdbx_ls_cross_valid_method               'FREE R-VALUE' 
_refine.pdbx_method_to_determine_struct          'MOLECULAR REPLACEMENT' 
_refine.pdbx_starting_model                      ? 
_refine.pdbx_stereochemistry_target_values       'GeoStd + Monomer Library + CDL v1.2' 
_refine.pdbx_R_Free_selection_details            ? 
_refine.pdbx_stereochem_target_val_spec_case     ? 
_refine.pdbx_overall_ESU_R                       ? 
_refine.pdbx_overall_ESU_R_Free                  ? 
_refine.pdbx_solvent_vdw_probe_radii             1.1100 
_refine.pdbx_solvent_ion_probe_radii             ? 
_refine.pdbx_solvent_shrinkage_radii             0.9000 
_refine.pdbx_real_space_R                        ? 
_refine.pdbx_density_correlation                 ? 
_refine.pdbx_pd_number_of_powder_patterns        ? 
_refine.pdbx_pd_number_of_points                 ? 
_refine.pdbx_pd_meas_number_of_points            ? 
_refine.pdbx_pd_proc_ls_prof_R_factor            ? 
_refine.pdbx_pd_proc_ls_prof_wR_factor           ? 
_refine.pdbx_pd_Marquardt_correlation_coeff      ? 
_refine.pdbx_pd_Fsqrd_R_factor                   ? 
_refine.pdbx_pd_ls_matrix_band_width             ? 
_refine.pdbx_overall_phase_error                 27.5876 
_refine.pdbx_overall_SU_R_free_Cruickshank_DPI   ? 
_refine.pdbx_overall_SU_R_free_Blow_DPI          ? 
_refine.pdbx_overall_SU_R_Blow_DPI               ? 
_refine.pdbx_TLS_residual_ADP_flag               ? 
_refine.pdbx_diffrn_id                           1 
_refine.overall_SU_B                             ? 
_refine.overall_SU_ML                            0.3412 
_refine.overall_SU_R_Cruickshank_DPI             ? 
_refine.overall_SU_R_free                        ? 
_refine.overall_FOM_free_R_set                   ? 
_refine.overall_FOM_work_R_set                   ? 
_refine.pdbx_average_fsc_overall                 ? 
_refine.pdbx_average_fsc_work                    ? 
_refine.pdbx_average_fsc_free                    ? 
# 
_refine_hist.pdbx_refine_id                   'X-RAY DIFFRACTION' 
_refine_hist.cycle_id                         LAST 
_refine_hist.details                          ? 
_refine_hist.d_res_high                       1.90 
_refine_hist.d_res_low                        46.66 
_refine_hist.number_atoms_solvent             72 
_refine_hist.number_atoms_total               807 
_refine_hist.number_reflns_all                ? 
_refine_hist.number_reflns_obs                ? 
_refine_hist.number_reflns_R_free             ? 
_refine_hist.number_reflns_R_work             ? 
_refine_hist.R_factor_all                     ? 
_refine_hist.R_factor_obs                     ? 
_refine_hist.R_factor_R_free                  ? 
_refine_hist.R_factor_R_work                  ? 
_refine_hist.pdbx_number_residues_total       ? 
_refine_hist.pdbx_B_iso_mean_ligand           ? 
_refine_hist.pdbx_B_iso_mean_solvent          ? 
_refine_hist.pdbx_number_atoms_protein        732 
_refine_hist.pdbx_number_atoms_nucleic_acid   0 
_refine_hist.pdbx_number_atoms_ligand         3 
_refine_hist.pdbx_number_atoms_lipid          ? 
_refine_hist.pdbx_number_atoms_carb           ? 
_refine_hist.pdbx_pseudo_atom_details         ? 
# 
loop_
_refine_ls_restr.pdbx_refine_id 
_refine_ls_restr.criterion 
_refine_ls_restr.dev_ideal 
_refine_ls_restr.dev_ideal_target 
_refine_ls_restr.number 
_refine_ls_restr.rejects 
_refine_ls_restr.type 
_refine_ls_restr.weight 
_refine_ls_restr.pdbx_restraint_function 
'X-RAY DIFFRACTION' ? 0.0075 ? 749  ? f_bond_d           ? ? 
'X-RAY DIFFRACTION' ? 1.0413 ? 1020 ? f_angle_d          ? ? 
'X-RAY DIFFRACTION' ? 0.0602 ? 116  ? f_chiral_restr     ? ? 
'X-RAY DIFFRACTION' ? 0.0097 ? 136  ? f_plane_restr      ? ? 
'X-RAY DIFFRACTION' ? 6.2263 ? 103  ? f_dihedral_angle_d ? ? 
# 
loop_
_refine_ls_shell.pdbx_refine_id 
_refine_ls_shell.d_res_high 
_refine_ls_shell.d_res_low 
_refine_ls_shell.number_reflns_all 
_refine_ls_shell.number_reflns_obs 
_refine_ls_shell.number_reflns_R_free 
_refine_ls_shell.number_reflns_R_work 
_refine_ls_shell.percent_reflns_obs 
_refine_ls_shell.percent_reflns_R_free 
_refine_ls_shell.R_factor_all 
_refine_ls_shell.R_factor_obs 
_refine_ls_shell.R_factor_R_free_error 
_refine_ls_shell.R_factor_R_work 
_refine_ls_shell.redundancy_reflns_all 
_refine_ls_shell.redundancy_reflns_obs 
_refine_ls_shell.wR_factor_all 
_refine_ls_shell.wR_factor_obs 
_refine_ls_shell.wR_factor_R_free 
_refine_ls_shell.wR_factor_R_work 
_refine_ls_shell.pdbx_R_complete 
_refine_ls_shell.pdbx_total_number_of_bins_used 
_refine_ls_shell.pdbx_phase_error 
_refine_ls_shell.pdbx_fsc_work 
_refine_ls_shell.pdbx_fsc_free 
_refine_ls_shell.R_factor_R_free 
'X-RAY DIFFRACTION' 1.90 2.09  . . 167 2936 99.77  . . . . 0.3825 . . . . . . . . . . . 0.3722 
'X-RAY DIFFRACTION' 2.09 2.39  . . 132 2995 99.97  . . . . 0.2422 . . . . . . . . . . . 0.2737 
'X-RAY DIFFRACTION' 2.39 3.02  . . 177 2989 100.00 . . . . 0.2345 . . . . . . . . . . . 0.2771 
'X-RAY DIFFRACTION' 3.02 46.66 . . 151 3181 99.88  . . . . 0.1737 . . . . . . . . . . . 0.2015 
# 
_struct.entry_id                     9G0L 
_struct.title                        'Crystal structure of the RING-ZnF1 fragment of SIAH1' 
_struct.pdbx_model_details           ? 
_struct.pdbx_formula_weight          ? 
_struct.pdbx_formula_weight_method   ? 
_struct.pdbx_model_type_details      ? 
_struct.pdbx_CASP_flag               N 
# 
_struct_keywords.entry_id        9G0L 
_struct_keywords.text            'E3 ubiquitin-protein ligase, Apoptosis, Metal-binding, TRANSFERASE' 
_struct_keywords.pdbx_keywords   TRANSFERASE 
# 
loop_
_struct_asym.id 
_struct_asym.pdbx_blank_PDB_chainid_flag 
_struct_asym.pdbx_modified 
_struct_asym.entity_id 
_struct_asym.details 
A N N 1 ? 
B N N 2 ? 
C N N 2 ? 
D N N 2 ? 
E N N 3 ? 
# 
_struct_ref.id                         1 
_struct_ref.db_name                    UNP 
_struct_ref.db_code                    SIAH1_HUMAN 
_struct_ref.pdbx_db_accession          Q8IUQ4 
_struct_ref.pdbx_db_isoform            ? 
_struct_ref.entity_id                  1 
_struct_ref.pdbx_seq_one_letter_code   
;TTASNNDLASLFECPVCFDYVLPPILQCQSGHLVCSNCRPKLTCCPTCRGPLGSIRNLAMEKVANSVLFPCKYASSGCEI
TLPHTEKADHEELCEFRP
;
_struct_ref.pdbx_align_begin           28 
# 
_struct_ref_seq.align_id                      1 
_struct_ref_seq.ref_id                        1 
_struct_ref_seq.pdbx_PDB_id_code              9G0L 
_struct_ref_seq.pdbx_strand_id                A 
_struct_ref_seq.seq_align_beg                 2 
_struct_ref_seq.pdbx_seq_align_beg_ins_code   ? 
_struct_ref_seq.seq_align_end                 99 
_struct_ref_seq.pdbx_seq_align_end_ins_code   ? 
_struct_ref_seq.pdbx_db_accession             Q8IUQ4 
_struct_ref_seq.db_align_beg                  28 
_struct_ref_seq.pdbx_db_align_beg_ins_code    ? 
_struct_ref_seq.db_align_end                  125 
_struct_ref_seq.pdbx_db_align_end_ins_code    ? 
_struct_ref_seq.pdbx_auth_seq_align_beg       28 
_struct_ref_seq.pdbx_auth_seq_align_end       125 
# 
loop_
_struct_ref_seq_dif.align_id 
_struct_ref_seq_dif.pdbx_pdb_id_code 
_struct_ref_seq_dif.mon_id 
_struct_ref_seq_dif.pdbx_pdb_strand_id 
_struct_ref_seq_dif.seq_num 
_struct_ref_seq_dif.pdbx_pdb_ins_code 
_struct_ref_seq_dif.pdbx_seq_db_name 
_struct_ref_seq_dif.pdbx_seq_db_accession_code 
_struct_ref_seq_dif.db_mon_id 
_struct_ref_seq_dif.pdbx_seq_db_seq_num 
_struct_ref_seq_dif.details 
_struct_ref_seq_dif.pdbx_auth_seq_num 
_struct_ref_seq_dif.pdbx_ordinal 
1 9G0L MET A 1   ? UNP Q8IUQ4 ? ? 'initiating methionine' 27  1 
1 9G0L LEU A 100 ? UNP Q8IUQ4 ? ? 'expression tag'        126 2 
1 9G0L GLU A 101 ? UNP Q8IUQ4 ? ? 'expression tag'        127 3 
1 9G0L HIS A 102 ? UNP Q8IUQ4 ? ? 'expression tag'        128 4 
1 9G0L HIS A 103 ? UNP Q8IUQ4 ? ? 'expression tag'        129 5 
1 9G0L HIS A 104 ? UNP Q8IUQ4 ? ? 'expression tag'        130 6 
1 9G0L HIS A 105 ? UNP Q8IUQ4 ? ? 'expression tag'        131 7 
1 9G0L HIS A 106 ? UNP Q8IUQ4 ? ? 'expression tag'        132 8 
1 9G0L HIS A 107 ? UNP Q8IUQ4 ? ? 'expression tag'        133 9 
# 
_pdbx_struct_assembly.id                   1 
_pdbx_struct_assembly.details              author_defined_assembly 
_pdbx_struct_assembly.method_details       ? 
_pdbx_struct_assembly.oligomeric_details   dimeric 
_pdbx_struct_assembly.oligomeric_count     2 
# 
loop_
_pdbx_struct_assembly_prop.biol_id 
_pdbx_struct_assembly_prop.type 
_pdbx_struct_assembly_prop.value 
_pdbx_struct_assembly_prop.details 
1 'ABSA (A^2)' 1600  ? 
1 MORE         -16   ? 
1 'SSA (A^2)'  11040 ? 
# 
_pdbx_struct_assembly_gen.assembly_id       1 
_pdbx_struct_assembly_gen.oper_expression   1,2 
_pdbx_struct_assembly_gen.asym_id_list      A,B,C,D,E 
# 
_pdbx_struct_assembly_auth_evidence.id                     1 
_pdbx_struct_assembly_auth_evidence.assembly_id            1 
_pdbx_struct_assembly_auth_evidence.experimental_support   'gel filtration' 
_pdbx_struct_assembly_auth_evidence.details                ? 
# 
loop_
_pdbx_struct_oper_list.id 
_pdbx_struct_oper_list.type 
_pdbx_struct_oper_list.name 
_pdbx_struct_oper_list.symmetry_operation 
_pdbx_struct_oper_list.matrix[1][1] 
_pdbx_struct_oper_list.matrix[1][2] 
_pdbx_struct_oper_list.matrix[1][3] 
_pdbx_struct_oper_list.vector[1] 
_pdbx_struct_oper_list.matrix[2][1] 
_pdbx_struct_oper_list.matrix[2][2] 
_pdbx_struct_oper_list.matrix[2][3] 
_pdbx_struct_oper_list.vector[2] 
_pdbx_struct_oper_list.matrix[3][1] 
_pdbx_struct_oper_list.matrix[3][2] 
_pdbx_struct_oper_list.matrix[3][3] 
_pdbx_struct_oper_list.vector[3] 
1 'identity operation'         1_555 x,y,z  1.0000000000 0.0000000000  0.0000000000  0.0000000000  0.0000000000  1.0000000000  0.0000000000 0.0000000000   0.0000000000  0.0000000000 1.0000000000  0.0000000000  
2 'crystal symmetry operation' 7_555 y,x,-z 0.7863084670 -0.5168296291 -0.3385352703 -0.2423264783 -0.5168296291 -0.8504665513 0.0979478413 -13.8795352578 -0.3385352703 0.0979478413 -0.9358419157 19.9107325316 
# 
loop_
_struct_conf.conf_type_id 
_struct_conf.id 
_struct_conf.pdbx_PDB_helix_id 
_struct_conf.beg_label_comp_id 
_struct_conf.beg_label_asym_id 
_struct_conf.beg_label_seq_id 
_struct_conf.pdbx_beg_PDB_ins_code 
_struct_conf.end_label_comp_id 
_struct_conf.end_label_asym_id 
_struct_conf.end_label_seq_id 
_struct_conf.pdbx_end_PDB_ins_code 
_struct_conf.beg_auth_comp_id 
_struct_conf.beg_auth_asym_id 
_struct_conf.beg_auth_seq_id 
_struct_conf.end_auth_comp_id 
_struct_conf.end_auth_asym_id 
_struct_conf.end_auth_seq_id 
_struct_conf.pdbx_PDB_helix_class 
_struct_conf.details 
_struct_conf.pdbx_PDB_helix_length 
HELX_P HELX_P1 AA1 SER A 5  ? LEU A 12 ? SER A 31  LEU A 38  1 ? 8  
HELX_P HELX_P2 AA2 CYS A 39 ? LEU A 43 ? CYS A 65  LEU A 69  5 ? 5  
HELX_P HELX_P3 AA3 ASN A 58 ? ASN A 66 ? ASN A 84  ASN A 92  1 ? 9  
HELX_P HELX_P4 AA4 TYR A 74 ? GLY A 78 ? TYR A 100 GLY A 104 5 ? 5  
HELX_P HELX_P5 AA5 PRO A 84 ? CYS A 95 ? PRO A 110 CYS A 121 1 ? 12 
# 
_struct_conf_type.id          HELX_P 
_struct_conf_type.criteria    ? 
_struct_conf_type.reference   ? 
# 
loop_
_struct_conn.id 
_struct_conn.conn_type_id 
_struct_conn.pdbx_leaving_atom_flag 
_struct_conn.pdbx_PDB_id 
_struct_conn.ptnr1_label_asym_id 
_struct_conn.ptnr1_label_comp_id 
_struct_conn.ptnr1_label_seq_id 
_struct_conn.ptnr1_label_atom_id 
_struct_conn.pdbx_ptnr1_label_alt_id 
_struct_conn.pdbx_ptnr1_PDB_ins_code 
_struct_conn.pdbx_ptnr1_standard_comp_id 
_struct_conn.ptnr1_symmetry 
_struct_conn.ptnr2_label_asym_id 
_struct_conn.ptnr2_label_comp_id 
_struct_conn.ptnr2_label_seq_id 
_struct_conn.ptnr2_label_atom_id 
_struct_conn.pdbx_ptnr2_label_alt_id 
_struct_conn.pdbx_ptnr2_PDB_ins_code 
_struct_conn.ptnr1_auth_asym_id 
_struct_conn.ptnr1_auth_comp_id 
_struct_conn.ptnr1_auth_seq_id 
_struct_conn.ptnr2_auth_asym_id 
_struct_conn.ptnr2_auth_comp_id 
_struct_conn.ptnr2_auth_seq_id 
_struct_conn.ptnr2_symmetry 
_struct_conn.pdbx_ptnr3_label_atom_id 
_struct_conn.pdbx_ptnr3_label_seq_id 
_struct_conn.pdbx_ptnr3_label_comp_id 
_struct_conn.pdbx_ptnr3_label_asym_id 
_struct_conn.pdbx_ptnr3_label_alt_id 
_struct_conn.pdbx_ptnr3_PDB_ins_code 
_struct_conn.details 
_struct_conn.pdbx_dist_value 
_struct_conn.pdbx_value_order 
_struct_conn.pdbx_role 
metalc1  metalc ? ? A CYS 15 SG  ? ? ? 1_555 D ZN . ZN ? ? A CYS 41  A ZN 203 1_555 ? ? ? ? ? ? ? 2.348 ? ? 
metalc2  metalc ? ? A CYS 18 SG  ? ? ? 1_555 D ZN . ZN ? ? A CYS 44  A ZN 203 1_555 ? ? ? ? ? ? ? 2.320 ? ? 
metalc3  metalc ? ? A CYS 29 SG  ? ? ? 1_555 B ZN . ZN ? ? A CYS 55  A ZN 201 1_555 ? ? ? ? ? ? ? 2.338 ? ? 
metalc4  metalc ? ? A HIS 33 ND1 ? ? ? 1_555 B ZN . ZN ? ? A HIS 59  A ZN 201 1_555 ? ? ? ? ? ? ? 2.071 ? ? 
metalc5  metalc ? ? A CYS 36 SG  ? ? ? 1_555 D ZN . ZN ? ? A CYS 62  A ZN 203 1_555 ? ? ? ? ? ? ? 2.289 ? ? 
metalc6  metalc ? ? A CYS 39 SG  ? ? ? 1_555 D ZN . ZN ? ? A CYS 65  A ZN 203 1_555 ? ? ? ? ? ? ? 2.328 ? ? 
metalc7  metalc ? ? A CYS 46 SG  ? ? ? 1_555 B ZN . ZN ? ? A CYS 72  A ZN 201 1_555 ? ? ? ? ? ? ? 2.295 ? ? 
metalc8  metalc ? ? A CYS 49 SG  ? ? ? 1_555 B ZN . ZN ? ? A CYS 75  A ZN 201 1_555 ? ? ? ? ? ? ? 2.341 ? ? 
metalc9  metalc ? ? A CYS 72 SG  ? ? ? 1_555 C ZN . ZN ? ? A CYS 98  A ZN 202 1_555 ? ? ? ? ? ? ? 2.327 ? ? 
metalc10 metalc ? ? A CYS 79 SG  ? ? ? 1_555 C ZN . ZN ? ? A CYS 105 A ZN 202 1_555 ? ? ? ? ? ? ? 2.287 ? ? 
metalc11 metalc ? ? A HIS 91 NE2 ? ? ? 1_555 C ZN . ZN ? ? A HIS 117 A ZN 202 1_555 ? ? ? ? ? ? ? 2.077 ? ? 
metalc12 metalc ? ? A CYS 95 SG  ? ? ? 1_555 C ZN . ZN ? ? A CYS 121 A ZN 202 1_555 ? ? ? ? ? ? ? 2.280 ? ? 
# 
_struct_conn_type.id          metalc 
_struct_conn_type.criteria    ? 
_struct_conn_type.reference   ? 
# 
loop_
_pdbx_struct_conn_angle.id 
_pdbx_struct_conn_angle.ptnr1_label_atom_id 
_pdbx_struct_conn_angle.ptnr1_label_alt_id 
_pdbx_struct_conn_angle.ptnr1_label_asym_id 
_pdbx_struct_conn_angle.ptnr1_label_comp_id 
_pdbx_struct_conn_angle.ptnr1_label_seq_id 
_pdbx_struct_conn_angle.ptnr1_auth_atom_id 
_pdbx_struct_conn_angle.ptnr1_auth_asym_id 
_pdbx_struct_conn_angle.ptnr1_auth_comp_id 
_pdbx_struct_conn_angle.ptnr1_auth_seq_id 
_pdbx_struct_conn_angle.ptnr1_PDB_ins_code 
_pdbx_struct_conn_angle.ptnr1_symmetry 
_pdbx_struct_conn_angle.ptnr2_label_atom_id 
_pdbx_struct_conn_angle.ptnr2_label_alt_id 
_pdbx_struct_conn_angle.ptnr2_label_asym_id 
_pdbx_struct_conn_angle.ptnr2_label_comp_id 
_pdbx_struct_conn_angle.ptnr2_label_seq_id 
_pdbx_struct_conn_angle.ptnr2_auth_atom_id 
_pdbx_struct_conn_angle.ptnr2_auth_asym_id 
_pdbx_struct_conn_angle.ptnr2_auth_comp_id 
_pdbx_struct_conn_angle.ptnr2_auth_seq_id 
_pdbx_struct_conn_angle.ptnr2_PDB_ins_code 
_pdbx_struct_conn_angle.ptnr2_symmetry 
_pdbx_struct_conn_angle.ptnr3_label_atom_id 
_pdbx_struct_conn_angle.ptnr3_label_alt_id 
_pdbx_struct_conn_angle.ptnr3_label_asym_id 
_pdbx_struct_conn_angle.ptnr3_label_comp_id 
_pdbx_struct_conn_angle.ptnr3_label_seq_id 
_pdbx_struct_conn_angle.ptnr3_auth_atom_id 
_pdbx_struct_conn_angle.ptnr3_auth_asym_id 
_pdbx_struct_conn_angle.ptnr3_auth_comp_id 
_pdbx_struct_conn_angle.ptnr3_auth_seq_id 
_pdbx_struct_conn_angle.ptnr3_PDB_ins_code 
_pdbx_struct_conn_angle.ptnr3_symmetry 
_pdbx_struct_conn_angle.value 
_pdbx_struct_conn_angle.value_esd 
1  SG  ? A CYS 15 ? A CYS 41  ? 1_555 ZN ? D ZN . ? A ZN 203 ? 1_555 SG  ? A CYS 18 ? A CYS 44  ? 1_555 111.7 ? 
2  SG  ? A CYS 15 ? A CYS 41  ? 1_555 ZN ? D ZN . ? A ZN 203 ? 1_555 SG  ? A CYS 36 ? A CYS 62  ? 1_555 110.2 ? 
3  SG  ? A CYS 18 ? A CYS 44  ? 1_555 ZN ? D ZN . ? A ZN 203 ? 1_555 SG  ? A CYS 36 ? A CYS 62  ? 1_555 108.0 ? 
4  SG  ? A CYS 15 ? A CYS 41  ? 1_555 ZN ? D ZN . ? A ZN 203 ? 1_555 SG  ? A CYS 39 ? A CYS 65  ? 1_555 111.6 ? 
5  SG  ? A CYS 18 ? A CYS 44  ? 1_555 ZN ? D ZN . ? A ZN 203 ? 1_555 SG  ? A CYS 39 ? A CYS 65  ? 1_555 110.8 ? 
6  SG  ? A CYS 36 ? A CYS 62  ? 1_555 ZN ? D ZN . ? A ZN 203 ? 1_555 SG  ? A CYS 39 ? A CYS 65  ? 1_555 104.2 ? 
7  SG  ? A CYS 29 ? A CYS 55  ? 1_555 ZN ? B ZN . ? A ZN 201 ? 1_555 ND1 ? A HIS 33 ? A HIS 59  ? 1_555 98.5  ? 
8  SG  ? A CYS 29 ? A CYS 55  ? 1_555 ZN ? B ZN . ? A ZN 201 ? 1_555 SG  ? A CYS 46 ? A CYS 72  ? 1_555 115.0 ? 
9  ND1 ? A HIS 33 ? A HIS 59  ? 1_555 ZN ? B ZN . ? A ZN 201 ? 1_555 SG  ? A CYS 46 ? A CYS 72  ? 1_555 110.9 ? 
10 SG  ? A CYS 29 ? A CYS 55  ? 1_555 ZN ? B ZN . ? A ZN 201 ? 1_555 SG  ? A CYS 49 ? A CYS 75  ? 1_555 115.6 ? 
11 ND1 ? A HIS 33 ? A HIS 59  ? 1_555 ZN ? B ZN . ? A ZN 201 ? 1_555 SG  ? A CYS 49 ? A CYS 75  ? 1_555 109.5 ? 
12 SG  ? A CYS 46 ? A CYS 72  ? 1_555 ZN ? B ZN . ? A ZN 201 ? 1_555 SG  ? A CYS 49 ? A CYS 75  ? 1_555 107.1 ? 
13 SG  ? A CYS 72 ? A CYS 98  ? 1_555 ZN ? C ZN . ? A ZN 202 ? 1_555 SG  ? A CYS 79 ? A CYS 105 ? 1_555 112.2 ? 
14 SG  ? A CYS 72 ? A CYS 98  ? 1_555 ZN ? C ZN . ? A ZN 202 ? 1_555 NE2 ? A HIS 91 ? A HIS 117 ? 1_555 103.5 ? 
15 SG  ? A CYS 79 ? A CYS 105 ? 1_555 ZN ? C ZN . ? A ZN 202 ? 1_555 NE2 ? A HIS 91 ? A HIS 117 ? 1_555 108.8 ? 
16 SG  ? A CYS 72 ? A CYS 98  ? 1_555 ZN ? C ZN . ? A ZN 202 ? 1_555 SG  ? A CYS 95 ? A CYS 121 ? 1_555 113.2 ? 
17 SG  ? A CYS 79 ? A CYS 105 ? 1_555 ZN ? C ZN . ? A ZN 202 ? 1_555 SG  ? A CYS 95 ? A CYS 121 ? 1_555 108.4 ? 
18 NE2 ? A HIS 91 ? A HIS 117 ? 1_555 ZN ? C ZN . ? A ZN 202 ? 1_555 SG  ? A CYS 95 ? A CYS 121 ? 1_555 110.6 ? 
# 
_struct_mon_prot_cis.pdbx_id                1 
_struct_mon_prot_cis.label_comp_id          PRO 
_struct_mon_prot_cis.label_seq_id           24 
_struct_mon_prot_cis.label_asym_id          A 
_struct_mon_prot_cis.label_alt_id           . 
_struct_mon_prot_cis.pdbx_PDB_ins_code      ? 
_struct_mon_prot_cis.auth_comp_id           PRO 
_struct_mon_prot_cis.auth_seq_id            50 
_struct_mon_prot_cis.auth_asym_id           A 
_struct_mon_prot_cis.pdbx_label_comp_id_2   PRO 
_struct_mon_prot_cis.pdbx_label_seq_id_2    25 
_struct_mon_prot_cis.pdbx_label_asym_id_2   A 
_struct_mon_prot_cis.pdbx_PDB_ins_code_2    ? 
_struct_mon_prot_cis.pdbx_auth_comp_id_2    PRO 
_struct_mon_prot_cis.pdbx_auth_seq_id_2     51 
_struct_mon_prot_cis.pdbx_auth_asym_id_2    A 
_struct_mon_prot_cis.pdbx_PDB_model_num     1 
_struct_mon_prot_cis.pdbx_omega_angle       0.90 
# 
loop_
_struct_sheet.id 
_struct_sheet.type 
_struct_sheet.number_strands 
_struct_sheet.details 
AA1 ? 2 ? 
AA2 ? 2 ? 
# 
loop_
_struct_sheet_order.sheet_id 
_struct_sheet_order.range_id_1 
_struct_sheet_order.range_id_2 
_struct_sheet_order.offset 
_struct_sheet_order.sense 
AA1 1 2 ? anti-parallel 
AA2 1 2 ? anti-parallel 
# 
loop_
_struct_sheet_range.sheet_id 
_struct_sheet_range.id 
_struct_sheet_range.beg_label_comp_id 
_struct_sheet_range.beg_label_asym_id 
_struct_sheet_range.beg_label_seq_id 
_struct_sheet_range.pdbx_beg_PDB_ins_code 
_struct_sheet_range.end_label_comp_id 
_struct_sheet_range.end_label_asym_id 
_struct_sheet_range.end_label_seq_id 
_struct_sheet_range.pdbx_end_PDB_ins_code 
_struct_sheet_range.beg_auth_comp_id 
_struct_sheet_range.beg_auth_asym_id 
_struct_sheet_range.beg_auth_seq_id 
_struct_sheet_range.end_auth_comp_id 
_struct_sheet_range.end_auth_asym_id 
_struct_sheet_range.end_auth_seq_id 
AA1 1 LEU A 27 ? GLN A 28 ? LEU A 53  GLN A 54  
AA1 2 ILE A 56 ? ARG A 57 ? ILE A 82  ARG A 83  
AA2 1 PHE A 70 ? PRO A 71 ? PHE A 96  PRO A 97  
AA2 2 THR A 82 ? LEU A 83 ? THR A 108 LEU A 109 
# 
loop_
_pdbx_struct_sheet_hbond.sheet_id 
_pdbx_struct_sheet_hbond.range_id_1 
_pdbx_struct_sheet_hbond.range_id_2 
_pdbx_struct_sheet_hbond.range_1_label_atom_id 
_pdbx_struct_sheet_hbond.range_1_label_comp_id 
_pdbx_struct_sheet_hbond.range_1_label_asym_id 
_pdbx_struct_sheet_hbond.range_1_label_seq_id 
_pdbx_struct_sheet_hbond.range_1_PDB_ins_code 
_pdbx_struct_sheet_hbond.range_1_auth_atom_id 
_pdbx_struct_sheet_hbond.range_1_auth_comp_id 
_pdbx_struct_sheet_hbond.range_1_auth_asym_id 
_pdbx_struct_sheet_hbond.range_1_auth_seq_id 
_pdbx_struct_sheet_hbond.range_2_label_atom_id 
_pdbx_struct_sheet_hbond.range_2_label_comp_id 
_pdbx_struct_sheet_hbond.range_2_label_asym_id 
_pdbx_struct_sheet_hbond.range_2_label_seq_id 
_pdbx_struct_sheet_hbond.range_2_PDB_ins_code 
_pdbx_struct_sheet_hbond.range_2_auth_atom_id 
_pdbx_struct_sheet_hbond.range_2_auth_comp_id 
_pdbx_struct_sheet_hbond.range_2_auth_asym_id 
_pdbx_struct_sheet_hbond.range_2_auth_seq_id 
AA1 1 2 N GLN A 28 ? N GLN A 54 O ILE A 56 ? O ILE A 82  
AA2 1 2 N PHE A 70 ? N PHE A 96 O LEU A 83 ? O LEU A 109 
# 
_pdbx_entry_details.entry_id                   9G0L 
_pdbx_entry_details.has_ligand_of_interest     N 
_pdbx_entry_details.compound_details           ? 
_pdbx_entry_details.source_details             ? 
_pdbx_entry_details.nonpolymer_details         ? 
_pdbx_entry_details.sequence_details           ? 
_pdbx_entry_details.has_protein_modification   N 
# 
_pdbx_validate_torsion.id              1 
_pdbx_validate_torsion.PDB_model_num   1 
_pdbx_validate_torsion.auth_comp_id    SER 
_pdbx_validate_torsion.auth_asym_id    A 
_pdbx_validate_torsion.auth_seq_id     81 
_pdbx_validate_torsion.PDB_ins_code    ? 
_pdbx_validate_torsion.label_alt_id    ? 
_pdbx_validate_torsion.phi             -154.88 
_pdbx_validate_torsion.psi             34.38 
# 
loop_
_space_group_symop.id 
_space_group_symop.operation_xyz 
1 x,y,z               
2 -y+1/2,x+1/2,z+3/4  
3 y+1/2,-x+1/2,z+1/4  
4 x+1/2,-y+1/2,-z+1/4 
5 -x+1/2,y+1/2,-z+3/4 
6 -x,-y,z+1/2         
7 y,x,-z              
8 -y,-x,-z+1/2        
# 
loop_
_pdbx_refine_tls.id 
_pdbx_refine_tls.pdbx_refine_id 
_pdbx_refine_tls.details 
_pdbx_refine_tls.method 
_pdbx_refine_tls.origin_x 
_pdbx_refine_tls.origin_y 
_pdbx_refine_tls.origin_z 
_pdbx_refine_tls.T[1][1] 
_pdbx_refine_tls.T[1][1]_esd 
_pdbx_refine_tls.T[1][2] 
_pdbx_refine_tls.T[1][2]_esd 
_pdbx_refine_tls.T[1][3] 
_pdbx_refine_tls.T[1][3]_esd 
_pdbx_refine_tls.T[2][2] 
_pdbx_refine_tls.T[2][2]_esd 
_pdbx_refine_tls.T[2][3] 
_pdbx_refine_tls.T[2][3]_esd 
_pdbx_refine_tls.T[3][3] 
_pdbx_refine_tls.T[3][3]_esd 
_pdbx_refine_tls.L[1][1] 
_pdbx_refine_tls.L[1][1]_esd 
_pdbx_refine_tls.L[1][2] 
_pdbx_refine_tls.L[1][2]_esd 
_pdbx_refine_tls.L[1][3] 
_pdbx_refine_tls.L[1][3]_esd 
_pdbx_refine_tls.L[2][2] 
_pdbx_refine_tls.L[2][2]_esd 
_pdbx_refine_tls.L[2][3] 
_pdbx_refine_tls.L[2][3]_esd 
_pdbx_refine_tls.L[3][3] 
_pdbx_refine_tls.L[3][3]_esd 
_pdbx_refine_tls.S[1][1] 
_pdbx_refine_tls.S[1][1]_esd 
_pdbx_refine_tls.S[1][2] 
_pdbx_refine_tls.S[1][2]_esd 
_pdbx_refine_tls.S[1][3] 
_pdbx_refine_tls.S[1][3]_esd 
_pdbx_refine_tls.S[2][1] 
_pdbx_refine_tls.S[2][1]_esd 
_pdbx_refine_tls.S[2][2] 
_pdbx_refine_tls.S[2][2]_esd 
_pdbx_refine_tls.S[2][3] 
_pdbx_refine_tls.S[2][3]_esd 
_pdbx_refine_tls.S[3][1] 
_pdbx_refine_tls.S[3][1]_esd 
_pdbx_refine_tls.S[3][2] 
_pdbx_refine_tls.S[3][2]_esd 
_pdbx_refine_tls.S[3][3] 
_pdbx_refine_tls.S[3][3]_esd 
1 'X-RAY DIFFRACTION' ? refined 6.48115996794  -9.4161281975  1.95830319738  0.489118271887 ? -0.004907670194 ? 0.037839417627  ? 0.510287061856 ? -0.104458980304 ? 0.589224642193 ? 4.76679706329 ? -2.138443299226 ? 3.3709189074    ? 10.7700709580 ? -4.936566964776 ? 5.1295623628   ? 0.555035202986  ? 0.458420345589  ? -0.393995743033 ? -1.084310116929 ? -0.185157214525 ? -1.28429858187  ? 0.78652951959   ? 0.93187909194   ? -0.288524709735 ? 
2 'X-RAY DIFFRACTION' ? refined -2.0745403262  -1.6772300830  -3.8568286407  0.571781323094 ? -0.080644443727 ? -0.032447171270 ? 0.776687976537 ? 0.032084425243  ? 0.462386069462 ? 8.50874255753 ? 0.54189813542   ? -2.897604288692 ? 4.58642076021 ? -2.94282105141  ? 4.43727877944  ? -0.097884290780 ? 1.839605156552  ? -0.004421213525 ? -0.7980156312   ? 0.372453327660  ? -0.228917951416 ? -0.203322866753 ? -0.335065715534 ? -0.238109927224 ? 
3 'X-RAY DIFFRACTION' ? refined -8.4839968483  -1.8266521407  5.41904658203  0.425180793682 ? -0.024710353961 ? -0.022244945455 ? 0.41146735814  ? 0.049115612042  ? 0.470347108290 ? 6.83985135360 ? 1.118369552482  ? 0.15019488842   ? 3.51708822259 ? 1.167895680233  ? 4.7524459216   ? -0.055205235982 ? 0.515966431327  ? 0.338928034839  ? -0.389057177223 ? 0.052152249299  ? -0.242975624674 ? -0.089685285319 ? -0.152490054117 ? 0.000334340246  ? 
4 'X-RAY DIFFRACTION' ? refined -13.9475962229 0.5641023602   -1.5426555569  0.538523682201 ? 0.059275821228  ? -0.071972379453 ? 0.561869459669 ? 0.150099786911  ? 0.471136389523 ? 5.68792332251 ? -1.88734674915  ? -4.54174350657  ? 4.58698078826 ? -1.6159184425   ? 8.17501738639  ? 0.36978190246   ? 1.24058220192   ? 0.96479879577   ? -0.61957402020  ? -0.371514186380 ? 0.33094828876   ? -1.076962084843 ? -0.791209351811 ? -0.074050938163 ? 
5 'X-RAY DIFFRACTION' ? refined -2.3293014954  -0.5658443877  10.3445324101  0.448127732482 ? -0.043745305053 ? 0.001973037921  ? 0.33264274847  ? 0.018773203678  ? 0.38539812290  ? 7.23790536828 ? -0.69410980667  ? -0.47991091163  ? 3.42703991221 ? 1.451486637208  ? 5.75058966155  ? -0.266408294132 ? -0.050419450941 ? 0.594285333036  ? -0.150579750573 ? 0.39614379626   ? -0.104416886948 ? -0.231791443714 ? 0.352830527360  ? -0.110587730794 ? 
6 'X-RAY DIFFRACTION' ? refined 9.8207012658   4.26691193100  -4.0413621331  0.342164773994 ? -0.061081975485 ? -0.001979204411 ? 0.508706005866 ? -0.056815156985 ? 0.460304778710 ? 4.3324626572  ? 0.931058033412  ? -0.953202048247 ? 4.62877835893 ? -1.41291565457  ? 5.19503714442  ? -0.168906816332 ? 0.441759031134  ? 0.376686304130  ? -0.310774096502 ? 0.019700962310  ? 0.385041856749  ? -0.010594999107 ? -0.572498312700 ? 0.15651700251   ? 
7 'X-RAY DIFFRACTION' ? refined 11.5402301152  8.638712761775 -13.4762681803 0.582423105877 ? -0.124086974787 ? -0.089381612326 ? 0.811884537425 ? 0.083772631553  ? 0.604832611929 ? 6.72416745077 ? 3.80477162016   ? -2.33953807560  ? 6.47451251489 ? 1.42159732743   ? 10.85993966744 ? 0.130482568231  ? 1.34314815291   ? 0.746134084379  ? -1.17921747152  ? 0.250878721035  ? 0.621051320405  ? 0.139959034567  ? -0.449117219510 ? -0.4575792372   ? 
# 
loop_
_pdbx_refine_tls_group.id 
_pdbx_refine_tls_group.pdbx_refine_id 
_pdbx_refine_tls_group.refine_tls_id 
_pdbx_refine_tls_group.beg_label_asym_id 
_pdbx_refine_tls_group.beg_label_seq_id 
_pdbx_refine_tls_group.beg_auth_asym_id 
_pdbx_refine_tls_group.beg_auth_seq_id 
_pdbx_refine_tls_group.beg_PDB_ins_code 
_pdbx_refine_tls_group.end_label_asym_id 
_pdbx_refine_tls_group.end_label_seq_id 
_pdbx_refine_tls_group.end_auth_asym_id 
_pdbx_refine_tls_group.end_auth_seq_id 
_pdbx_refine_tls_group.end_PDB_ins_code 
_pdbx_refine_tls_group.selection 
_pdbx_refine_tls_group.selection_details 
1 'X-RAY DIFFRACTION' 1 A 1  A 29  ? A 11 A 39  ? ? 
;chain 'A' and (resid 29 through 39 )
;
2 'X-RAY DIFFRACTION' 2 A 12 A 40  ? A 21 A 49  ? ? 
;chain 'A' and (resid 40 through 49 )
;
3 'X-RAY DIFFRACTION' 3 A 22 A 50  ? A 34 A 62  ? ? 
;chain 'A' and (resid 50 through 62 )
;
4 'X-RAY DIFFRACTION' 4 A 35 A 63  ? A 50 A 78  ? ? 
;chain 'A' and (resid 63 through 78 )
;
5 'X-RAY DIFFRACTION' 5 A 51 A 79  ? A 65 A 93  ? ? 
;chain 'A' and (resid 79 through 93 )
;
6 'X-RAY DIFFRACTION' 6 A 66 A 94  ? A 92 A 120 ? ? 
;chain 'A' and (resid 94 through 120 )
;
7 'X-RAY DIFFRACTION' 7 A 93 A 121 ? A 97 A 125 ? ? 
;chain 'A' and (resid 121 through 125 )
;
# 
loop_
_pdbx_unobs_or_zero_occ_residues.id 
_pdbx_unobs_or_zero_occ_residues.PDB_model_num 
_pdbx_unobs_or_zero_occ_residues.polymer_flag 
_pdbx_unobs_or_zero_occ_residues.occupancy_flag 
_pdbx_unobs_or_zero_occ_residues.auth_asym_id 
_pdbx_unobs_or_zero_occ_residues.auth_comp_id 
_pdbx_unobs_or_zero_occ_residues.auth_seq_id 
_pdbx_unobs_or_zero_occ_residues.PDB_ins_code 
_pdbx_unobs_or_zero_occ_residues.label_asym_id 
_pdbx_unobs_or_zero_occ_residues.label_comp_id 
_pdbx_unobs_or_zero_occ_residues.label_seq_id 
1  1 Y 1 A MET 27  ? A MET 1   
2  1 Y 1 A THR 28  ? A THR 2   
3  1 Y 1 A LEU 126 ? A LEU 100 
4  1 Y 1 A GLU 127 ? A GLU 101 
5  1 Y 1 A HIS 128 ? A HIS 102 
6  1 Y 1 A HIS 129 ? A HIS 103 
7  1 Y 1 A HIS 130 ? A HIS 104 
8  1 Y 1 A HIS 131 ? A HIS 105 
9  1 Y 1 A HIS 132 ? A HIS 106 
10 1 Y 1 A HIS 133 ? A HIS 107 
# 
loop_
_chem_comp_atom.comp_id 
_chem_comp_atom.atom_id 
_chem_comp_atom.type_symbol 
_chem_comp_atom.pdbx_aromatic_flag 
_chem_comp_atom.pdbx_stereo_config 
_chem_comp_atom.pdbx_ordinal 
ALA N    N  N N 1   
ALA CA   C  N S 2   
ALA C    C  N N 3   
ALA O    O  N N 4   
ALA CB   C  N N 5   
ALA OXT  O  N N 6   
ALA H    H  N N 7   
ALA H2   H  N N 8   
ALA HA   H  N N 9   
ALA HB1  H  N N 10  
ALA HB2  H  N N 11  
ALA HB3  H  N N 12  
ALA HXT  H  N N 13  
ARG N    N  N N 14  
ARG CA   C  N S 15  
ARG C    C  N N 16  
ARG O    O  N N 17  
ARG CB   C  N N 18  
ARG CG   C  N N 19  
ARG CD   C  N N 20  
ARG NE   N  N N 21  
ARG CZ   C  N N 22  
ARG NH1  N  N N 23  
ARG NH2  N  N N 24  
ARG OXT  O  N N 25  
ARG H    H  N N 26  
ARG H2   H  N N 27  
ARG HA   H  N N 28  
ARG HB2  H  N N 29  
ARG HB3  H  N N 30  
ARG HG2  H  N N 31  
ARG HG3  H  N N 32  
ARG HD2  H  N N 33  
ARG HD3  H  N N 34  
ARG HE   H  N N 35  
ARG HH11 H  N N 36  
ARG HH12 H  N N 37  
ARG HH21 H  N N 38  
ARG HH22 H  N N 39  
ARG HXT  H  N N 40  
ASN N    N  N N 41  
ASN CA   C  N S 42  
ASN C    C  N N 43  
ASN O    O  N N 44  
ASN CB   C  N N 45  
ASN CG   C  N N 46  
ASN OD1  O  N N 47  
ASN ND2  N  N N 48  
ASN OXT  O  N N 49  
ASN H    H  N N 50  
ASN H2   H  N N 51  
ASN HA   H  N N 52  
ASN HB2  H  N N 53  
ASN HB3  H  N N 54  
ASN HD21 H  N N 55  
ASN HD22 H  N N 56  
ASN HXT  H  N N 57  
ASP N    N  N N 58  
ASP CA   C  N S 59  
ASP C    C  N N 60  
ASP O    O  N N 61  
ASP CB   C  N N 62  
ASP CG   C  N N 63  
ASP OD1  O  N N 64  
ASP OD2  O  N N 65  
ASP OXT  O  N N 66  
ASP H    H  N N 67  
ASP H2   H  N N 68  
ASP HA   H  N N 69  
ASP HB2  H  N N 70  
ASP HB3  H  N N 71  
ASP HD2  H  N N 72  
ASP HXT  H  N N 73  
CYS N    N  N N 74  
CYS CA   C  N R 75  
CYS C    C  N N 76  
CYS O    O  N N 77  
CYS CB   C  N N 78  
CYS SG   S  N N 79  
CYS OXT  O  N N 80  
CYS H    H  N N 81  
CYS H2   H  N N 82  
CYS HA   H  N N 83  
CYS HB2  H  N N 84  
CYS HB3  H  N N 85  
CYS HG   H  N N 86  
CYS HXT  H  N N 87  
GLN N    N  N N 88  
GLN CA   C  N S 89  
GLN C    C  N N 90  
GLN O    O  N N 91  
GLN CB   C  N N 92  
GLN CG   C  N N 93  
GLN CD   C  N N 94  
GLN OE1  O  N N 95  
GLN NE2  N  N N 96  
GLN OXT  O  N N 97  
GLN H    H  N N 98  
GLN H2   H  N N 99  
GLN HA   H  N N 100 
GLN HB2  H  N N 101 
GLN HB3  H  N N 102 
GLN HG2  H  N N 103 
GLN HG3  H  N N 104 
GLN HE21 H  N N 105 
GLN HE22 H  N N 106 
GLN HXT  H  N N 107 
GLU N    N  N N 108 
GLU CA   C  N S 109 
GLU C    C  N N 110 
GLU O    O  N N 111 
GLU CB   C  N N 112 
GLU CG   C  N N 113 
GLU CD   C  N N 114 
GLU OE1  O  N N 115 
GLU OE2  O  N N 116 
GLU OXT  O  N N 117 
GLU H    H  N N 118 
GLU H2   H  N N 119 
GLU HA   H  N N 120 
GLU HB2  H  N N 121 
GLU HB3  H  N N 122 
GLU HG2  H  N N 123 
GLU HG3  H  N N 124 
GLU HE2  H  N N 125 
GLU HXT  H  N N 126 
GLY N    N  N N 127 
GLY CA   C  N N 128 
GLY C    C  N N 129 
GLY O    O  N N 130 
GLY OXT  O  N N 131 
GLY H    H  N N 132 
GLY H2   H  N N 133 
GLY HA2  H  N N 134 
GLY HA3  H  N N 135 
GLY HXT  H  N N 136 
HIS N    N  N N 137 
HIS CA   C  N S 138 
HIS C    C  N N 139 
HIS O    O  N N 140 
HIS CB   C  N N 141 
HIS CG   C  Y N 142 
HIS ND1  N  Y N 143 
HIS CD2  C  Y N 144 
HIS CE1  C  Y N 145 
HIS NE2  N  Y N 146 
HIS OXT  O  N N 147 
HIS H    H  N N 148 
HIS H2   H  N N 149 
HIS HA   H  N N 150 
HIS HB2  H  N N 151 
HIS HB3  H  N N 152 
HIS HD1  H  N N 153 
HIS HD2  H  N N 154 
HIS HE1  H  N N 155 
HIS HE2  H  N N 156 
HIS HXT  H  N N 157 
HOH O    O  N N 158 
HOH H1   H  N N 159 
HOH H2   H  N N 160 
ILE N    N  N N 161 
ILE CA   C  N S 162 
ILE C    C  N N 163 
ILE O    O  N N 164 
ILE CB   C  N S 165 
ILE CG1  C  N N 166 
ILE CG2  C  N N 167 
ILE CD1  C  N N 168 
ILE OXT  O  N N 169 
ILE H    H  N N 170 
ILE H2   H  N N 171 
ILE HA   H  N N 172 
ILE HB   H  N N 173 
ILE HG12 H  N N 174 
ILE HG13 H  N N 175 
ILE HG21 H  N N 176 
ILE HG22 H  N N 177 
ILE HG23 H  N N 178 
ILE HD11 H  N N 179 
ILE HD12 H  N N 180 
ILE HD13 H  N N 181 
ILE HXT  H  N N 182 
LEU N    N  N N 183 
LEU CA   C  N S 184 
LEU C    C  N N 185 
LEU O    O  N N 186 
LEU CB   C  N N 187 
LEU CG   C  N N 188 
LEU CD1  C  N N 189 
LEU CD2  C  N N 190 
LEU OXT  O  N N 191 
LEU H    H  N N 192 
LEU H2   H  N N 193 
LEU HA   H  N N 194 
LEU HB2  H  N N 195 
LEU HB3  H  N N 196 
LEU HG   H  N N 197 
LEU HD11 H  N N 198 
LEU HD12 H  N N 199 
LEU HD13 H  N N 200 
LEU HD21 H  N N 201 
LEU HD22 H  N N 202 
LEU HD23 H  N N 203 
LEU HXT  H  N N 204 
LYS N    N  N N 205 
LYS CA   C  N S 206 
LYS C    C  N N 207 
LYS O    O  N N 208 
LYS CB   C  N N 209 
LYS CG   C  N N 210 
LYS CD   C  N N 211 
LYS CE   C  N N 212 
LYS NZ   N  N N 213 
LYS OXT  O  N N 214 
LYS H    H  N N 215 
LYS H2   H  N N 216 
LYS HA   H  N N 217 
LYS HB2  H  N N 218 
LYS HB3  H  N N 219 
LYS HG2  H  N N 220 
LYS HG3  H  N N 221 
LYS HD2  H  N N 222 
LYS HD3  H  N N 223 
LYS HE2  H  N N 224 
LYS HE3  H  N N 225 
LYS HZ1  H  N N 226 
LYS HZ2  H  N N 227 
LYS HZ3  H  N N 228 
LYS HXT  H  N N 229 
MET N    N  N N 230 
MET CA   C  N S 231 
MET C    C  N N 232 
MET O    O  N N 233 
MET CB   C  N N 234 
MET CG   C  N N 235 
MET SD   S  N N 236 
MET CE   C  N N 237 
MET OXT  O  N N 238 
MET H    H  N N 239 
MET H2   H  N N 240 
MET HA   H  N N 241 
MET HB2  H  N N 242 
MET HB3  H  N N 243 
MET HG2  H  N N 244 
MET HG3  H  N N 245 
MET HE1  H  N N 246 
MET HE2  H  N N 247 
MET HE3  H  N N 248 
MET HXT  H  N N 249 
PHE N    N  N N 250 
PHE CA   C  N S 251 
PHE C    C  N N 252 
PHE O    O  N N 253 
PHE CB   C  N N 254 
PHE CG   C  Y N 255 
PHE CD1  C  Y N 256 
PHE CD2  C  Y N 257 
PHE CE1  C  Y N 258 
PHE CE2  C  Y N 259 
PHE CZ   C  Y N 260 
PHE OXT  O  N N 261 
PHE H    H  N N 262 
PHE H2   H  N N 263 
PHE HA   H  N N 264 
PHE HB2  H  N N 265 
PHE HB3  H  N N 266 
PHE HD1  H  N N 267 
PHE HD2  H  N N 268 
PHE HE1  H  N N 269 
PHE HE2  H  N N 270 
PHE HZ   H  N N 271 
PHE HXT  H  N N 272 
PRO N    N  N N 273 
PRO CA   C  N S 274 
PRO C    C  N N 275 
PRO O    O  N N 276 
PRO CB   C  N N 277 
PRO CG   C  N N 278 
PRO CD   C  N N 279 
PRO OXT  O  N N 280 
PRO H    H  N N 281 
PRO HA   H  N N 282 
PRO HB2  H  N N 283 
PRO HB3  H  N N 284 
PRO HG2  H  N N 285 
PRO HG3  H  N N 286 
PRO HD2  H  N N 287 
PRO HD3  H  N N 288 
PRO HXT  H  N N 289 
SER N    N  N N 290 
SER CA   C  N S 291 
SER C    C  N N 292 
SER O    O  N N 293 
SER CB   C  N N 294 
SER OG   O  N N 295 
SER OXT  O  N N 296 
SER H    H  N N 297 
SER H2   H  N N 298 
SER HA   H  N N 299 
SER HB2  H  N N 300 
SER HB3  H  N N 301 
SER HG   H  N N 302 
SER HXT  H  N N 303 
THR N    N  N N 304 
THR CA   C  N S 305 
THR C    C  N N 306 
THR O    O  N N 307 
THR CB   C  N R 308 
THR OG1  O  N N 309 
THR CG2  C  N N 310 
THR OXT  O  N N 311 
THR H    H  N N 312 
THR H2   H  N N 313 
THR HA   H  N N 314 
THR HB   H  N N 315 
THR HG1  H  N N 316 
THR HG21 H  N N 317 
THR HG22 H  N N 318 
THR HG23 H  N N 319 
THR HXT  H  N N 320 
TYR N    N  N N 321 
TYR CA   C  N S 322 
TYR C    C  N N 323 
TYR O    O  N N 324 
TYR CB   C  N N 325 
TYR CG   C  Y N 326 
TYR CD1  C  Y N 327 
TYR CD2  C  Y N 328 
TYR CE1  C  Y N 329 
TYR CE2  C  Y N 330 
TYR CZ   C  Y N 331 
TYR OH   O  N N 332 
TYR OXT  O  N N 333 
TYR H    H  N N 334 
TYR H2   H  N N 335 
TYR HA   H  N N 336 
TYR HB2  H  N N 337 
TYR HB3  H  N N 338 
TYR HD1  H  N N 339 
TYR HD2  H  N N 340 
TYR HE1  H  N N 341 
TYR HE2  H  N N 342 
TYR HH   H  N N 343 
TYR HXT  H  N N 344 
VAL N    N  N N 345 
VAL CA   C  N S 346 
VAL C    C  N N 347 
VAL O    O  N N 348 
VAL CB   C  N N 349 
VAL CG1  C  N N 350 
VAL CG2  C  N N 351 
VAL OXT  O  N N 352 
VAL H    H  N N 353 
VAL H2   H  N N 354 
VAL HA   H  N N 355 
VAL HB   H  N N 356 
VAL HG11 H  N N 357 
VAL HG12 H  N N 358 
VAL HG13 H  N N 359 
VAL HG21 H  N N 360 
VAL HG22 H  N N 361 
VAL HG23 H  N N 362 
VAL HXT  H  N N 363 
ZN  ZN   ZN N N 364 
# 
loop_
_chem_comp_bond.comp_id 
_chem_comp_bond.atom_id_1 
_chem_comp_bond.atom_id_2 
_chem_comp_bond.value_order 
_chem_comp_bond.pdbx_aromatic_flag 
_chem_comp_bond.pdbx_stereo_config 
_chem_comp_bond.pdbx_ordinal 
ALA N   CA   sing N N 1   
ALA N   H    sing N N 2   
ALA N   H2   sing N N 3   
ALA CA  C    sing N N 4   
ALA CA  CB   sing N N 5   
ALA CA  HA   sing N N 6   
ALA C   O    doub N N 7   
ALA C   OXT  sing N N 8   
ALA CB  HB1  sing N N 9   
ALA CB  HB2  sing N N 10  
ALA CB  HB3  sing N N 11  
ALA OXT HXT  sing N N 12  
ARG N   CA   sing N N 13  
ARG N   H    sing N N 14  
ARG N   H2   sing N N 15  
ARG CA  C    sing N N 16  
ARG CA  CB   sing N N 17  
ARG CA  HA   sing N N 18  
ARG C   O    doub N N 19  
ARG C   OXT  sing N N 20  
ARG CB  CG   sing N N 21  
ARG CB  HB2  sing N N 22  
ARG CB  HB3  sing N N 23  
ARG CG  CD   sing N N 24  
ARG CG  HG2  sing N N 25  
ARG CG  HG3  sing N N 26  
ARG CD  NE   sing N N 27  
ARG CD  HD2  sing N N 28  
ARG CD  HD3  sing N N 29  
ARG NE  CZ   sing N N 30  
ARG NE  HE   sing N N 31  
ARG CZ  NH1  sing N N 32  
ARG CZ  NH2  doub N N 33  
ARG NH1 HH11 sing N N 34  
ARG NH1 HH12 sing N N 35  
ARG NH2 HH21 sing N N 36  
ARG NH2 HH22 sing N N 37  
ARG OXT HXT  sing N N 38  
ASN N   CA   sing N N 39  
ASN N   H    sing N N 40  
ASN N   H2   sing N N 41  
ASN CA  C    sing N N 42  
ASN CA  CB   sing N N 43  
ASN CA  HA   sing N N 44  
ASN C   O    doub N N 45  
ASN C   OXT  sing N N 46  
ASN CB  CG   sing N N 47  
ASN CB  HB2  sing N N 48  
ASN CB  HB3  sing N N 49  
ASN CG  OD1  doub N N 50  
ASN CG  ND2  sing N N 51  
ASN ND2 HD21 sing N N 52  
ASN ND2 HD22 sing N N 53  
ASN OXT HXT  sing N N 54  
ASP N   CA   sing N N 55  
ASP N   H    sing N N 56  
ASP N   H2   sing N N 57  
ASP CA  C    sing N N 58  
ASP CA  CB   sing N N 59  
ASP CA  HA   sing N N 60  
ASP C   O    doub N N 61  
ASP C   OXT  sing N N 62  
ASP CB  CG   sing N N 63  
ASP CB  HB2  sing N N 64  
ASP CB  HB3  sing N N 65  
ASP CG  OD1  doub N N 66  
ASP CG  OD2  sing N N 67  
ASP OD2 HD2  sing N N 68  
ASP OXT HXT  sing N N 69  
CYS N   CA   sing N N 70  
CYS N   H    sing N N 71  
CYS N   H2   sing N N 72  
CYS CA  C    sing N N 73  
CYS CA  CB   sing N N 74  
CYS CA  HA   sing N N 75  
CYS C   O    doub N N 76  
CYS C   OXT  sing N N 77  
CYS CB  SG   sing N N 78  
CYS CB  HB2  sing N N 79  
CYS CB  HB3  sing N N 80  
CYS SG  HG   sing N N 81  
CYS OXT HXT  sing N N 82  
GLN N   CA   sing N N 83  
GLN N   H    sing N N 84  
GLN N   H2   sing N N 85  
GLN CA  C    sing N N 86  
GLN CA  CB   sing N N 87  
GLN CA  HA   sing N N 88  
GLN C   O    doub N N 89  
GLN C   OXT  sing N N 90  
GLN CB  CG   sing N N 91  
GLN CB  HB2  sing N N 92  
GLN CB  HB3  sing N N 93  
GLN CG  CD   sing N N 94  
GLN CG  HG2  sing N N 95  
GLN CG  HG3  sing N N 96  
GLN CD  OE1  doub N N 97  
GLN CD  NE2  sing N N 98  
GLN NE2 HE21 sing N N 99  
GLN NE2 HE22 sing N N 100 
GLN OXT HXT  sing N N 101 
GLU N   CA   sing N N 102 
GLU N   H    sing N N 103 
GLU N   H2   sing N N 104 
GLU CA  C    sing N N 105 
GLU CA  CB   sing N N 106 
GLU CA  HA   sing N N 107 
GLU C   O    doub N N 108 
GLU C   OXT  sing N N 109 
GLU CB  CG   sing N N 110 
GLU CB  HB2  sing N N 111 
GLU CB  HB3  sing N N 112 
GLU CG  CD   sing N N 113 
GLU CG  HG2  sing N N 114 
GLU CG  HG3  sing N N 115 
GLU CD  OE1  doub N N 116 
GLU CD  OE2  sing N N 117 
GLU OE2 HE2  sing N N 118 
GLU OXT HXT  sing N N 119 
GLY N   CA   sing N N 120 
GLY N   H    sing N N 121 
GLY N   H2   sing N N 122 
GLY CA  C    sing N N 123 
GLY CA  HA2  sing N N 124 
GLY CA  HA3  sing N N 125 
GLY C   O    doub N N 126 
GLY C   OXT  sing N N 127 
GLY OXT HXT  sing N N 128 
HIS N   CA   sing N N 129 
HIS N   H    sing N N 130 
HIS N   H2   sing N N 131 
HIS CA  C    sing N N 132 
HIS CA  CB   sing N N 133 
HIS CA  HA   sing N N 134 
HIS C   O    doub N N 135 
HIS C   OXT  sing N N 136 
HIS CB  CG   sing N N 137 
HIS CB  HB2  sing N N 138 
HIS CB  HB3  sing N N 139 
HIS CG  ND1  sing Y N 140 
HIS CG  CD2  doub Y N 141 
HIS ND1 CE1  doub Y N 142 
HIS ND1 HD1  sing N N 143 
HIS CD2 NE2  sing Y N 144 
HIS CD2 HD2  sing N N 145 
HIS CE1 NE2  sing Y N 146 
HIS CE1 HE1  sing N N 147 
HIS NE2 HE2  sing N N 148 
HIS OXT HXT  sing N N 149 
HOH O   H1   sing N N 150 
HOH O   H2   sing N N 151 
ILE N   CA   sing N N 152 
ILE N   H    sing N N 153 
ILE N   H2   sing N N 154 
ILE CA  C    sing N N 155 
ILE CA  CB   sing N N 156 
ILE CA  HA   sing N N 157 
ILE C   O    doub N N 158 
ILE C   OXT  sing N N 159 
ILE CB  CG1  sing N N 160 
ILE CB  CG2  sing N N 161 
ILE CB  HB   sing N N 162 
ILE CG1 CD1  sing N N 163 
ILE CG1 HG12 sing N N 164 
ILE CG1 HG13 sing N N 165 
ILE CG2 HG21 sing N N 166 
ILE CG2 HG22 sing N N 167 
ILE CG2 HG23 sing N N 168 
ILE CD1 HD11 sing N N 169 
ILE CD1 HD12 sing N N 170 
ILE CD1 HD13 sing N N 171 
ILE OXT HXT  sing N N 172 
LEU N   CA   sing N N 173 
LEU N   H    sing N N 174 
LEU N   H2   sing N N 175 
LEU CA  C    sing N N 176 
LEU CA  CB   sing N N 177 
LEU CA  HA   sing N N 178 
LEU C   O    doub N N 179 
LEU C   OXT  sing N N 180 
LEU CB  CG   sing N N 181 
LEU CB  HB2  sing N N 182 
LEU CB  HB3  sing N N 183 
LEU CG  CD1  sing N N 184 
LEU CG  CD2  sing N N 185 
LEU CG  HG   sing N N 186 
LEU CD1 HD11 sing N N 187 
LEU CD1 HD12 sing N N 188 
LEU CD1 HD13 sing N N 189 
LEU CD2 HD21 sing N N 190 
LEU CD2 HD22 sing N N 191 
LEU CD2 HD23 sing N N 192 
LEU OXT HXT  sing N N 193 
LYS N   CA   sing N N 194 
LYS N   H    sing N N 195 
LYS N   H2   sing N N 196 
LYS CA  C    sing N N 197 
LYS CA  CB   sing N N 198 
LYS CA  HA   sing N N 199 
LYS C   O    doub N N 200 
LYS C   OXT  sing N N 201 
LYS CB  CG   sing N N 202 
LYS CB  HB2  sing N N 203 
LYS CB  HB3  sing N N 204 
LYS CG  CD   sing N N 205 
LYS CG  HG2  sing N N 206 
LYS CG  HG3  sing N N 207 
LYS CD  CE   sing N N 208 
LYS CD  HD2  sing N N 209 
LYS CD  HD3  sing N N 210 
LYS CE  NZ   sing N N 211 
LYS CE  HE2  sing N N 212 
LYS CE  HE3  sing N N 213 
LYS NZ  HZ1  sing N N 214 
LYS NZ  HZ2  sing N N 215 
LYS NZ  HZ3  sing N N 216 
LYS OXT HXT  sing N N 217 
MET N   CA   sing N N 218 
MET N   H    sing N N 219 
MET N   H2   sing N N 220 
MET CA  C    sing N N 221 
MET CA  CB   sing N N 222 
MET CA  HA   sing N N 223 
MET C   O    doub N N 224 
MET C   OXT  sing N N 225 
MET CB  CG   sing N N 226 
MET CB  HB2  sing N N 227 
MET CB  HB3  sing N N 228 
MET CG  SD   sing N N 229 
MET CG  HG2  sing N N 230 
MET CG  HG3  sing N N 231 
MET SD  CE   sing N N 232 
MET CE  HE1  sing N N 233 
MET CE  HE2  sing N N 234 
MET CE  HE3  sing N N 235 
MET OXT HXT  sing N N 236 
PHE N   CA   sing N N 237 
PHE N   H    sing N N 238 
PHE N   H2   sing N N 239 
PHE CA  C    sing N N 240 
PHE CA  CB   sing N N 241 
PHE CA  HA   sing N N 242 
PHE C   O    doub N N 243 
PHE C   OXT  sing N N 244 
PHE CB  CG   sing N N 245 
PHE CB  HB2  sing N N 246 
PHE CB  HB3  sing N N 247 
PHE CG  CD1  doub Y N 248 
PHE CG  CD2  sing Y N 249 
PHE CD1 CE1  sing Y N 250 
PHE CD1 HD1  sing N N 251 
PHE CD2 CE2  doub Y N 252 
PHE CD2 HD2  sing N N 253 
PHE CE1 CZ   doub Y N 254 
PHE CE1 HE1  sing N N 255 
PHE CE2 CZ   sing Y N 256 
PHE CE2 HE2  sing N N 257 
PHE CZ  HZ   sing N N 258 
PHE OXT HXT  sing N N 259 
PRO N   CA   sing N N 260 
PRO N   CD   sing N N 261 
PRO N   H    sing N N 262 
PRO CA  C    sing N N 263 
PRO CA  CB   sing N N 264 
PRO CA  HA   sing N N 265 
PRO C   O    doub N N 266 
PRO C   OXT  sing N N 267 
PRO CB  CG   sing N N 268 
PRO CB  HB2  sing N N 269 
PRO CB  HB3  sing N N 270 
PRO CG  CD   sing N N 271 
PRO CG  HG2  sing N N 272 
PRO CG  HG3  sing N N 273 
PRO CD  HD2  sing N N 274 
PRO CD  HD3  sing N N 275 
PRO OXT HXT  sing N N 276 
SER N   CA   sing N N 277 
SER N   H    sing N N 278 
SER N   H2   sing N N 279 
SER CA  C    sing N N 280 
SER CA  CB   sing N N 281 
SER CA  HA   sing N N 282 
SER C   O    doub N N 283 
SER C   OXT  sing N N 284 
SER CB  OG   sing N N 285 
SER CB  HB2  sing N N 286 
SER CB  HB3  sing N N 287 
SER OG  HG   sing N N 288 
SER OXT HXT  sing N N 289 
THR N   CA   sing N N 290 
THR N   H    sing N N 291 
THR N   H2   sing N N 292 
THR CA  C    sing N N 293 
THR CA  CB   sing N N 294 
THR CA  HA   sing N N 295 
THR C   O    doub N N 296 
THR C   OXT  sing N N 297 
THR CB  OG1  sing N N 298 
THR CB  CG2  sing N N 299 
THR CB  HB   sing N N 300 
THR OG1 HG1  sing N N 301 
THR CG2 HG21 sing N N 302 
THR CG2 HG22 sing N N 303 
THR CG2 HG23 sing N N 304 
THR OXT HXT  sing N N 305 
TYR N   CA   sing N N 306 
TYR N   H    sing N N 307 
TYR N   H2   sing N N 308 
TYR CA  C    sing N N 309 
TYR CA  CB   sing N N 310 
TYR CA  HA   sing N N 311 
TYR C   O    doub N N 312 
TYR C   OXT  sing N N 313 
TYR CB  CG   sing N N 314 
TYR CB  HB2  sing N N 315 
TYR CB  HB3  sing N N 316 
TYR CG  CD1  doub Y N 317 
TYR CG  CD2  sing Y N 318 
TYR CD1 CE1  sing Y N 319 
TYR CD1 HD1  sing N N 320 
TYR CD2 CE2  doub Y N 321 
TYR CD2 HD2  sing N N 322 
TYR CE1 CZ   doub Y N 323 
TYR CE1 HE1  sing N N 324 
TYR CE2 CZ   sing Y N 325 
TYR CE2 HE2  sing N N 326 
TYR CZ  OH   sing N N 327 
TYR OH  HH   sing N N 328 
TYR OXT HXT  sing N N 329 
VAL N   CA   sing N N 330 
VAL N   H    sing N N 331 
VAL N   H2   sing N N 332 
VAL CA  C    sing N N 333 
VAL CA  CB   sing N N 334 
VAL CA  HA   sing N N 335 
VAL C   O    doub N N 336 
VAL C   OXT  sing N N 337 
VAL CB  CG1  sing N N 338 
VAL CB  CG2  sing N N 339 
VAL CB  HB   sing N N 340 
VAL CG1 HG11 sing N N 341 
VAL CG1 HG12 sing N N 342 
VAL CG1 HG13 sing N N 343 
VAL CG2 HG21 sing N N 344 
VAL CG2 HG22 sing N N 345 
VAL CG2 HG23 sing N N 346 
VAL OXT HXT  sing N N 347 
# 
_pdbx_audit_support.funding_organization   'Centre National de la Recherche Scientifique (CNRS)' 
_pdbx_audit_support.country                France 
_pdbx_audit_support.grant_number           ? 
_pdbx_audit_support.ordinal                1 
# 
_pdbx_initial_refinement_model.id               1 
_pdbx_initial_refinement_model.entity_id_list   ? 
_pdbx_initial_refinement_model.type             'in silico model' 
_pdbx_initial_refinement_model.source_name      AlphaFold 
_pdbx_initial_refinement_model.accession_code   ? 
_pdbx_initial_refinement_model.details          ? 
# 
_space_group.name_H-M_alt     'P 43 21 2' 
_space_group.name_Hall        'P 4nw 2abw' 
_space_group.IT_number        96 
_space_group.crystal_system   tetragonal 
_space_group.id               1 
# 
_atom_sites.entry_id                    9G0L 
_atom_sites.Cartn_transf_matrix[1][1]   ? 
_atom_sites.Cartn_transf_matrix[1][2]   ? 
_atom_sites.Cartn_transf_matrix[1][3]   ? 
_atom_sites.Cartn_transf_matrix[2][1]   ? 
_atom_sites.Cartn_transf_matrix[2][2]   ? 
_atom_sites.Cartn_transf_matrix[2][3]   ? 
_atom_sites.Cartn_transf_matrix[3][1]   ? 
_atom_sites.Cartn_transf_matrix[3][2]   ? 
_atom_sites.Cartn_transf_matrix[3][3]   ? 
_atom_sites.Cartn_transf_vector[1]      ? 
_atom_sites.Cartn_transf_vector[2]      ? 
_atom_sites.Cartn_transf_vector[3]      ? 
_atom_sites.Cartn_transform_axes        ? 
_atom_sites.fract_transf_matrix[1][1]   -0.00633174 
_atom_sites.fract_transf_matrix[1][2]   0.01175717 
_atom_sites.fract_transf_matrix[1][3]   0.00516004 
_atom_sites.fract_transf_matrix[2][1]   -0.01280201 
_atom_sites.fract_transf_matrix[2][2]   -0.00622123 
_atom_sites.fract_transf_matrix[2][3]   -0.00153388 
_atom_sites.fract_transf_matrix[3][1]   0.00109455 
_atom_sites.fract_transf_matrix[3][2]   -0.00589537 
_atom_sites.fract_transf_matrix[3][3]   0.01477571 
_atom_sites.fract_transf_vector[1]      0.234578 
_atom_sites.fract_transf_vector[2]      0.175669 
_atom_sites.fract_transf_vector[3]      -0.187877 
_atom_sites.solution_primary            ? 
_atom_sites.solution_secondary          ? 
_atom_sites.solution_hydrogens          ? 
_atom_sites.special_details             ? 
# 
loop_
_atom_type.symbol 
_atom_type.scat_dispersion_real 
_atom_type.scat_dispersion_imag 
_atom_type.scat_Cromer_Mann_a1 
_atom_type.scat_Cromer_Mann_a2 
_atom_type.scat_Cromer_Mann_a3 
_atom_type.scat_Cromer_Mann_a4 
_atom_type.scat_Cromer_Mann_b1 
_atom_type.scat_Cromer_Mann_b2 
_atom_type.scat_Cromer_Mann_b3 
_atom_type.scat_Cromer_Mann_b4 
_atom_type.scat_Cromer_Mann_c 
_atom_type.scat_source 
_atom_type.scat_dispersion_source 
C  ? ? 3.54356  2.42580 ? ? 25.62398 1.50364  ? ? 0.0 
;2-Gaussian fit: Grosse-Kunstleve RW, Sauter NK, Adams PD: Newsletter of the IUCr Commission on Crystallographic Computing 2004, 3, 22-31.
;
? 
N  ? ? 4.01032  2.96436 ? ? 19.97189 1.75589  ? ? 0.0 
;2-Gaussian fit: Grosse-Kunstleve RW, Sauter NK, Adams PD: Newsletter of the IUCr Commission on Crystallographic Computing 2004, 3, 22-31.
;
? 
O  ? ? 4.49882  3.47563 ? ? 15.80542 1.70748  ? ? 0.0 
;2-Gaussian fit: Grosse-Kunstleve RW, Sauter NK, Adams PD: Newsletter of the IUCr Commission on Crystallographic Computing 2004, 3, 22-31.
;
? 
S  ? ? 9.55732  6.39887 ? ? 1.23737  29.19336 ? ? 0.0 
;2-Gaussian fit: Grosse-Kunstleve RW, Sauter NK, Adams PD: Newsletter of the IUCr Commission on Crystallographic Computing 2004, 3, 22-31.
;
? 
ZN ? ? 24.64596 5.25405 ? ? 2.14387  29.76375 ? ? 0.0 
;2-Gaussian fit: Grosse-Kunstleve RW, Sauter NK, Adams PD: Newsletter of the IUCr Commission on Crystallographic Computing 2004, 3, 22-31.
;
? 
# 
loop_
_atom_site.group_PDB 
_atom_site.id 
_atom_site.type_symbol 
_atom_site.label_atom_id 
_atom_site.label_alt_id 
_atom_site.label_comp_id 
_atom_site.label_asym_id 
_atom_site.label_entity_id 
_atom_site.label_seq_id 
_atom_site.pdbx_PDB_ins_code 
_atom_site.Cartn_x 
_atom_site.Cartn_y 
_atom_site.Cartn_z 
_atom_site.occupancy 
_atom_site.B_iso_or_equiv 
_atom_site.pdbx_formal_charge 
_atom_site.auth_seq_id 
_atom_site.auth_comp_id 
_atom_site.auth_asym_id 
_atom_site.auth_atom_id 
_atom_site.pdbx_PDB_model_num 
ATOM   1   N  N   . THR A 1 3  ? 13.39199  -18.72831 4.81593   1.000 81.85054 ? 29  THR A N   1 
ATOM   2   C  CA  . THR A 1 3  ? 12.17099  -18.31515 5.50101   1.000 83.36129 ? 29  THR A CA  1 
ATOM   3   C  C   . THR A 1 3  ? 11.41492  -17.23811 4.73195   1.000 87.33701 ? 29  THR A C   1 
ATOM   4   O  O   . THR A 1 3  ? 11.28996  -17.29486 3.50896   1.000 85.69039 ? 29  THR A O   1 
ATOM   5   C  CB  . THR A 1 3  ? 12.47113  -17.77731 6.91498   1.000 80.98520 ? 29  THR A CB  1 
ATOM   6   N  N   . ALA A 1 4  ? 10.91611  -16.25478 5.47572   1.000 88.29946 ? 30  ALA A N   1 
ATOM   7   C  CA  . ALA A 1 4  ? 10.14770  -15.14258 4.93956   1.000 76.97953 ? 30  ALA A CA  1 
ATOM   8   C  C   . ALA A 1 4  ? 11.05798  -14.09614 4.30343   1.000 80.42421 ? 30  ALA A C   1 
ATOM   9   O  O   . ALA A 1 4  ? 12.23022  -13.95494 4.66062   1.000 84.67938 ? 30  ALA A O   1 
ATOM   10  C  CB  . ALA A 1 4  ? 9.33297   -14.49108 6.04480   1.000 76.07041 ? 30  ALA A CB  1 
ATOM   11  N  N   . SER A 1 5  ? 10.49028  -13.33248 3.36901   1.000 76.04665 ? 31  SER A N   1 
ATOM   12  C  CA  . SER A 1 5  ? 11.24004  -12.34333 2.60505   1.000 68.72481 ? 31  SER A CA  1 
ATOM   13  C  C   . SER A 1 5  ? 10.56648  -10.98321 2.70187   1.000 64.25358 ? 31  SER A C   1 
ATOM   14  O  O   . SER A 1 5  ? 9.40047   -10.86866 3.08487   1.000 58.40145 ? 31  SER A O   1 
ATOM   15  C  CB  . SER A 1 5  ? 11.37075  -12.74711 1.12648   1.000 70.14328 ? 31  SER A CB  1 
ATOM   16  O  OG  . SER A 1 5  ? 10.34333  -12.14977 0.34776   1.000 69.08976 ? 31  SER A OG  1 
ATOM   17  N  N   . ASN A 1 6  ? 11.32113  -9.94360  2.33936   1.000 63.11256 ? 32  ASN A N   1 
ATOM   18  C  CA  . ASN A 1 6  ? 10.75241  -8.59904  2.31611   1.000 58.63389 ? 32  ASN A CA  1 
ATOM   19  C  C   . ASN A 1 6  ? 9.64959   -8.48608  1.26987   1.000 58.53756 ? 32  ASN A C   1 
ATOM   20  O  O   . ASN A 1 6  ? 8.58713   -7.91981  1.54280   1.000 57.24664 ? 32  ASN A O   1 
ATOM   21  C  CB  . ASN A 1 6  ? 11.84630  -7.56049  2.05562   1.000 58.87697 ? 32  ASN A CB  1 
ATOM   22  C  CG  . ASN A 1 6  ? 11.29258  -6.15507  1.89590   1.000 57.35532 ? 32  ASN A CG  1 
ATOM   23  O  OD1 . ASN A 1 6  ? 10.98347  -5.48027  2.87533   1.000 52.81950 ? 32  ASN A OD1 1 
ATOM   24  N  ND2 . ASN A 1 6  ? 11.14187  -5.71699  0.65238   1.000 56.50713 ? 32  ASN A ND2 1 
ATOM   25  N  N   . ASN A 1 7  ? 9.87427   -9.02028  0.06572   1.000 61.85353 ? 33  ASN A N   1 
ATOM   26  C  CA  . ASN A 1 7  ? 8.84558   -8.91585  -0.96652  1.000 63.60803 ? 33  ASN A CA  1 
ATOM   27  C  C   . ASN A 1 7  ? 7.58695   -9.69263  -0.59160  1.000 58.81736 ? 33  ASN A C   1 
ATOM   28  O  O   . ASN A 1 7  ? 6.48147   -9.30450  -0.99078  1.000 53.98959 ? 33  ASN A O   1 
ATOM   29  C  CB  . ASN A 1 7  ? 9.39293   -9.38465  -2.31436  1.000 66.58363 ? 33  ASN A CB  1 
ATOM   30  C  CG  . ASN A 1 7  ? 10.86295  -9.04570  -2.49474  1.000 81.38385 ? 33  ASN A CG  1 
ATOM   31  O  OD1 . ASN A 1 7  ? 11.72749  -9.50387  -1.73427  1.000 76.77612 ? 33  ASN A OD1 1 
ATOM   32  N  ND2 . ASN A 1 7  ? 11.15126  -8.20326  -3.48134  1.000 92.38915 ? 33  ASN A ND2 1 
ATOM   33  N  N   . ASP A 1 8  ? 7.72547   -10.76677 0.19149   1.000 56.79479 ? 34  ASP A N   1 
ATOM   34  C  CA  . ASP A 1 8  ? 6.54755   -11.46988 0.69105   1.000 57.66510 ? 34  ASP A CA  1 
ATOM   35  C  C   . ASP A 1 8  ? 5.73203   -10.57055 1.60846   1.000 53.21613 ? 34  ASP A C   1 
ATOM   36  O  O   . ASP A 1 8  ? 4.50366   -10.50015 1.49001   1.000 52.19242 ? 34  ASP A O   1 
ATOM   37  C  CB  . ASP A 1 8  ? 6.94602   -12.75811 1.42037   1.000 59.49787 ? 34  ASP A CB  1 
ATOM   38  C  CG  . ASP A 1 8  ? 7.58099   -13.79202 0.49801   1.000 68.52773 ? 34  ASP A CG  1 
ATOM   39  O  OD1 . ASP A 1 8  ? 7.22636   -13.83690 -0.70036  1.000 67.62752 ? 34  ASP A OD1 1 
ATOM   40  O  OD2 . ASP A 1 8  ? 8.41747   -14.58253 0.98545   1.000 70.58542 ? 34  ASP A OD2 1 
ATOM   41  N  N   . LEU A 1 9  ? 6.40064   -9.86315  2.52866   1.000 52.50459 ? 35  LEU A N   1 
ATOM   42  C  CA  . LEU A 1 9  ? 5.68677   -8.95538  3.42184   1.000 49.12067 ? 35  LEU A CA  1 
ATOM   43  C  C   . LEU A 1 9  ? 5.10061   -7.78330  2.65398   1.000 45.11155 ? 35  LEU A C   1 
ATOM   44  O  O   . LEU A 1 9  ? 3.93314   -7.43546  2.83959   1.000 43.75908 ? 35  LEU A O   1 
ATOM   45  C  CB  . LEU A 1 9  ? 6.60989   -8.44270  4.52271   1.000 44.20500 ? 35  LEU A CB  1 
ATOM   46  C  CG  . LEU A 1 9  ? 6.91829   -9.52397  5.55485   1.000 50.89182 ? 35  LEU A CG  1 
ATOM   47  C  CD1 . LEU A 1 9  ? 7.86046   -8.99322  6.59471   1.000 56.18867 ? 35  LEU A CD1 1 
ATOM   48  C  CD2 . LEU A 1 9  ? 5.62993   -10.04310 6.16739   1.000 47.82448 ? 35  LEU A CD2 1 
ATOM   49  N  N   . ALA A 1 10 ? 5.89948   -7.15237  1.79229   1.000 44.04078 ? 36  ALA A N   1 
ATOM   50  C  CA  . ALA A 1 10 ? 5.38687   -6.01020  1.05240   1.000 44.87935 ? 36  ALA A CA  1 
ATOM   51  C  C   . ALA A 1 10 ? 4.13047   -6.37565  0.27030   1.000 44.57870 ? 36  ALA A C   1 
ATOM   52  O  O   . ALA A 1 10 ? 3.17784   -5.60073  0.22849   1.000 43.08180 ? 36  ALA A O   1 
ATOM   53  C  CB  . ALA A 1 10 ? 6.45678   -5.45309  0.12487   1.000 41.86362 ? 36  ALA A CB  1 
ATOM   54  N  N   . SER A 1 11 ? 4.09579   -7.55546  -0.34869  1.000 45.76849 ? 37  SER A N   1 
ATOM   55  C  CA  . SER A 1 11 ? 2.92400   -7.88635  -1.15587  1.000 44.29256 ? 37  SER A CA  1 
ATOM   56  C  C   . SER A 1 11 ? 1.65137   -7.93760  -0.31947  1.000 48.72992 ? 37  SER A C   1 
ATOM   57  O  O   . SER A 1 11 ? 0.55812   -7.74741  -0.85776  1.000 42.11631 ? 37  SER A O   1 
ATOM   58  C  CB  . SER A 1 11 ? 3.13390   -9.21310  -1.88168  1.000 48.67954 ? 37  SER A CB  1 
ATOM   59  O  OG  . SER A 1 11 ? 3.06905   -10.28962 -0.97036  1.000 56.74698 ? 37  SER A OG  1 
ATOM   60  N  N   . LEU A 1 12 ? 1.76654   -8.14659  0.99075   1.000 42.49202 ? 38  LEU A N   1 
ATOM   61  C  CA  . LEU A 1 12 ? 0.57807   -8.13739  1.83002   1.000 41.90373 ? 38  LEU A CA  1 
ATOM   62  C  C   . LEU A 1 12 ? -0.08485  -6.77338  1.89928   1.000 41.10086 ? 38  LEU A C   1 
ATOM   63  O  O   . LEU A 1 12 ? -1.23681  -6.68627  2.34648   1.000 44.10961 ? 38  LEU A O   1 
ATOM   64  C  CB  . LEU A 1 12 ? 0.92418   -8.60947  3.23656   1.000 42.62447 ? 38  LEU A CB  1 
ATOM   65  C  CG  . LEU A 1 12 ? 1.58771   -9.98138  3.27323   1.000 41.50760 ? 38  LEU A CG  1 
ATOM   66  C  CD1 . LEU A 1 12 ? 1.98126   -10.30291 4.68543   1.000 44.34899 ? 38  LEU A CD1 1 
ATOM   67  C  CD2 . LEU A 1 12 ? 0.67389   -11.06244 2.70034   1.000 47.55429 ? 38  LEU A CD2 1 
ATOM   68  N  N   . PHE A 1 13 ? 0.60083   -5.72077  1.46531   1.000 44.55993 ? 39  PHE A N   1 
ATOM   69  C  CA  . PHE A 1 13 ? 0.06880   -4.36919  1.47367   1.000 40.14182 ? 39  PHE A CA  1 
ATOM   70  C  C   . PHE A 1 13 ? -0.49038  -3.94150  0.11975   1.000 41.73457 ? 39  PHE A C   1 
ATOM   71  O  O   . PHE A 1 13 ? -0.89337  -2.78677  -0.02270  1.000 45.70415 ? 39  PHE A O   1 
ATOM   72  C  CB  . PHE A 1 13 ? 1.15824   -3.36602  1.89553   1.000 39.99759 ? 39  PHE A CB  1 
ATOM   73  C  CG  . PHE A 1 13 ? 1.67420   -3.54231  3.30878   1.000 38.58538 ? 39  PHE A CG  1 
ATOM   74  C  CD1 . PHE A 1 13 ? 2.59019   -4.53891  3.61556   1.000 39.32718 ? 39  PHE A CD1 1 
ATOM   75  C  CD2 . PHE A 1 13 ? 1.26308   -2.68836  4.31826   1.000 38.35163 ? 39  PHE A CD2 1 
ATOM   76  C  CE1 . PHE A 1 13 ? 3.06612   -4.69393  4.91312   1.000 34.43856 ? 39  PHE A CE1 1 
ATOM   77  C  CE2 . PHE A 1 13 ? 1.74090   -2.82371  5.60887   1.000 38.27016 ? 39  PHE A CE2 1 
ATOM   78  C  CZ  . PHE A 1 13 ? 2.64251   -3.82090  5.91257   1.000 40.03211 ? 39  PHE A CZ  1 
ATOM   79  N  N   . GLU A 1 14 ? -0.48588  -4.81064  -0.88817  1.000 43.42510 ? 40  GLU A N   1 
ATOM   80  C  CA  . GLU A 1 14 ? -0.95076  -4.39779  -2.20571  1.000 44.94102 ? 40  GLU A CA  1 
ATOM   81  C  C   . GLU A 1 14 ? -2.41817  -4.01612  -2.15984  1.000 44.69223 ? 40  GLU A C   1 
ATOM   82  O  O   . GLU A 1 14 ? -3.24019  -4.73302  -1.58055  1.000 44.86341 ? 40  GLU A O   1 
ATOM   83  C  CB  . GLU A 1 14 ? -0.75062  -5.50880  -3.22975  1.000 47.68987 ? 40  GLU A CB  1 
ATOM   84  C  CG  . GLU A 1 14 ? 0.53540   -5.38684  -3.99575  1.000 57.89892 ? 40  GLU A CG  1 
ATOM   85  C  CD  . GLU A 1 14 ? 0.76801   -6.58591  -4.87658  1.000 61.40066 ? 40  GLU A CD  1 
ATOM   86  O  OE1 . GLU A 1 14 ? -0.23561  -7.14766  -5.36671  1.000 60.45684 ? 40  GLU A OE1 1 
ATOM   87  O  OE2 . GLU A 1 14 ? 1.94281   -6.97233  -5.04826  1.000 62.44844 ? 40  GLU A OE2 1 
ATOM   88  N  N   . CYS A 1 15 ? -2.74250  -2.87831  -2.75094  1.000 46.97693 ? 41  CYS A N   1 
ATOM   89  C  CA  . CYS A 1 15 ? -4.13904  -2.50496  -2.90722  1.000 47.32748 ? 41  CYS A CA  1 
ATOM   90  C  C   . CYS A 1 15 ? -4.78382  -3.43106  -3.93066  1.000 51.05842 ? 41  CYS A C   1 
ATOM   91  O  O   . CYS A 1 15 ? -4.27183  -3.55755  -5.04552  1.000 56.86384 ? 41  CYS A O   1 
ATOM   92  C  CB  . CYS A 1 15 ? -4.25716  -1.05124  -3.34792  1.000 48.63569 ? 41  CYS A CB  1 
ATOM   93  S  SG  . CYS A 1 15 ? -5.93841  -0.50806  -3.66051  1.000 58.78289 ? 41  CYS A SG  1 
ATOM   94  N  N   . PRO A 1 16 ? -5.89049  -4.10586  -3.59770  1.000 55.58960 ? 42  PRO A N   1 
ATOM   95  C  CA  . PRO A 1 16 ? -6.50501  -5.02187  -4.56992  1.000 52.69151 ? 42  PRO A CA  1 
ATOM   96  C  C   . PRO A 1 16 ? -7.13006  -4.31986  -5.75811  1.000 56.51577 ? 42  PRO A C   1 
ATOM   97  O  O   . PRO A 1 16 ? -7.58392  -4.99683  -6.68163  1.000 60.33733 ? 42  PRO A O   1 
ATOM   98  C  CB  . PRO A 1 16 ? -7.56189  -5.76775  -3.73739  1.000 54.77005 ? 42  PRO A CB  1 
ATOM   99  C  CG  . PRO A 1 16 ? -7.86877  -4.85728  -2.59804  1.000 52.24652 ? 42  PRO A CG  1 
ATOM   100 C  CD  . PRO A 1 16 ? -6.58963  -4.11347  -2.30177  1.000 46.34865 ? 42  PRO A CD  1 
ATOM   101 N  N   . VAL A 1 17 ? -7.13716  -2.99446  -5.78573  1.000 58.21063 ? 43  VAL A N   1 
ATOM   102 C  CA  . VAL A 1 17 ? -7.73700  -2.24582  -6.87297  1.000 60.28924 ? 43  VAL A CA  1 
ATOM   103 C  C   . VAL A 1 17 ? -6.68119  -1.70784  -7.83231  1.000 62.50457 ? 43  VAL A C   1 
ATOM   104 O  O   . VAL A 1 17 ? -6.80517  -1.86722  -9.04584  1.000 69.30773 ? 43  VAL A O   1 
ATOM   105 C  CB  . VAL A 1 17 ? -8.61983  -1.10862  -6.31647  1.000 60.12613 ? 43  VAL A CB  1 
ATOM   106 C  CG1 . VAL A 1 17 ? -8.89084  -0.07473  -7.40416  1.000 64.75480 ? 43  VAL A CG1 1 
ATOM   107 C  CG2 . VAL A 1 17 ? -9.90704  -1.66398  -5.76895  1.000 61.05673 ? 43  VAL A CG2 1 
ATOM   108 N  N   . CYS A 1 18 ? -5.62815  -1.06017  -7.31895  1.000 63.63918 ? 44  CYS A N   1 
ATOM   109 C  CA  . CYS A 1 18 ? -4.58951  -0.51722  -8.19354  1.000 69.70889 ? 44  CYS A CA  1 
ATOM   110 C  C   . CYS A 1 18 ? -3.27412  -1.27586  -8.11185  1.000 69.23473 ? 44  CYS A C   1 
ATOM   111 O  O   . CYS A 1 18 ? -2.38921  -1.04061  -8.94420  1.000 72.14416 ? 44  CYS A O   1 
ATOM   112 C  CB  . CYS A 1 18 ? -4.27313  0.94583   -7.86645  1.000 63.65581 ? 44  CYS A CB  1 
ATOM   113 S  SG  . CYS A 1 18 ? -3.61486  1.18700   -6.24112  1.000 66.32682 ? 44  CYS A SG  1 
ATOM   114 N  N   . PHE A 1 19 ? -3.10816  -2.13932  -7.11578  1.000 68.40627 ? 45  PHE A N   1 
ATOM   115 C  CA  . PHE A 1 19 ? -1.90763  -2.93594  -6.87576  1.000 70.71916 ? 45  PHE A CA  1 
ATOM   116 C  C   . PHE A 1 19 ? -0.67643  -2.09208  -6.54709  1.000 70.20221 ? 45  PHE A C   1 
ATOM   117 O  O   . PHE A 1 19 ? 0.44196   -2.62112  -6.54587  1.000 70.41035 ? 45  PHE A O   1 
ATOM   118 C  CB  . PHE A 1 19 ? -1.61186  -3.88548  -8.04458  1.000 74.92259 ? 45  PHE A CB  1 
ATOM   119 C  CG  . PHE A 1 19 ? -2.80123  -4.70632  -8.46186  1.000 77.64522 ? 45  PHE A CG  1 
ATOM   120 C  CD1 . PHE A 1 19 ? -3.69387  -4.22884  -9.41065  1.000 77.64900 ? 45  PHE A CD1 1 
ATOM   121 C  CD2 . PHE A 1 19 ? -3.05813  -5.92784  -7.86684  1.000 74.16149 ? 45  PHE A CD2 1 
ATOM   122 C  CE1 . PHE A 1 19 ? -4.79624  -4.97184  -9.78747  1.000 81.78093 ? 45  PHE A CE1 1 
ATOM   123 C  CE2 . PHE A 1 19 ? -4.16453  -6.67591  -8.23782  1.000 79.70903 ? 45  PHE A CE2 1 
ATOM   124 C  CZ  . PHE A 1 19 ? -5.03448  -6.19475  -9.19778  1.000 81.90349 ? 45  PHE A CZ  1 
ATOM   125 N  N   . ASP A 1 20 ? -0.84609  -0.80040  -6.26185  1.000 63.86049 ? 46  ASP A N   1 
ATOM   126 C  CA  . ASP A 1 20 ? 0.14863   -0.05990  -5.49079  1.000 64.56778 ? 46  ASP A CA  1 
ATOM   127 C  C   . ASP A 1 20 ? 0.02228   -0.48488  -4.03487  1.000 57.55253 ? 46  ASP A C   1 
ATOM   128 O  O   . ASP A 1 20 ? -0.70196  -1.42288  -3.69849  1.000 58.26940 ? 46  ASP A O   1 
ATOM   129 C  CB  . ASP A 1 20 ? -0.01018  1.44725   -5.65074  1.000 63.51235 ? 46  ASP A CB  1 
ATOM   130 C  CG  . ASP A 1 20 ? 0.10347   1.89968   -7.08545  1.000 80.81431 ? 46  ASP A CG  1 
ATOM   131 O  OD1 . ASP A 1 20 ? 0.62037   1.12543   -7.92309  1.000 84.38296 ? 46  ASP A OD1 1 
ATOM   132 O  OD2 . ASP A 1 20 ? -0.30326  3.04601   -7.36878  1.000 89.70316 ? 46  ASP A OD2 1 
ATOM   133 N  N   . TYR A 1 21 ? 0.70662   0.21118   -3.13802  1.000 47.80486 ? 47  TYR A N   1 
ATOM   134 C  CA  . TYR A 1 21 ? 0.80853   -0.25455  -1.76520  1.000 44.94364 ? 47  TYR A CA  1 
ATOM   135 C  C   . TYR A 1 21 ? -0.07467  0.57559   -0.85085  1.000 48.64309 ? 47  TYR A C   1 
ATOM   136 O  O   . TYR A 1 21 ? -0.19265  1.79275   -1.02192  1.000 50.38152 ? 47  TYR A O   1 
ATOM   137 C  CB  . TYR A 1 21 ? 2.26055   -0.23721  -1.29733  1.000 48.72237 ? 47  TYR A CB  1 
ATOM   138 C  CG  . TYR A 1 21 ? 3.08744   -1.24167  -2.06240  1.000 46.33867 ? 47  TYR A CG  1 
ATOM   139 C  CD1 . TYR A 1 21 ? 2.99475   -2.59421  -1.77155  1.000 45.50682 ? 47  TYR A CD1 1 
ATOM   140 C  CD2 . TYR A 1 21 ? 3.92401   -0.85032  -3.09177  1.000 49.67445 ? 47  TYR A CD2 1 
ATOM   141 C  CE1 . TYR A 1 21 ? 3.71862   -3.53030  -2.46834  1.000 47.44178 ? 47  TYR A CE1 1 
ATOM   142 C  CE2 . TYR A 1 21 ? 4.67441   -1.79008  -3.80078  1.000 50.88372 ? 47  TYR A CE2 1 
ATOM   143 C  CZ  . TYR A 1 21 ? 4.55942   -3.13048  -3.48066  1.000 50.14537 ? 47  TYR A CZ  1 
ATOM   144 O  OH  . TYR A 1 21 ? 5.28051   -4.08238  -4.16059  1.000 52.56498 ? 47  TYR A OH  1 
ATOM   145 N  N   . VAL A 1 22 ? -0.71469  -0.10048  0.10246   1.000 41.58328 ? 48  VAL A N   1 
ATOM   146 C  CA  . VAL A 1 22 ? -1.51268  0.55481   1.12998   1.000 40.44189 ? 48  VAL A CA  1 
ATOM   147 C  C   . VAL A 1 22 ? -0.56358  0.92788   2.26153   1.000 42.43573 ? 48  VAL A C   1 
ATOM   148 O  O   . VAL A 1 22 ? -0.04999  0.05499   2.96078   1.000 45.14479 ? 48  VAL A O   1 
ATOM   149 C  CB  . VAL A 1 22 ? -2.64735  -0.34714  1.63332   1.000 41.98329 ? 48  VAL A CB  1 
ATOM   150 C  CG1 . VAL A 1 22 ? -3.51119  0.40521   2.63786   1.000 45.58807 ? 48  VAL A CG1 1 
ATOM   151 C  CG2 . VAL A 1 22 ? -3.50035  -0.83515  0.47235   1.000 43.64554 ? 48  VAL A CG2 1 
ATOM   152 N  N   . LEU A 1 23 ? -0.31873  2.21739   2.43687   1.000 46.75373 ? 49  LEU A N   1 
ATOM   153 C  CA  . LEU A 1 23 ? 0.63391   2.69667   3.42379   1.000 43.03047 ? 49  LEU A CA  1 
ATOM   154 C  C   . LEU A 1 23 ? -0.08648  3.39731   4.56845   1.000 45.92690 ? 49  LEU A C   1 
ATOM   155 O  O   . LEU A 1 23 ? -1.24661  3.79594   4.42653   1.000 46.36159 ? 49  LEU A O   1 
ATOM   156 C  CB  . LEU A 1 23 ? 1.64901   3.65089   2.77134   1.000 44.85069 ? 49  LEU A CB  1 
ATOM   157 C  CG  . LEU A 1 23 ? 2.41331   3.06423   1.57785   1.000 46.08173 ? 49  LEU A CG  1 
ATOM   158 C  CD1 . LEU A 1 23 ? 3.34978   4.08246   1.00076   1.000 54.31116 ? 49  LEU A CD1 1 
ATOM   159 C  CD2 . LEU A 1 23 ? 3.15494   1.80220   1.98399   1.000 44.56469 ? 49  LEU A CD2 1 
ATOM   160 N  N   . PRO A 1 24 ? 0.56644   3.56565   5.72029   1.000 47.27608 ? 50  PRO A N   1 
ATOM   161 C  CA  . PRO A 1 24 ? -0.09984  4.19677   6.86188   1.000 47.78355 ? 50  PRO A CA  1 
ATOM   162 C  C   . PRO A 1 24 ? -0.60463  5.58428   6.50814   1.000 47.63985 ? 50  PRO A C   1 
ATOM   163 O  O   . PRO A 1 24 ? 0.04316   6.32040   5.74854   1.000 48.45509 ? 50  PRO A O   1 
ATOM   164 C  CB  . PRO A 1 24 ? 1.00647   4.25164   7.92586   1.000 47.40243 ? 50  PRO A CB  1 
ATOM   165 C  CG  . PRO A 1 24 ? 1.88508   3.13304   7.59195   1.000 45.97483 ? 50  PRO A CG  1 
ATOM   166 C  CD  . PRO A 1 24 ? 1.90258   3.07002   6.09405   1.000 50.98085 ? 50  PRO A CD  1 
ATOM   167 N  N   . PRO A 1 25 ? -1.77970  5.97829   7.02769   1.000 48.67465 ? 51  PRO A N   1 
ATOM   168 C  CA  . PRO A 1 25 ? -2.59128  5.15726   7.92821   1.000 43.75420 ? 51  PRO A CA  1 
ATOM   169 C  C   . PRO A 1 25 ? -3.39073  4.07882   7.19316   1.000 42.10288 ? 51  PRO A C   1 
ATOM   170 O  O   . PRO A 1 25 ? -4.01338  4.35224   6.16900   1.000 44.19324 ? 51  PRO A O   1 
ATOM   171 C  CB  . PRO A 1 25 ? -3.52924  6.16719   8.57313   1.000 43.22613 ? 51  PRO A CB  1 
ATOM   172 C  CG  . PRO A 1 25 ? -3.63159  7.27935   7.59758   1.000 52.36762 ? 51  PRO A CG  1 
ATOM   173 C  CD  . PRO A 1 25 ? -2.39623  7.28733   6.75090   1.000 47.91206 ? 51  PRO A CD  1 
ATOM   174 N  N   . ILE A 1 26 ? -3.38563  2.86671   7.73084   1.000 39.27707 ? 52  ILE A N   1 
ATOM   175 C  CA  . ILE A 1 26 ? -3.98005  1.72186   7.06153   1.000 39.04454 ? 52  ILE A CA  1 
ATOM   176 C  C   . ILE A 1 26 ? -5.37242  1.49023   7.64937   1.000 38.86157 ? 52  ILE A C   1 
ATOM   177 O  O   . ILE A 1 26 ? -5.50445  1.18751   8.84164   1.000 39.60994 ? 52  ILE A O   1 
ATOM   178 C  CB  . ILE A 1 26 ? -3.10128  0.47081   7.21932   1.000 37.32982 ? 52  ILE A CB  1 
ATOM   179 C  CG1 . ILE A 1 26 ? -1.80306  0.59251   6.43248   1.000 39.93841 ? 52  ILE A CG1 1 
ATOM   180 C  CG2 . ILE A 1 26 ? -3.85142  -0.76404  6.72050   1.000 40.45412 ? 52  ILE A CG2 1 
ATOM   181 C  CD1 . ILE A 1 26 ? -0.87701  -0.55895  6.70255   1.000 39.11524 ? 52  ILE A CD1 1 
ATOM   182 N  N   . LEU A 1 27 ? -6.40726  1.58996   6.81160   1.000 38.06877 ? 53  LEU A N   1 
ATOM   183 C  CA  . LEU A 1 27 ? -7.80550  1.34559   7.17748   1.000 36.03656 ? 53  LEU A CA  1 
ATOM   184 C  C   . LEU A 1 27 ? -8.26701  0.00876   6.59494   1.000 39.66988 ? 53  LEU A C   1 
ATOM   185 O  O   . LEU A 1 27 ? -7.66912  -0.50482  5.64870   1.000 37.13850 ? 53  LEU A O   1 
ATOM   186 C  CB  . LEU A 1 27 ? -8.69844  2.47228   6.64468   1.000 37.53626 ? 53  LEU A CB  1 
ATOM   187 C  CG  . LEU A 1 27 ? -8.37344  3.89361   7.09581   1.000 44.91879 ? 53  LEU A CG  1 
ATOM   188 C  CD1 . LEU A 1 27 ? -9.43171  4.85776   6.63935   1.000 44.12343 ? 53  LEU A CD1 1 
ATOM   189 C  CD2 . LEU A 1 27 ? -8.22764  3.91880   8.61954   1.000 43.02855 ? 53  LEU A CD2 1 
ATOM   190 N  N   . GLN A 1 28 ? -9.34379  -0.55476  7.15165   1.000 34.94054 ? 54  GLN A N   1 
ATOM   191 C  CA  . GLN A 1 28 ? -9.88374  -1.79926  6.60727   1.000 34.27427 ? 54  GLN A CA  1 
ATOM   192 C  C   . GLN A 1 28 ? -11.37406 -1.92965  6.88835   1.000 34.35576 ? 54  GLN A C   1 
ATOM   193 O  O   . GLN A 1 28 ? -11.91526 -1.28844  7.78531   1.000 34.37700 ? 54  GLN A O   1 
ATOM   194 C  CB  . GLN A 1 28 ? -9.17842  -3.01863  7.19523   1.000 33.56635 ? 54  GLN A CB  1 
ATOM   195 C  CG  . GLN A 1 28 ? -9.48851  -3.19770  8.66824   1.000 33.72521 ? 54  GLN A CG  1 
ATOM   196 C  CD  . GLN A 1 28 ? -9.03879  -4.54860  9.20471   1.000 40.42667 ? 54  GLN A CD  1 
ATOM   197 O  OE1 . GLN A 1 28 ? -7.85073  -4.90235  9.16225   1.000 37.21225 ? 54  GLN A OE1 1 
ATOM   198 N  NE2 . GLN A 1 28 ? -9.99118  -5.31517  9.69897   1.000 36.23581 ? 54  GLN A NE2 1 
ATOM   199 N  N   . CYS A 1 29 ? -12.03071 -2.79648  6.11949   1.000 34.77655 ? 55  CYS A N   1 
ATOM   200 C  CA  . CYS A 1 29 ? -13.43217 -3.10878  6.37352   1.000 35.17892 ? 55  CYS A CA  1 
ATOM   201 C  C   . CYS A 1 29 ? -13.55114 -4.07242  7.55218   1.000 35.11688 ? 55  CYS A C   1 
ATOM   202 O  O   . CYS A 1 29 ? -12.55354 -4.57176  8.09244   1.000 33.94618 ? 55  CYS A O   1 
ATOM   203 C  CB  . CYS A 1 29 ? -14.08499 -3.72331  5.13643   1.000 36.35549 ? 55  CYS A CB  1 
ATOM   204 S  SG  . CYS A 1 29 ? -13.53888 -5.45169  4.87641   1.000 36.28778 ? 55  CYS A SG  1 
ATOM   205 N  N   . GLN A 1 30 ? -14.80656 -4.35850  7.92333   1.000 36.00479 ? 56  GLN A N   1 
ATOM   206 C  CA  . GLN A 1 30 ? -15.11096 -5.28646  9.01212   1.000 35.19084 ? 56  GLN A CA  1 
ATOM   207 C  C   . GLN A 1 30 ? -14.42847 -6.64617  8.84724   1.000 38.74901 ? 56  GLN A C   1 
ATOM   208 O  O   . GLN A 1 30 ? -14.06720 -7.27769  9.84090   1.000 39.30039 ? 56  GLN A O   1 
ATOM   209 C  CB  . GLN A 1 30 ? -16.62726 -5.48080  9.10592   1.000 36.49230 ? 56  GLN A CB  1 
ATOM   210 C  CG  . GLN A 1 30 ? -17.07891 -6.56579  10.09089  1.000 37.22964 ? 56  GLN A CG  1 
ATOM   211 C  CD  . GLN A 1 30 ? -17.13398 -6.04370  11.50654  1.000 44.23478 ? 56  GLN A CD  1 
ATOM   212 O  OE1 . GLN A 1 30 ? -17.27938 -4.83662  11.72825  1.000 45.89452 ? 56  GLN A OE1 1 
ATOM   213 N  NE2 . GLN A 1 30 ? -17.00689 -6.94335  12.47722  1.000 39.20829 ? 56  GLN A NE2 1 
ATOM   214 N  N   . SER A 1 31 ? -14.29088 -7.13556  7.61392   1.000 35.66945 ? 57  SER A N   1 
ATOM   215 C  CA  . SER A 1 31 ? -13.76190 -8.47573  7.35427   1.000 36.35337 ? 57  SER A CA  1 
ATOM   216 C  C   . SER A 1 31 ? -12.26569 -8.49304  6.99482   1.000 37.18662 ? 57  SER A C   1 
ATOM   217 O  O   . SER A 1 31 ? -11.73292 -9.55939  6.63677   1.000 36.90455 ? 57  SER A O   1 
ATOM   218 C  CB  . SER A 1 31 ? -14.59870 -9.15024  6.26354   1.000 37.87025 ? 57  SER A CB  1 
ATOM   219 O  OG  . SER A 1 31 ? -15.98615 -9.13670  6.61351   1.000 38.63911 ? 57  SER A OG  1 
ATOM   220 N  N   . GLY A 1 32 ? -11.58160 -7.35639  7.09803   1.000 34.87687 ? 58  GLY A N   1 
ATOM   221 C  CA  . GLY A 1 32 ? -10.12135 -7.30768  6.99157   1.000 40.40655 ? 58  GLY A CA  1 
ATOM   222 C  C   . GLY A 1 32 ? -9.51178  -6.97756  5.63234   1.000 41.24292 ? 58  GLY A C   1 
ATOM   223 O  O   . GLY A 1 32 ? -8.31498  -7.22181  5.43730   1.000 40.63701 ? 58  GLY A O   1 
ATOM   224 N  N   . HIS A 1 33 ? -10.27364 -6.39664  4.71408   1.000 40.39854 ? 59  HIS A N   1 
ATOM   225 C  CA  . HIS A 1 33 ? -9.78115  -6.06687  3.38558   1.000 36.88914 ? 59  HIS A CA  1 
ATOM   226 C  C   . HIS A 1 33 ? -9.27833  -4.63476  3.34907   1.000 36.64347 ? 59  HIS A C   1 
ATOM   227 O  O   . HIS A 1 33 ? -9.87214  -3.74694  3.96137   1.000 35.99874 ? 59  HIS A O   1 
ATOM   228 C  CB  . HIS A 1 33 ? -10.90230 -6.25389  2.36632   1.000 38.23064 ? 59  HIS A CB  1 
ATOM   229 C  CG  . HIS A 1 33 ? -11.54486 -7.60080  2.44728   1.000 38.85214 ? 59  HIS A CG  1 
ATOM   230 N  ND1 . HIS A 1 33 ? -12.90786 -7.77601  2.55669   1.000 39.23194 ? 59  HIS A ND1 1 
ATOM   231 C  CD2 . HIS A 1 33 ? -10.99577 -8.83636  2.50034   1.000 39.54996 ? 59  HIS A CD2 1 
ATOM   232 C  CE1 . HIS A 1 33 ? -13.17096 -9.06922  2.63644   1.000 40.14541 ? 59  HIS A CE1 1 
ATOM   233 N  NE2 . HIS A 1 33 ? -12.02617 -9.73259  2.61369   1.000 40.39429 ? 59  HIS A NE2 1 
ATOM   234 N  N   . LEU A 1 34 ? -8.19965  -4.41989  2.60504   1.000 37.62507 ? 60  LEU A N   1 
ATOM   235 C  CA  . LEU A 1 34 ? -7.48238  -3.15062  2.56509   1.000 37.91700 ? 60  LEU A CA  1 
ATOM   236 C  C   . LEU A 1 34 ? -7.78349  -2.43529  1.25105   1.000 42.60420 ? 60  LEU A C   1 
ATOM   237 O  O   . LEU A 1 34 ? -8.04332  -3.07740  0.23369   1.000 42.85848 ? 60  LEU A O   1 
ATOM   238 C  CB  . LEU A 1 34 ? -5.97499  -3.39369  2.68763   1.000 44.08094 ? 60  LEU A CB  1 
ATOM   239 C  CG  . LEU A 1 34 ? -5.35547  -4.15171  3.87455   1.000 46.02452 ? 60  LEU A CG  1 
ATOM   240 C  CD1 . LEU A 1 34 ? -3.86630  -3.86829  3.93037   1.000 44.99152 ? 60  LEU A CD1 1 
ATOM   241 C  CD2 . LEU A 1 34 ? -5.96001  -3.78159  5.19726   1.000 40.98069 ? 60  LEU A CD2 1 
ATOM   242 N  N   . VAL A 1 35 ? -7.77611  -1.09862  1.28075   1.000 43.50944 ? 61  VAL A N   1 
ATOM   243 C  CA  . VAL A 1 35 ? -7.82313  -0.25642  0.08106   1.000 49.37732 ? 61  VAL A CA  1 
ATOM   244 C  C   . VAL A 1 35 ? -6.91420  0.93930   0.31976   1.000 52.42730 ? 61  VAL A C   1 
ATOM   245 O  O   . VAL A 1 35 ? -6.89974  1.49341   1.42298   1.000 55.12631 ? 61  VAL A O   1 
ATOM   246 C  CB  . VAL A 1 35 ? -9.23837  0.26508   -0.24971  1.000 51.68672 ? 61  VAL A CB  1 
ATOM   247 C  CG1 . VAL A 1 35 ? -9.31608  0.69073   -1.71212  1.000 50.89271 ? 61  VAL A CG1 1 
ATOM   248 C  CG2 . VAL A 1 35 ? -10.28820 -0.74249  0.07796   1.000 47.51827 ? 61  VAL A CG2 1 
ATOM   249 N  N   . CYS A 1 36 ? -6.18547  1.36428   -0.71354  1.000 54.31211 ? 62  CYS A N   1 
ATOM   250 C  CA  . CYS A 1 36 ? -5.22003  2.43754   -0.51275  1.000 55.55805 ? 62  CYS A CA  1 
ATOM   251 C  C   . CYS A 1 36 ? -5.91109  3.79582   -0.44468  1.000 59.37252 ? 62  CYS A C   1 
ATOM   252 O  O   . CYS A 1 36 ? -7.09800  3.94609   -0.75142  1.000 58.91652 ? 62  CYS A O   1 
ATOM   253 C  CB  . CYS A 1 36 ? -4.16069  2.45193   -1.61294  1.000 54.95081 ? 62  CYS A CB  1 
ATOM   254 S  SG  . CYS A 1 36 ? -4.71644  3.06671   -3.21481  1.000 59.40998 ? 62  CYS A SG  1 
ATOM   255 N  N   . SER A 1 37 ? -5.12658  4.79692   -0.03040  1.000 65.59416 ? 63  SER A N   1 
ATOM   256 C  CA  . SER A 1 37 ? -5.65323  6.13727   0.19266   1.000 63.79313 ? 63  SER A CA  1 
ATOM   257 C  C   . SER A 1 37 ? -6.23055  6.73037   -1.08089  1.000 69.23240 ? 63  SER A C   1 
ATOM   258 O  O   . SER A 1 37 ? -7.20159  7.49155   -1.02671  1.000 74.21978 ? 63  SER A O   1 
ATOM   259 C  CB  . SER A 1 37 ? -4.54783  7.04427   0.73467   1.000 74.21078 ? 63  SER A CB  1 
ATOM   260 O  OG  . SER A 1 37 ? -4.33706  6.82460   2.11890   1.000 85.57131 ? 63  SER A OG  1 
ATOM   261 N  N   . ASN A 1 38 ? -5.65236  6.39329   -2.23197  1.000 69.82017 ? 64  ASN A N   1 
ATOM   262 C  CA  . ASN A 1 38 ? -6.06247  7.00810   -3.48780  1.000 70.61560 ? 64  ASN A CA  1 
ATOM   263 C  C   . ASN A 1 38 ? -7.29976  6.34925   -4.08107  1.000 72.36318 ? 64  ASN A C   1 
ATOM   264 O  O   . ASN A 1 38 ? -8.10715  7.02587   -4.72649  1.000 70.19524 ? 64  ASN A O   1 
ATOM   265 C  CB  . ASN A 1 38 ? -4.90833  6.95701   -4.48655  1.000 72.61130 ? 64  ASN A CB  1 
ATOM   266 C  CG  . ASN A 1 38 ? -3.61788  7.54702   -3.92373  1.000 80.51434 ? 64  ASN A CG  1 
ATOM   267 O  OD1 . ASN A 1 38 ? -3.62625  8.59722   -3.27505  1.000 76.29707 ? 64  ASN A OD1 1 
ATOM   268 N  ND2 . ASN A 1 38 ? -2.50071  6.87534   -4.18021  1.000 77.17064 ? 64  ASN A ND2 1 
ATOM   269 N  N   . CYS A 1 39 ? -7.46634  5.04427   -3.87897  1.000 68.00590 ? 65  CYS A N   1 
ATOM   270 C  CA  . CYS A 1 39 ? -8.63538  4.35364   -4.40573  1.000 64.80026 ? 65  CYS A CA  1 
ATOM   271 C  C   . CYS A 1 39 ? -9.86180  4.58809   -3.53809  1.000 68.47951 ? 65  CYS A C   1 
ATOM   272 O  O   . CYS A 1 39 ? -10.97483 4.73153   -4.05630  1.000 69.05983 ? 65  CYS A O   1 
ATOM   273 C  CB  . CYS A 1 39 ? -8.34755  2.86047   -4.50799  1.000 65.25581 ? 65  CYS A CB  1 
ATOM   274 S  SG  . CYS A 1 39 ? -7.19906  2.45081   -5.80903  1.000 69.84982 ? 65  CYS A SG  1 
ATOM   275 N  N   . ARG A 1 40 ? -9.66921  4.61368   -2.21900  1.000 64.14909 ? 66  ARG A N   1 
ATOM   276 C  CA  . ARG A 1 40 ? -10.75372 4.80465   -1.25394  1.000 66.12677 ? 66  ARG A CA  1 
ATOM   277 C  C   . ARG A 1 40 ? -11.77697 5.86358   -1.65320  1.000 73.04843 ? 66  ARG A C   1 
ATOM   278 O  O   . ARG A 1 40 ? -12.97689 5.55492   -1.63871  1.000 68.70547 ? 66  ARG A O   1 
ATOM   279 C  CB  . ARG A 1 40 ? -10.10907 5.13798   0.09895   1.000 64.58688 ? 66  ARG A CB  1 
ATOM   280 C  CG  . ARG A 1 40 ? -10.97428 4.87709   1.28666   1.000 66.15929 ? 66  ARG A CG  1 
ATOM   281 C  CD  . ARG A 1 40 ? -10.11224 4.74829   2.51687   1.000 63.35037 ? 66  ARG A CD  1 
ATOM   282 N  NE  . ARG A 1 40 ? -9.62367  3.38733   2.64660   1.000 53.00228 ? 66  ARG A NE  1 
ATOM   283 C  CZ  . ARG A 1 40 ? -10.25685 2.45172   3.33657   1.000 55.46413 ? 66  ARG A CZ  1 
ATOM   284 N  NH1 . ARG A 1 40 ? -11.39557 2.71329   3.95844   1.000 57.79673 ? 66  ARG A NH1 1 
ATOM   285 N  NH2 . ARG A 1 40 ? -9.74808  1.21783   3.38699   1.000 50.30901 ? 66  ARG A NH2 1 
ATOM   286 N  N   . PRO A 1 41 ? -11.39936 7.09300   -2.03155  1.000 73.54342 ? 67  PRO A N   1 
ATOM   287 C  CA  . PRO A 1 41 ? -12.42513 8.09330   -2.36479  1.000 73.07135 ? 67  PRO A CA  1 
ATOM   288 C  C   . PRO A 1 41 ? -13.19064 7.79343   -3.64339  1.000 76.39042 ? 67  PRO A C   1 
ATOM   289 O  O   . PRO A 1 41 ? -14.26143 8.37931   -3.84718  1.000 78.60367 ? 67  PRO A O   1 
ATOM   290 C  CB  . PRO A 1 41 ? -11.62060 9.39770   -2.49476  1.000 75.38437 ? 67  PRO A CB  1 
ATOM   291 C  CG  . PRO A 1 41 ? -10.27068 9.09984   -1.90581  1.000 76.48496 ? 67  PRO A CG  1 
ATOM   292 C  CD  . PRO A 1 41 ? -10.04984 7.65504   -2.20178  1.000 71.20879 ? 67  PRO A CD  1 
ATOM   293 N  N   . LYS A 1 42 ? -12.68327 6.91977   -4.51353  1.000 73.99155 ? 68  LYS A N   1 
ATOM   294 C  CA  . LYS A 1 42 ? -13.37355 6.55973   -5.74508  1.000 76.29289 ? 68  LYS A CA  1 
ATOM   295 C  C   . LYS A 1 42 ? -14.31752 5.37538   -5.56743  1.000 77.31913 ? 68  LYS A C   1 
ATOM   296 O  O   . LYS A 1 42 ? -14.76794 4.80272   -6.56731  1.000 77.37951 ? 68  LYS A O   1 
ATOM   297 C  CB  . LYS A 1 42 ? -12.36301 6.25242   -6.85552  1.000 77.21883 ? 68  LYS A CB  1 
ATOM   298 C  CG  . LYS A 1 42 ? -11.09351 7.08699   -6.81719  1.000 76.54229 ? 68  LYS A CG  1 
ATOM   299 N  N   . LEU A 1 43 ? -14.63836 5.00693   -4.32591  1.000 73.16589 ? 69  LEU A N   1 
ATOM   300 C  CA  . LEU A 1 43 ? -15.38291 3.78892   -4.04878  1.000 64.20995 ? 69  LEU A CA  1 
ATOM   301 C  C   . LEU A 1 43 ? -16.46312 4.07046   -3.01316  1.000 66.90592 ? 69  LEU A C   1 
ATOM   302 O  O   . LEU A 1 43 ? -16.29640 4.92478   -2.13939  1.000 70.35172 ? 69  LEU A O   1 
ATOM   303 C  CB  . LEU A 1 43 ? -14.44897 2.69595   -3.52687  1.000 65.29257 ? 69  LEU A CB  1 
ATOM   304 C  CG  . LEU A 1 43 ? -13.52869 2.06096   -4.56914  1.000 69.23889 ? 69  LEU A CG  1 
ATOM   305 C  CD1 . LEU A 1 43 ? -12.45372 1.23222   -3.88214  1.000 57.29194 ? 69  LEU A CD1 1 
ATOM   306 C  CD2 . LEU A 1 43 ? -14.30701 1.24562   -5.59282  1.000 69.47953 ? 69  LEU A CD2 1 
ATOM   307 N  N   . THR A 1 44 ? -17.56792 3.33253   -3.10200  1.000 61.54539 ? 70  THR A N   1 
ATOM   308 C  CA  . THR A 1 44 ? -18.65183 3.44924   -2.13423  1.000 61.84390 ? 70  THR A CA  1 
ATOM   309 C  C   . THR A 1 44 ? -18.75117 2.24873   -1.20595  1.000 59.73878 ? 70  THR A C   1 
ATOM   310 O  O   . THR A 1 44 ? -19.66752 2.19581   -0.38137  1.000 66.77646 ? 70  THR A O   1 
ATOM   311 C  CB  . THR A 1 44 ? -19.99542 3.65959   -2.84536  1.000 67.42060 ? 70  THR A CB  1 
ATOM   312 O  OG1 . THR A 1 44 ? -20.29209 2.52908   -3.67608  1.000 68.55480 ? 70  THR A OG1 1 
ATOM   313 C  CG2 . THR A 1 44 ? -19.97081 4.91982   -3.68223  1.000 66.21572 ? 70  THR A CG2 1 
ATOM   314 N  N   . CYS A 1 45 ? -17.84137 1.28905   -1.31760  1.000 53.27140 ? 71  CYS A N   1 
ATOM   315 C  CA  . CYS A 1 45 ? -17.85940 0.10244   -0.47375  1.000 51.58720 ? 71  CYS A CA  1 
ATOM   316 C  C   . CYS A 1 45 ? -16.57540 -0.67560  -0.72554  1.000 45.09343 ? 71  CYS A C   1 
ATOM   317 O  O   . CYS A 1 45 ? -15.82130 -0.38971  -1.65770  1.000 49.10364 ? 71  CYS A O   1 
ATOM   318 C  CB  . CYS A 1 45 ? -19.08883 -0.77088  -0.74248  1.000 54.55983 ? 71  CYS A CB  1 
ATOM   319 S  SG  . CYS A 1 45 ? -19.29545 -1.24830  -2.46314  1.000 63.64686 ? 71  CYS A SG  1 
ATOM   320 N  N   . CYS A 1 46 ? -16.34091 -1.65805  0.11924   1.000 44.14329 ? 72  CYS A N   1 
ATOM   321 C  CA  . CYS A 1 46 ? -15.13450 -2.45320  0.04023   1.000 43.56022 ? 72  CYS A CA  1 
ATOM   322 C  C   . CYS A 1 46 ? -15.09189 -3.16144  -1.30455  1.000 44.26582 ? 72  CYS A C   1 
ATOM   323 O  O   . CYS A 1 46 ? -16.04848 -3.86126  -1.64727  1.000 46.06978 ? 72  CYS A O   1 
ATOM   324 C  CB  . CYS A 1 46 ? -15.10277 -3.46601  1.17389   1.000 37.95562 ? 72  CYS A CB  1 
ATOM   325 S  SG  . CYS A 1 46 ? -13.71375 -4.60085  1.06595   1.000 38.17524 ? 72  CYS A SG  1 
ATOM   326 N  N   . PRO A 1 47 ? -14.03282 -2.99186  -2.10497  1.000 42.90552 ? 73  PRO A N   1 
ATOM   327 C  CA  . PRO A 1 47 ? -14.00974 -3.64770  -3.42058  1.000 45.71757 ? 73  PRO A CA  1 
ATOM   328 C  C   . PRO A 1 47 ? -13.93815 -5.15521  -3.32655  1.000 41.59046 ? 73  PRO A C   1 
ATOM   329 O  O   . PRO A 1 47 ? -14.27147 -5.83791  -4.29760  1.000 48.01794 ? 73  PRO A O   1 
ATOM   330 C  CB  . PRO A 1 47 ? -12.74926 -3.08265  -4.08736  1.000 51.38485 ? 73  PRO A CB  1 
ATOM   331 C  CG  . PRO A 1 47 ? -12.03288 -2.28063  -3.04432  1.000 46.45428 ? 73  PRO A CG  1 
ATOM   332 C  CD  . PRO A 1 47 ? -12.72494 -2.43839  -1.73581  1.000 50.44623 ? 73  PRO A CD  1 
ATOM   333 N  N   . THR A 1 48 ? -13.49879 -5.70095  -2.20013  1.000 41.36269 ? 74  THR A N   1 
ATOM   334 C  CA  . THR A 1 48 ? -13.38021 -7.14656  -2.08727  1.000 40.97484 ? 74  THR A CA  1 
ATOM   335 C  C   . THR A 1 48 ? -14.69472 -7.78669  -1.65015  1.000 39.15923 ? 74  THR A C   1 
ATOM   336 O  O   . THR A 1 48 ? -15.16779 -8.72263  -2.29302  1.000 45.79055 ? 74  THR A O   1 
ATOM   337 C  CB  . THR A 1 48 ? -12.24191 -7.51008  -1.11975  1.000 39.96433 ? 74  THR A CB  1 
ATOM   338 O  OG1 . THR A 1 48 ? -11.00008 -6.94447  -1.57568  1.000 44.15437 ? 74  THR A OG1 1 
ATOM   339 C  CG2 . THR A 1 48 ? -12.10485 -9.02010  -0.96917  1.000 39.57375 ? 74  THR A CG2 1 
ATOM   340 N  N   . CYS A 1 49 ? -15.31721 -7.29271  -0.57699  1.000 43.99649 ? 75  CYS A N   1 
ATOM   341 C  CA  . CYS A 1 49 ? -16.52520 -7.93385  -0.06955  1.000 42.99385 ? 75  CYS A CA  1 
ATOM   342 C  C   . CYS A 1 49 ? -17.79959 -7.13363  -0.28457  1.000 37.98845 ? 75  CYS A C   1 
ATOM   343 O  O   . CYS A 1 49 ? -18.88134 -7.66250  -0.01749  1.000 46.33809 ? 75  CYS A O   1 
ATOM   344 C  CB  . CYS A 1 49 ? -16.38069 -8.23805  1.42778   1.000 37.35654 ? 75  CYS A CB  1 
ATOM   345 S  SG  . CYS A 1 49 ? -16.37864 -6.80190  2.47038   1.000 40.06567 ? 75  CYS A SG  1 
ATOM   346 N  N   . ARG A 1 50 ? -17.70530 -5.89116  -0.76063  1.000 41.87325 ? 76  ARG A N   1 
ATOM   347 C  CA  . ARG A 1 50 ? -18.82611 -4.97800  -0.97971  1.000 46.89733 ? 76  ARG A CA  1 
ATOM   348 C  C   . ARG A 1 50 ? -19.49838 -4.54828  0.31741   1.000 43.80583 ? 76  ARG A C   1 
ATOM   349 O  O   . ARG A 1 50 ? -20.55239 -3.89911  0.27724   1.000 44.37249 ? 76  ARG A O   1 
ATOM   350 C  CB  . ARG A 1 50 ? -19.86372 -5.55974  -1.94405  1.000 54.06857 ? 76  ARG A CB  1 
ATOM   351 C  CG  . ARG A 1 50 ? -19.27988 -5.96883  -3.28432  1.000 50.41625 ? 76  ARG A CG  1 
ATOM   352 C  CD  . ARG A 1 50 ? -20.20352 -6.93409  -4.01480  1.000 64.44816 ? 76  ARG A CD  1 
ATOM   353 N  NE  . ARG A 1 50 ? -21.50862 -6.38240  -4.39658  1.000 68.36637 ? 76  ARG A NE  1 
ATOM   354 C  CZ  . ARG A 1 50 ? -21.74381 -5.16621  -4.89028  1.000 79.46359 ? 76  ARG A CZ  1 
ATOM   355 N  NH1 . ARG A 1 50 ? -20.76262 -4.32011  -5.18059  1.000 82.37043 ? 76  ARG A NH1 1 
ATOM   356 N  NH2 . ARG A 1 50 ? -23.00202 -4.79010  -5.11414  1.000 75.88977 ? 76  ARG A NH2 1 
ATOM   357 N  N   . GLY A 1 51 ? -18.92602 -4.89555  1.46540   1.000 38.21921 ? 77  GLY A N   1 
ATOM   358 C  CA  . GLY A 1 51 ? -19.31315 -4.30225  2.71821   1.000 40.39221 ? 77  GLY A CA  1 
ATOM   359 C  C   . GLY A 1 51 ? -18.90670 -2.83980  2.77325   1.000 41.16684 ? 77  GLY A C   1 
ATOM   360 O  O   . GLY A 1 51 ? -18.17834 -2.34387  1.91031   1.000 44.09551 ? 77  GLY A O   1 
ATOM   361 N  N   . PRO A 1 52 ? -19.37910 -2.11404  3.78121   1.000 44.50046 ? 78  PRO A N   1 
ATOM   362 C  CA  . PRO A 1 52 ? -18.95731 -0.71470  3.92827   1.000 43.83701 ? 78  PRO A CA  1 
ATOM   363 C  C   . PRO A 1 52 ? -17.44399 -0.58463  4.03597   1.000 40.78564 ? 78  PRO A C   1 
ATOM   364 O  O   . PRO A 1 52 ? -16.73364 -1.47756  4.52327   1.000 37.38399 ? 78  PRO A O   1 
ATOM   365 C  CB  . PRO A 1 52 ? -19.65954 -0.25454  5.21215   1.000 52.72651 ? 78  PRO A CB  1 
ATOM   366 C  CG  . PRO A 1 52 ? -20.75492 -1.24794  5.43844   1.000 49.87267 ? 78  PRO A CG  1 
ATOM   367 C  CD  . PRO A 1 52 ? -20.28123 -2.54573  4.85743   1.000 43.65207 ? 78  PRO A CD  1 
ATOM   368 N  N   . LEU A 1 53 ? -16.94676 0.51441   3.48698   1.000 47.35252 ? 79  LEU A N   1 
ATOM   369 C  CA  . LEU A 1 53 ? -15.52375 0.79664   3.56503   1.000 45.16128 ? 79  LEU A CA  1 
ATOM   370 C  C   . LEU A 1 53 ? -15.12335 1.04134   5.01466   1.000 43.03267 ? 79  LEU A C   1 
ATOM   371 O  O   . LEU A 1 53 ? -14.17518 0.43941   5.52536   1.000 46.46014 ? 79  LEU A O   1 
ATOM   372 C  CB  . LEU A 1 53 ? -15.21605 2.00923   2.69404   1.000 51.35389 ? 79  LEU A CB  1 
ATOM   373 C  CG  . LEU A 1 53 ? -14.93690 1.72365   1.21936   1.000 53.09997 ? 79  LEU A CG  1 
ATOM   374 C  CD1 . LEU A 1 53 ? -14.96459 3.01686   0.43051   1.000 55.40637 ? 79  LEU A CD1 1 
ATOM   375 C  CD2 . LEU A 1 53 ? -13.61726 0.99442   1.04102   1.000 47.23277 ? 79  LEU A CD2 1 
ATOM   376 N  N   . GLY A 1 54 ? -15.87507 1.89482   5.69942   1.000 55.34904 ? 80  GLY A N   1 
ATOM   377 C  CA  . GLY A 1 54 ? -15.59717 2.25766   7.07029   1.000 56.97308 ? 80  GLY A CA  1 
ATOM   378 C  C   . GLY A 1 54 ? -14.19993 2.80888   7.26922   1.000 53.06370 ? 80  GLY A C   1 
ATOM   379 O  O   . GLY A 1 54 ? -13.53471 3.24311   6.32041   1.000 50.27460 ? 80  GLY A O   1 
ATOM   380 N  N   . SER A 1 55 ? -13.74398 2.76887   8.51331   1.000 41.49545 ? 81  SER A N   1 
ATOM   381 C  CA  . SER A 1 55 ? -12.49289 3.41488   8.87686   1.000 39.53206 ? 81  SER A CA  1 
ATOM   382 C  C   . SER A 1 55 ? -11.91572 2.73251   10.09761  1.000 37.49419 ? 81  SER A C   1 
ATOM   383 O  O   . SER A 1 55 ? -11.29047 3.37068   10.95176  1.000 37.64100 ? 81  SER A O   1 
ATOM   384 C  CB  . SER A 1 55 ? -12.70153 4.90436   9.13924   1.000 42.30322 ? 81  SER A CB  1 
ATOM   385 O  OG  . SER A 1 55 ? -13.63391 5.04991   10.18463  1.000 47.66170 ? 81  SER A OG  1 
ATOM   386 N  N   . ILE A 1 56 ? -12.12210 1.42169   10.18936  1.000 37.11405 ? 82  ILE A N   1 
ATOM   387 C  CA  . ILE A 1 56 ? -11.44275 0.62640   11.19255  1.000 36.06827 ? 82  ILE A CA  1 
ATOM   388 C  C   . ILE A 1 56 ? -9.94553  0.75612   10.96105  1.000 37.05594 ? 82  ILE A C   1 
ATOM   389 O  O   . ILE A 1 56 ? -9.47920  0.72595   9.82255   1.000 38.92291 ? 82  ILE A O   1 
ATOM   390 C  CB  . ILE A 1 56 ? -11.88416 -0.84003  11.07637  1.000 33.87196 ? 82  ILE A CB  1 
ATOM   391 C  CG1 . ILE A 1 56 ? -13.38118 -0.98268  11.38668  1.000 35.42617 ? 82  ILE A CG1 1 
ATOM   392 C  CG2 . ILE A 1 56 ? -11.03958 -1.70287  11.97641  1.000 32.72676 ? 82  ILE A CG2 1 
ATOM   393 C  CD1 . ILE A 1 56 ? -13.91711 -2.27933  10.92866  1.000 36.42133 ? 82  ILE A CD1 1 
ATOM   394 N  N   . ARG A 1 57 ? -9.18553  0.91031   12.03051  1.000 35.37721 ? 83  ARG A N   1 
ATOM   395 C  CA  . ARG A 1 57 ? -7.76128  1.20139   11.92052  1.000 33.17782 ? 83  ARG A CA  1 
ATOM   396 C  C   . ARG A 1 57 ? -6.97641  -0.09864  12.08709  1.000 36.15744 ? 83  ARG A C   1 
ATOM   397 O  O   . ARG A 1 57 ? -7.14334  -0.80396  13.08533  1.000 36.53147 ? 83  ARG A O   1 
ATOM   398 C  CB  . ARG A 1 57 ? -7.35314  2.23793   12.96650  1.000 34.89838 ? 83  ARG A CB  1 
ATOM   399 C  CG  . ARG A 1 57 ? -5.90201  2.63304   12.87434  1.000 42.83342 ? 83  ARG A CG  1 
ATOM   400 C  CD  . ARG A 1 57 ? -5.68527  3.86706   12.02294  1.000 45.75457 ? 83  ARG A CD  1 
ATOM   401 N  NE  . ARG A 1 57 ? -4.31143  4.32586   12.16409  1.000 43.00089 ? 83  ARG A NE  1 
ATOM   402 C  CZ  . ARG A 1 57 ? -3.87526  5.26176   12.99840  1.000 47.67182 ? 83  ARG A CZ  1 
ATOM   403 N  NH1 . ARG A 1 57 ? -4.71322  6.03859   13.69430  1.000 46.95908 ? 83  ARG A NH1 1 
ATOM   404 N  NH2 . ARG A 1 57 ? -2.56602  5.44437   13.11972  1.000 47.41680 ? 83  ARG A NH2 1 
ATOM   405 N  N   . ASN A 1 58 ? -6.12126  -0.42100  11.11737  1.000 30.93596 ? 84  ASN A N   1 
ATOM   406 C  CA  . ASN A 1 58 ? -5.23429  -1.58291  11.25740  1.000 35.14039 ? 84  ASN A CA  1 
ATOM   407 C  C   . ASN A 1 58 ? -3.87327  -1.10444  11.76686  1.000 37.17834 ? 84  ASN A C   1 
ATOM   408 O  O   . ASN A 1 58 ? -2.91508  -0.93336  11.01561  1.000 36.30319 ? 84  ASN A O   1 
ATOM   409 C  CB  . ASN A 1 58 ? -5.14676  -2.37799  9.94151   1.000 32.16185 ? 84  ASN A CB  1 
ATOM   410 C  CG  . ASN A 1 58 ? -4.58519  -3.77053  10.15943  1.000 34.09437 ? 84  ASN A CG  1 
ATOM   411 O  OD1 . ASN A 1 58 ? -3.78809  -3.96657  11.07162  1.000 34.24912 ? 84  ASN A OD1 1 
ATOM   412 N  ND2 . ASN A 1 58 ? -5.04535  -4.75138  9.37973   1.000 29.76538 ? 84  ASN A ND2 1 
ATOM   413 N  N   . LEU A 1 59 ? -3.80316  -0.86807  13.08501  1.000 34.04171 ? 85  LEU A N   1 
ATOM   414 C  CA  . LEU A 1 59 ? -2.56581  -0.37870  13.68651  1.000 38.55301 ? 85  LEU A CA  1 
ATOM   415 C  C   . LEU A 1 59 ? -1.44840  -1.40466  13.55740  1.000 39.30957 ? 85  LEU A C   1 
ATOM   416 O  O   . LEU A 1 59 ? -0.28585  -1.03557  13.38570  1.000 36.21263 ? 85  LEU A O   1 
ATOM   417 C  CB  . LEU A 1 59 ? -2.76313  -0.04987  15.16174  1.000 41.23077 ? 85  LEU A CB  1 
ATOM   418 C  CG  . LEU A 1 59 ? -3.57373  1.16565   15.59405  1.000 42.05366 ? 85  LEU A CG  1 
ATOM   419 C  CD1 . LEU A 1 59 ? -3.69625  1.10627   17.08729  1.000 38.23841 ? 85  LEU A CD1 1 
ATOM   420 C  CD2 . LEU A 1 59 ? -2.90606  2.47179   15.14875  1.000 38.47742 ? 85  LEU A CD2 1 
ATOM   421 N  N   . ALA A 1 60 ? -1.77590  -2.69305  13.69233  1.000 32.43642 ? 86  ALA A N   1 
ATOM   422 C  CA  . ALA A 1 60 ? -0.74510  -3.72983  13.66695  1.000 38.31119 ? 86  ALA A CA  1 
ATOM   423 C  C   . ALA A 1 60 ? -0.01435  -3.76346  12.32534  1.000 37.57375 ? 86  ALA A C   1 
ATOM   424 O  O   . ALA A 1 60 ? 1.21884   -3.84748  12.27473  1.000 36.20306 ? 86  ALA A O   1 
ATOM   425 C  CB  . ALA A 1 60 ? -1.36738  -5.09138  13.97554  1.000 37.95179 ? 86  ALA A CB  1 
ATOM   426 N  N   . MET A 1 61 ? -0.76438  -3.72360  11.22953  1.000 30.89575 ? 87  MET A N   1 
ATOM   427 C  CA  . MET A 1 61 ? -0.17682  -3.62829  9.89262   1.000 35.06857 ? 87  MET A CA  1 
ATOM   428 C  C   . MET A 1 61 ? 0.67840   -2.38600  9.71970   1.000 38.47035 ? 87  MET A C   1 
ATOM   429 O  O   . MET A 1 61 ? 1.69291   -2.43460  9.01157   1.000 38.26141 ? 87  MET A O   1 
ATOM   430 C  CB  . MET A 1 61 ? -1.29773  -3.64663  8.86508   1.000 37.34076 ? 87  MET A CB  1 
ATOM   431 C  CG  . MET A 1 61 ? -1.67459  -5.01358  8.32626   1.000 36.84550 ? 87  MET A CG  1 
ATOM   432 S  SD  . MET A 1 61 ? -0.35778  -6.27483  8.09836   1.000 38.76681 ? 87  MET A SD  1 
ATOM   433 C  CE  . MET A 1 61 ? 0.08471   -5.93438  6.42963   1.000 37.37652 ? 87  MET A CE  1 
ATOM   434 N  N   . GLU A 1 62 ? 0.25097   -1.24285  10.28126  1.000 34.13394 ? 88  GLU A N   1 
ATOM   435 C  CA  . GLU A 1 62 ? 1.11454   -0.06368  10.24122  1.000 35.06332 ? 88  GLU A CA  1 
ATOM   436 C  C   . GLU A 1 62 ? 2.43346   -0.33940  10.92915  1.000 39.89433 ? 88  GLU A C   1 
ATOM   437 O  O   . GLU A 1 62 ? 3.47981   0.15964   10.49999  1.000 40.75712 ? 88  GLU A O   1 
ATOM   438 C  CB  . GLU A 1 62 ? 0.44072   1.14129   10.89111  1.000 37.01188 ? 88  GLU A CB  1 
ATOM   439 C  CG  . GLU A 1 62 ? -0.81708  1.60903   10.16372  1.000 39.80766 ? 88  GLU A CG  1 
ATOM   440 C  CD  . GLU A 1 62 ? -1.55258  2.70752   10.92556  1.000 39.64163 ? 88  GLU A CD  1 
ATOM   441 O  OE1 . GLU A 1 62 ? -1.01041  3.25508   11.90963  1.000 41.99623 ? 88  GLU A OE1 1 
ATOM   442 O  OE2 . GLU A 1 62 ? -2.67958  3.02116   10.53806  1.000 43.75157 ? 88  GLU A OE2 1 
ATOM   443 N  N   . LYS A 1 63 ? 2.41358   -1.11270  12.01293  1.000 36.94224 ? 89  LYS A N   1 
ATOM   444 C  CA  . LYS A 1 63 ? 3.67725   -1.39812  12.68697  1.000 36.38003 ? 89  LYS A CA  1 
ATOM   445 C  C   . LYS A 1 63 ? 4.54223   -2.35472  11.86825  1.000 38.39786 ? 89  LYS A C   1 
ATOM   446 O  O   . LYS A 1 63 ? 5.76676   -2.18921  11.80540  1.000 38.72425 ? 89  LYS A O   1 
ATOM   447 C  CB  . LYS A 1 63 ? 3.43043   -1.95651  14.08416  1.000 36.46580 ? 89  LYS A CB  1 
ATOM   448 C  CG  . LYS A 1 63 ? 2.96768   -0.85600  15.06094  1.000 44.78250 ? 89  LYS A CG  1 
ATOM   449 C  CD  . LYS A 1 63 ? 2.57379   -1.38422  16.41599  1.000 51.46420 ? 89  LYS A CD  1 
ATOM   450 C  CE  . LYS A 1 63 ? 1.88013   -0.27839  17.23398  1.000 55.83300 ? 89  LYS A CE  1 
ATOM   451 N  NZ  . LYS A 1 63 ? 1.36754   0.78361   16.32365  1.000 59.16189 ? 89  LYS A NZ  1 
ATOM   452 N  N   . VAL A 1 64 ? 3.92975   -3.38175  11.26551  1.000 35.50685 ? 90  VAL A N   1 
ATOM   453 C  CA  . VAL A 1 64 ? 4.64557   -4.22370  10.30615  1.000 39.23082 ? 90  VAL A CA  1 
ATOM   454 C  C   . VAL A 1 64 ? 5.27906   -3.37307  9.22530   1.000 41.63152 ? 90  VAL A C   1 
ATOM   455 O  O   . VAL A 1 64 ? 6.40632   -3.63396  8.78886   1.000 39.18248 ? 90  VAL A O   1 
ATOM   456 C  CB  . VAL A 1 64 ? 3.70277   -5.27096  9.68545   1.000 35.03486 ? 90  VAL A CB  1 
ATOM   457 C  CG1 . VAL A 1 64 ? 4.42782   -6.08536  8.59195   1.000 36.28415 ? 90  VAL A CG1 1 
ATOM   458 C  CG2 . VAL A 1 64 ? 3.14627   -6.18209  10.77369  1.000 35.14151 ? 90  VAL A CG2 1 
ATOM   459 N  N   . ALA A 1 65 ? 4.55474   -2.35709  8.75584   1.000 36.83788 ? 91  ALA A N   1 
ATOM   460 C  CA  . ALA A 1 65 ? 5.05053   -1.56194  7.63903   1.000 39.96816 ? 91  ALA A CA  1 
ATOM   461 C  C   . ALA A 1 65 ? 6.37562   -0.88893  7.96882   1.000 46.33866 ? 91  ALA A C   1 
ATOM   462 O  O   . ALA A 1 65 ? 7.19593   -0.69196  7.06583   1.000 44.13869 ? 91  ALA A O   1 
ATOM   463 C  CB  . ALA A 1 65 ? 4.00563   -0.53082  7.22222   1.000 41.54822 ? 91  ALA A CB  1 
ATOM   464 N  N   . ASN A 1 66 ? 6.62934   -0.56337  9.24938   1.000 41.35383 ? 92  ASN A N   1 
ATOM   465 C  CA  . ASN A 1 66 ? 7.94023   -0.02061  9.63614   1.000 52.61233 ? 92  ASN A CA  1 
ATOM   466 C  C   . ASN A 1 66 ? 9.08624   -1.00958  9.43581   1.000 51.97673 ? 92  ASN A C   1 
ATOM   467 O  O   . ASN A 1 66 ? 10.23965  -0.63883  9.65563   1.000 60.82556 ? 92  ASN A O   1 
ATOM   468 C  CB  . ASN A 1 66 ? 7.95158   0.41849   11.10830  1.000 49.79098 ? 92  ASN A CB  1 
ATOM   469 C  CG  . ASN A 1 66 ? 6.86290   1.42425   11.43885  1.000 54.97631 ? 92  ASN A CG  1 
ATOM   470 O  OD1 . ASN A 1 66 ? 6.42714   2.19799   10.58418  1.000 58.57700 ? 92  ASN A OD1 1 
ATOM   471 N  ND2 . ASN A 1 66 ? 6.40242   1.40507   12.68821  1.000 49.84251 ? 92  ASN A ND2 1 
ATOM   472 N  N   . SER A 1 67 ? 8.80337   -2.25746  9.06959   1.000 50.47644 ? 93  SER A N   1 
ATOM   473 C  CA  . SER A 1 67 ? 9.82446   -3.28106  8.87665   1.000 54.78384 ? 93  SER A CA  1 
ATOM   474 C  C   . SER A 1 67 ? 9.96376   -3.70976  7.42053   1.000 57.13461 ? 93  SER A C   1 
ATOM   475 O  O   . SER A 1 67 ? 10.62380  -4.71772  7.13812   1.000 56.14495 ? 93  SER A O   1 
ATOM   476 C  CB  . SER A 1 67 ? 9.51027   -4.50427  9.74069   1.000 54.19246 ? 93  SER A CB  1 
ATOM   477 O  OG  . SER A 1 67 ? 9.46541   -4.17831  11.11578  1.000 65.74816 ? 93  SER A OG  1 
ATOM   478 N  N   . VAL A 1 68 ? 9.36920   -2.96966  6.49199   1.000 49.82062 ? 94  VAL A N   1 
ATOM   479 C  CA  . VAL A 1 68 ? 9.24849   -3.39324  5.10447   1.000 45.27003 ? 94  VAL A CA  1 
ATOM   480 C  C   . VAL A 1 68 ? 9.82852   -2.29950  4.22170   1.000 44.26626 ? 94  VAL A C   1 
ATOM   481 O  O   . VAL A 1 68 ? 9.59862   -1.11018  4.46368   1.000 41.86452 ? 94  VAL A O   1 
ATOM   482 C  CB  . VAL A 1 68 ? 7.76702   -3.66642  4.74981   1.000 43.66429 ? 94  VAL A CB  1 
ATOM   483 C  CG1 . VAL A 1 68 ? 7.57896   -3.83030  3.26053   1.000 44.38199 ? 94  VAL A CG1 1 
ATOM   484 C  CG2 . VAL A 1 68 ? 7.25751   -4.88342  5.49996   1.000 43.90166 ? 94  VAL A CG2 1 
ATOM   485 N  N   . LEU A 1 69 ? 10.56910  -2.69976  3.19957   1.000 42.38578 ? 95  LEU A N   1 
ATOM   486 C  CA  . LEU A 1 69 ? 11.00754  -1.79723  2.14827   1.000 41.52567 ? 95  LEU A CA  1 
ATOM   487 C  C   . LEU A 1 69 ? 10.05679  -1.96428  0.96850   1.000 46.31354 ? 95  LEU A C   1 
ATOM   488 O  O   . LEU A 1 69 ? 9.91044   -3.07118  0.44365   1.000 46.15343 ? 95  LEU A O   1 
ATOM   489 C  CB  . LEU A 1 69 ? 12.44816  -2.10510  1.74176   1.000 44.00273 ? 95  LEU A CB  1 
ATOM   490 C  CG  . LEU A 1 69 ? 13.46621  -1.88397  2.86352   1.000 44.73223 ? 95  LEU A CG  1 
ATOM   491 C  CD1 . LEU A 1 69 ? 14.82628  -2.46099  2.50782   1.000 39.80651 ? 95  LEU A CD1 1 
ATOM   492 C  CD2 . LEU A 1 69 ? 13.58058  -0.41097  3.26418   1.000 37.76558 ? 95  LEU A CD2 1 
ATOM   493 N  N   . PHE A 1 70 ? 9.39133   -0.86717  0.56694   1.000 44.71574 ? 96  PHE A N   1 
ATOM   494 C  CA  . PHE A 1 70 ? 8.35128   -0.92368  -0.46023  1.000 41.37394 ? 96  PHE A CA  1 
ATOM   495 C  C   . PHE A 1 70 ? 8.91999   -0.49276  -1.79804  1.000 44.92316 ? 96  PHE A C   1 
ATOM   496 O  O   . PHE A 1 70 ? 9.60050   0.53851   -1.85986  1.000 44.49745 ? 96  PHE A O   1 
ATOM   497 C  CB  . PHE A 1 70 ? 7.19150   -0.01389  -0.08294  1.000 41.27357 ? 96  PHE A CB  1 
ATOM   498 C  CG  . PHE A 1 70 ? 6.42853   -0.48776  1.10567   1.000 42.99030 ? 96  PHE A CG  1 
ATOM   499 C  CD1 . PHE A 1 70 ? 5.36898   -1.35696  0.95333   1.000 47.52405 ? 96  PHE A CD1 1 
ATOM   500 C  CD2 . PHE A 1 70 ? 6.79511   -0.09020  2.38260   1.000 43.63715 ? 96  PHE A CD2 1 
ATOM   501 C  CE1 . PHE A 1 70 ? 4.67495   -1.81679  2.04210   1.000 45.01223 ? 96  PHE A CE1 1 
ATOM   502 C  CE2 . PHE A 1 70 ? 6.10350   -0.55079  3.48286   1.000 38.96250 ? 96  PHE A CE2 1 
ATOM   503 C  CZ  . PHE A 1 70 ? 5.03277   -1.41399  3.30215   1.000 47.35081 ? 96  PHE A CZ  1 
ATOM   504 N  N   . PRO A 1 71 ? 8.69517   -1.24183  -2.87092  1.000 43.77648 ? 97  PRO A N   1 
ATOM   505 C  CA  . PRO A 1 71 ? 9.23656   -0.83441  -4.17104  1.000 46.51798 ? 97  PRO A CA  1 
ATOM   506 C  C   . PRO A 1 71 ? 8.65483   0.48729   -4.64466  1.000 47.11411 ? 97  PRO A C   1 
ATOM   507 O  O   . PRO A 1 71 ? 7.48384   0.78569   -4.41071  1.000 48.02252 ? 97  PRO A O   1 
ATOM   508 C  CB  . PRO A 1 71 ? 8.85514   -1.98493  -5.10722  1.000 52.91923 ? 97  PRO A CB  1 
ATOM   509 C  CG  . PRO A 1 71 ? 8.31214   -3.06226  -4.26452  1.000 46.34034 ? 97  PRO A CG  1 
ATOM   510 C  CD  . PRO A 1 71 ? 8.12053   -2.59210  -2.87572  1.000 43.63600 ? 97  PRO A CD  1 
ATOM   511 N  N   . CYS A 1 72 ? 9.50359   1.28686   -5.31088  1.000 40.18652 ? 98  CYS A N   1 
ATOM   512 C  CA  . CYS A 1 72 ? 9.03257   2.49455   -5.97488  1.000 45.68823 ? 98  CYS A CA  1 
ATOM   513 C  C   . CYS A 1 72 ? 7.83359   2.17770   -6.86404  1.000 47.52322 ? 98  CYS A C   1 
ATOM   514 O  O   . CYS A 1 72 ? 7.78526   1.12729   -7.50745  1.000 47.11607 ? 98  CYS A O   1 
ATOM   515 C  CB  . CYS A 1 72 ? 10.15323  3.10044   -6.82231  1.000 43.83108 ? 98  CYS A CB  1 
ATOM   516 S  SG  . CYS A 1 72 ? 9.63195   4.51944   -7.79628  1.000 43.97439 ? 98  CYS A SG  1 
ATOM   517 N  N   . LYS A 1 73 ? 6.86071   3.09537   -6.91035  1.000 45.00041 ? 99  LYS A N   1 
ATOM   518 C  CA  . LYS A 1 73 ? 5.71260   2.88047   -7.79011  1.000 50.10790 ? 99  LYS A CA  1 
ATOM   519 C  C   . LYS A 1 73 ? 6.14315   2.81778   -9.24288  1.000 52.54139 ? 99  LYS A C   1 
ATOM   520 O  O   . LYS A 1 73 ? 5.37101   2.35941   -10.07560 1.000 52.39109 ? 99  LYS A O   1 
ATOM   521 C  CB  . LYS A 1 73 ? 4.67368   3.99719   -7.63658  1.000 50.77898 ? 99  LYS A CB  1 
ATOM   522 C  CG  . LYS A 1 73 ? 5.14396   5.29372   -8.28371  1.000 57.41131 ? 99  LYS A CG  1 
ATOM   523 C  CD  . LYS A 1 73 ? 4.50186   6.55716   -7.73304  1.000 51.78390 ? 99  LYS A CD  1 
ATOM   524 C  CE  . LYS A 1 73 ? 3.09519   6.78988   -8.10499  1.000 60.99568 ? 99  LYS A CE  1 
ATOM   525 N  NZ  . LYS A 1 73 ? 2.87529   8.25818   -7.96295  1.000 65.37461 ? 99  LYS A NZ  1 
ATOM   526 N  N   . TYR A 1 74 ? 7.35372   3.28069   -9.58004  1.000 50.14716 ? 100 TYR A N   1 
ATOM   527 C  CA  . TYR A 1 74 ? 7.81288   3.20582   -10.96279 1.000 48.64622 ? 100 TYR A CA  1 
ATOM   528 C  C   . TYR A 1 74 ? 8.71413   2.00599   -11.20262 1.000 49.91917 ? 100 TYR A C   1 
ATOM   529 O  O   . TYR A 1 74 ? 9.54243   2.02689   -12.11462 1.000 53.08416 ? 100 TYR A O   1 
ATOM   530 C  CB  . TYR A 1 74 ? 8.51472   4.49184   -11.38151 1.000 51.20627 ? 100 TYR A CB  1 
ATOM   531 C  CG  . TYR A 1 74 ? 7.65372   5.71806   -11.22260 1.000 54.26211 ? 100 TYR A CG  1 
ATOM   532 C  CD1 . TYR A 1 74 ? 6.51187   5.89317   -11.98825 1.000 53.84878 ? 100 TYR A CD1 1 
ATOM   533 C  CD2 . TYR A 1 74 ? 7.98988   6.71046   -10.31527 1.000 51.47551 ? 100 TYR A CD2 1 
ATOM   534 C  CE1 . TYR A 1 74 ? 5.71933   7.01257   -11.84081 1.000 56.68323 ? 100 TYR A CE1 1 
ATOM   535 C  CE2 . TYR A 1 74 ? 7.20421   7.83722   -10.16224 1.000 54.19725 ? 100 TYR A CE2 1 
ATOM   536 C  CZ  . TYR A 1 74 ? 6.06844   7.98084   -10.92683 1.000 60.12670 ? 100 TYR A CZ  1 
ATOM   537 O  OH  . TYR A 1 74 ? 5.28604   9.10391   -10.77963 1.000 59.64310 ? 100 TYR A OH  1 
ATOM   538 N  N   . ALA A 1 75 ? 8.55815   0.95002   -10.40602 1.000 52.28841 ? 101 ALA A N   1 
ATOM   539 C  CA  . ALA A 1 75 ? 9.31117   -0.27327  -10.65552 1.000 49.83668 ? 101 ALA A CA  1 
ATOM   540 C  C   . ALA A 1 75 ? 9.03585   -0.81942  -12.05386 1.000 56.69085 ? 101 ALA A C   1 
ATOM   541 O  O   . ALA A 1 75 ? 9.95093   -1.30319  -12.73011 1.000 59.59872 ? 101 ALA A O   1 
ATOM   542 C  CB  . ALA A 1 75 ? 8.98145   -1.31572  -9.58753  1.000 44.63744 ? 101 ALA A CB  1 
ATOM   543 N  N   . SER A 1 76 ? 7.78941   -0.73069  -12.51804 1.000 56.90681 ? 102 SER A N   1 
ATOM   544 C  CA  . SER A 1 76 ? 7.47018   -1.30087  -13.82410 1.000 62.30673 ? 102 SER A CA  1 
ATOM   545 C  C   . SER A 1 76 ? 8.01568   -0.46250  -14.96425 1.000 65.06439 ? 102 SER A C   1 
ATOM   546 O  O   . SER A 1 76 ? 7.98299   -0.91797  -16.11181 1.000 68.80510 ? 102 SER A O   1 
ATOM   547 C  CB  . SER A 1 76 ? 5.96563   -1.46196  -14.00840 1.000 55.83599 ? 102 SER A CB  1 
ATOM   548 O  OG  . SER A 1 76 ? 5.30128   -0.23416  -13.80886 1.000 61.80479 ? 102 SER A OG  1 
ATOM   549 N  N   . SER A 1 77 ? 8.48129   0.75016   -14.68076 1.000 60.01701 ? 103 SER A N   1 
ATOM   550 C  CA  . SER A 1 77 ? 9.26724   1.52732   -15.62442 1.000 60.60408 ? 103 SER A CA  1 
ATOM   551 C  C   . SER A 1 77 ? 10.75962  1.30148   -15.45024 1.000 59.54447 ? 103 SER A C   1 
ATOM   552 O  O   . SER A 1 77 ? 11.55349  1.92065   -16.16547 1.000 60.20438 ? 103 SER A O   1 
ATOM   553 C  CB  . SER A 1 77 ? 8.96122   3.02074   -15.47981 1.000 62.39756 ? 103 SER A CB  1 
ATOM   554 O  OG  . SER A 1 77 ? 7.61471   3.30992   -15.79492 1.000 60.73467 ? 103 SER A OG  1 
ATOM   555 N  N   . GLY A 1 78 ? 11.16063  0.44746   -14.51408 1.000 56.10132 ? 104 GLY A N   1 
ATOM   556 C  CA  . GLY A 1 78 ? 12.55230  0.10012   -14.34859 1.000 55.08121 ? 104 GLY A CA  1 
ATOM   557 C  C   . GLY A 1 78 ? 13.23958  0.63858   -13.10901 1.000 53.15284 ? 104 GLY A C   1 
ATOM   558 O  O   . GLY A 1 78 ? 14.46048  0.48700   -12.99455 1.000 50.40062 ? 104 GLY A O   1 
ATOM   559 N  N   . CYS A 1 79 ? 12.51550  1.25783   -12.17916 1.000 49.29615 ? 105 CYS A N   1 
ATOM   560 C  CA  . CYS A 1 79 ? 13.13311  1.66873   -10.92532 1.000 50.30956 ? 105 CYS A CA  1 
ATOM   561 C  C   . CYS A 1 79 ? 13.30257  0.46367   -10.01241 1.000 51.47169 ? 105 CYS A C   1 
ATOM   562 O  O   . CYS A 1 79 ? 12.35121  -0.27647  -9.76917  1.000 52.16484 ? 105 CYS A O   1 
ATOM   563 C  CB  . CYS A 1 79 ? 12.30061  2.73309   -10.21516 1.000 47.17606 ? 105 CYS A CB  1 
ATOM   564 S  SG  . CYS A 1 79 ? 13.13815  3.29412   -8.72749  1.000 44.66048 ? 105 CYS A SG  1 
ATOM   565 N  N   . GLU A 1 80 ? 14.51204  0.26374   -9.50120  1.000 48.89521 ? 106 GLU A N   1 
ATOM   566 C  CA  . GLU A 1 80 ? 14.78563  -0.86703  -8.62409  1.000 47.75037 ? 106 GLU A CA  1 
ATOM   567 C  C   . GLU A 1 80 ? 14.92780  -0.44918  -7.17024  1.000 43.80416 ? 106 GLU A C   1 
ATOM   568 O  O   . GLU A 1 80 ? 15.30526  -1.26518  -6.32944  1.000 43.68700 ? 106 GLU A O   1 
ATOM   569 C  CB  . GLU A 1 80 ? 16.04095  -1.60008  -9.09054  1.000 50.99123 ? 106 GLU A CB  1 
ATOM   570 C  CG  . GLU A 1 80 ? 16.15936  -1.67904  -10.59179 1.000 57.98314 ? 106 GLU A CG  1 
ATOM   571 C  CD  . GLU A 1 80 ? 17.41756  -2.39004  -11.03343 1.000 58.85996 ? 106 GLU A CD  1 
ATOM   572 O  OE1 . GLU A 1 80 ? 17.83945  -3.34404  -10.34913 1.000 65.66253 ? 106 GLU A OE1 1 
ATOM   573 O  OE2 . GLU A 1 80 ? 18.01775  -1.95679  -12.03652 1.000 65.66368 ? 106 GLU A OE2 1 
ATOM   574 N  N   . ILE A 1 81 ? 14.62150  0.78967   -6.85195  1.000 44.74211 ? 107 ILE A N   1 
ATOM   575 C  CA  . ILE A 1 81 ? 14.75196  1.27690   -5.48765  1.000 38.92246 ? 107 ILE A CA  1 
ATOM   576 C  C   . ILE A 1 81 ? 13.57884  0.76248   -4.66202  1.000 40.28451 ? 107 ILE A C   1 
ATOM   577 O  O   . ILE A 1 81 ? 12.44437  0.74705   -5.13583  1.000 40.49540 ? 107 ILE A O   1 
ATOM   578 C  CB  . ILE A 1 81 ? 14.81070  2.81238   -5.49233  1.000 42.66385 ? 107 ILE A CB  1 
ATOM   579 C  CG1 . ILE A 1 81 ? 16.03247  3.30100   -6.29824  1.000 44.41303 ? 107 ILE A CG1 1 
ATOM   580 C  CG2 . ILE A 1 81 ? 14.82000  3.34961   -4.06714  1.000 40.49506 ? 107 ILE A CG2 1 
ATOM   581 C  CD1 . ILE A 1 81 ? 17.33237  2.55383   -6.00520  1.000 37.83902 ? 107 ILE A CD1 1 
ATOM   582 N  N   . THR A 1 82 ? 13.84987  0.29672   -3.44403  1.000 40.09611 ? 108 THR A N   1 
ATOM   583 C  CA  . THR A 1 82 ? 12.80479  -0.03439  -2.47915  1.000 40.73879 ? 108 THR A CA  1 
ATOM   584 C  C   . THR A 1 82 ? 13.04046  0.81158   -1.23675  1.000 41.15624 ? 108 THR A C   1 
ATOM   585 O  O   . THR A 1 82 ? 14.18894  1.06023   -0.86064  1.000 44.43231 ? 108 THR A O   1 
ATOM   586 C  CB  . THR A 1 82 ? 12.79181  -1.53603  -2.12707  1.000 42.31163 ? 108 THR A CB  1 
ATOM   587 O  OG1 . THR A 1 82 ? 14.05417  -1.90858  -1.57988  1.000 45.90643 ? 108 THR A OG1 1 
ATOM   588 C  CG2 . THR A 1 82 ? 12.58434  -2.35039  -3.35945  1.000 44.72464 ? 108 THR A CG2 1 
ATOM   589 N  N   . LEU A 1 83 ? 11.96134  1.27814   -0.61787  1.000 40.85001 ? 109 LEU A N   1 
ATOM   590 C  CA  . LEU A 1 83 ? 12.03418  2.40927   0.29219   1.000 42.13593 ? 109 LEU A CA  1 
ATOM   591 C  C   . LEU A 1 83 ? 11.21077  2.18234   1.54749   1.000 41.08946 ? 109 LEU A C   1 
ATOM   592 O  O   . LEU A 1 83 ? 10.11931  1.60350   1.48470   1.000 43.03167 ? 109 LEU A O   1 
ATOM   593 C  CB  . LEU A 1 83 ? 11.51448  3.67273   -0.39846  1.000 45.05149 ? 109 LEU A CB  1 
ATOM   594 C  CG  . LEU A 1 83 ? 12.30233  4.13270   -1.60997  1.000 43.82278 ? 109 LEU A CG  1 
ATOM   595 C  CD1 . LEU A 1 83 ? 11.30208  4.39064   -2.72348  1.000 52.39220 ? 109 LEU A CD1 1 
ATOM   596 C  CD2 . LEU A 1 83 ? 12.99196  5.38678   -1.24793  1.000 47.44994 ? 109 LEU A CD2 1 
ATOM   597 N  N   . PRO A 1 84 ? 11.66525  2.70345   2.68276   1.000 42.21806 ? 110 PRO A N   1 
ATOM   598 C  CA  . PRO A 1 84 ? 10.77068  2.80441   3.83706   1.000 39.42040 ? 110 PRO A CA  1 
ATOM   599 C  C   . PRO A 1 84 ? 9.57527   3.65184   3.45027   1.000 41.44499 ? 110 PRO A C   1 
ATOM   600 O  O   . PRO A 1 84 ? 9.66655   4.54200   2.60027   1.000 38.16045 ? 110 PRO A O   1 
ATOM   601 C  CB  . PRO A 1 84 ? 11.62903  3.49645   4.90542   1.000 34.05428 ? 110 PRO A CB  1 
ATOM   602 C  CG  . PRO A 1 84 ? 13.06333  3.41734   4.38121   1.000 40.68766 ? 110 PRO A CG  1 
ATOM   603 C  CD  . PRO A 1 84 ? 12.94469  3.39664   2.90257   1.000 38.81597 ? 110 PRO A CD  1 
ATOM   604 N  N   . HIS A 1 85 ? 8.43465   3.36056   4.06400   1.000 40.76889 ? 111 HIS A N   1 
ATOM   605 C  CA  . HIS A 1 85 ? 7.22803   4.04496   3.62503   1.000 44.03025 ? 111 HIS A CA  1 
ATOM   606 C  C   . HIS A 1 85 ? 7.31797   5.54436   3.86546   1.000 41.60962 ? 111 HIS A C   1 
ATOM   607 O  O   . HIS A 1 85 ? 6.70964   6.32620   3.12907   1.000 42.22040 ? 111 HIS A O   1 
ATOM   608 C  CB  . HIS A 1 85 ? 6.00146   3.43731   4.30206   1.000 42.01445 ? 111 HIS A CB  1 
ATOM   609 C  CG  . HIS A 1 85 ? 5.95793   3.63843   5.77983   1.000 44.39929 ? 111 HIS A CG  1 
ATOM   610 N  ND1 . HIS A 1 85 ? 5.28720   4.68882   6.36387   1.000 48.97879 ? 111 HIS A ND1 1 
ATOM   611 C  CD2 . HIS A 1 85 ? 6.47553   2.90839   6.79583   1.000 46.30596 ? 111 HIS A CD2 1 
ATOM   612 C  CE1 . HIS A 1 85 ? 5.41208   4.61273   7.67708   1.000 53.37432 ? 111 HIS A CE1 1 
ATOM   613 N  NE2 . HIS A 1 85 ? 6.13043   3.54256   7.96551   1.000 49.45525 ? 111 HIS A NE2 1 
ATOM   614 N  N   . THR A 1 86 ? 8.10782   5.97314   4.85008   1.000 42.76785 ? 112 THR A N   1 
ATOM   615 C  CA  . THR A 1 86 ? 8.23118   7.40517   5.10074   1.000 44.42310 ? 112 THR A CA  1 
ATOM   616 C  C   . THR A 1 86 ? 9.00872   8.12340   4.00308   1.000 41.35184 ? 112 THR A C   1 
ATOM   617 O  O   . THR A 1 86 ? 8.91184   9.34762   3.89014   1.000 41.69819 ? 112 THR A O   1 
ATOM   618 C  CB  . THR A 1 86 ? 8.88946   7.64416   6.45705   1.000 45.02392 ? 112 THR A CB  1 
ATOM   619 O  OG1 . THR A 1 86 ? 10.19048  7.04538   6.47070   1.000 43.12959 ? 112 THR A OG1 1 
ATOM   620 C  CG2 . THR A 1 86 ? 8.04212   7.01498   7.54993   1.000 48.19268 ? 112 THR A CG2 1 
ATOM   621 N  N   . GLU A 1 87 ? 9.75077   7.39886   3.17355   1.000 46.15872 ? 113 GLU A N   1 
ATOM   622 C  CA  . GLU A 1 87 ? 10.51837  8.03757   2.11331   1.000 42.58771 ? 113 GLU A CA  1 
ATOM   623 C  C   . GLU A 1 87 ? 9.95457   7.79157   0.73006   1.000 46.07399 ? 113 GLU A C   1 
ATOM   624 O  O   . GLU A 1 87 ? 10.43203  8.41109   -0.22864  1.000 41.71427 ? 113 GLU A O   1 
ATOM   625 C  CB  . GLU A 1 87 ? 11.97737  7.57141   2.15089   1.000 38.68982 ? 113 GLU A CB  1 
ATOM   626 C  CG  . GLU A 1 87 ? 12.65283  7.86739   3.48756   1.000 44.65217 ? 113 GLU A CG  1 
ATOM   627 C  CD  . GLU A 1 87 ? 12.96156  9.34911   3.66264   1.000 40.28580 ? 113 GLU A CD  1 
ATOM   628 O  OE1 . GLU A 1 87 ? 12.79368  10.12160  2.69395   1.000 45.87988 ? 113 GLU A OE1 1 
ATOM   629 O  OE2 . GLU A 1 87 ? 13.33605  9.75697   4.78090   1.000 42.31519 ? 113 GLU A OE2 1 
ATOM   630 N  N   . LYS A 1 88 ? 8.93756   6.93209   0.60927   1.000 43.75628 ? 114 LYS A N   1 
ATOM   631 C  CA  . LYS A 1 88 ? 8.49569   6.47977   -0.70648  1.000 42.29174 ? 114 LYS A CA  1 
ATOM   632 C  C   . LYS A 1 88 ? 7.98088   7.64886   -1.53941  1.000 45.21614 ? 114 LYS A C   1 
ATOM   633 O  O   . LYS A 1 88 ? 8.37469   7.81782   -2.69664  1.000 44.11622 ? 114 LYS A O   1 
ATOM   634 C  CB  . LYS A 1 88 ? 7.42181   5.39822   -0.54209  1.000 46.69086 ? 114 LYS A CB  1 
ATOM   635 C  CG  . LYS A 1 88 ? 7.05898   4.62351   -1.80283  1.000 48.96916 ? 114 LYS A CG  1 
ATOM   636 C  CD  . LYS A 1 88 ? 6.52744   3.23226   -1.41194  1.000 48.55450 ? 114 LYS A CD  1 
ATOM   637 C  CE  . LYS A 1 88 ? 5.71860   2.52762   -2.50691  1.000 52.66824 ? 114 LYS A CE  1 
ATOM   638 N  NZ  . LYS A 1 88 ? 4.99664   3.40264   -3.44558  1.000 48.12720 ? 114 LYS A NZ  1 
ATOM   639 N  N   . ALA A 1 89 ? 7.13527   8.49607   -0.94667  1.000 42.11505 ? 115 ALA A N   1 
ATOM   640 C  CA  . ALA A 1 89 ? 6.49769   9.57411   -1.70250  1.000 46.19588 ? 115 ALA A CA  1 
ATOM   641 C  C   . ALA A 1 89 ? 7.51720   10.58126  -2.22193  1.000 48.51212 ? 115 ALA A C   1 
ATOM   642 O  O   . ALA A 1 89 ? 7.46435   10.98896  -3.38897  1.000 46.20151 ? 115 ALA A O   1 
ATOM   643 C  CB  . ALA A 1 89 ? 5.45602   10.27859  -0.83499  1.000 51.35444 ? 115 ALA A CB  1 
ATOM   644 N  N   . ASP A 1 90 ? 8.44133   11.01889  -1.36033  1.000 47.26590 ? 116 ASP A N   1 
ATOM   645 C  CA  . ASP A 1 90 ? 9.45954   11.96954  -1.80485  1.000 47.49560 ? 116 ASP A CA  1 
ATOM   646 C  C   . ASP A 1 90 ? 10.33435  11.37417  -2.90536  1.000 42.41528 ? 116 ASP A C   1 
ATOM   647 O  O   . ASP A 1 90 ? 10.69196  12.06773  -3.86277  1.000 47.45498 ? 116 ASP A O   1 
ATOM   648 C  CB  . ASP A 1 90 ? 10.31994  12.42969  -0.62783  1.000 45.73464 ? 116 ASP A CB  1 
ATOM   649 C  CG  . ASP A 1 90 ? 9.63054   13.48125  0.22702   1.000 62.52394 ? 116 ASP A CG  1 
ATOM   650 O  OD1 . ASP A 1 90 ? 8.63462   14.09450  -0.23883  1.000 60.20109 ? 116 ASP A OD1 1 
ATOM   651 O  OD2 . ASP A 1 90 ? 10.11236  13.72268  1.35345   1.000 62.23908 ? 116 ASP A OD2 1 
ATOM   652 N  N   . HIS A 1 91 ? 10.68314  10.08945  -2.79508  1.000 42.11840 ? 117 HIS A N   1 
ATOM   653 C  CA  . HIS A 1 91 ? 11.48929  9.46438   -3.84230  1.000 42.85100 ? 117 HIS A CA  1 
ATOM   654 C  C   . HIS A 1 91 ? 10.75627  9.47971   -5.17211  1.000 40.09572 ? 117 HIS A C   1 
ATOM   655 O  O   . HIS A 1 91 ? 11.31806  9.86163   -6.20167  1.000 42.79175 ? 117 HIS A O   1 
ATOM   656 C  CB  . HIS A 1 91 ? 11.84190  8.02421   -3.47964  1.000 43.93552 ? 117 HIS A CB  1 
ATOM   657 C  CG  . HIS A 1 91 ? 12.28648  7.21205   -4.65972  1.000 44.49222 ? 117 HIS A CG  1 
ATOM   658 N  ND1 . HIS A 1 91 ? 13.57600  7.24527   -5.14210  1.000 38.15723 ? 117 HIS A ND1 1 
ATOM   659 C  CD2 . HIS A 1 91 ? 11.59908  6.38378   -5.48355  1.000 36.87040 ? 117 HIS A CD2 1 
ATOM   660 C  CE1 . HIS A 1 91 ? 13.67214  6.45374   -6.19743  1.000 40.04571 ? 117 HIS A CE1 1 
ATOM   661 N  NE2 . HIS A 1 91 ? 12.48634  5.91563   -6.42283  1.000 43.87572 ? 117 HIS A NE2 1 
ATOM   662 N  N   . GLU A 1 92 ? 9.49343   9.06348   -5.16439  1.000 39.76088 ? 118 GLU A N   1 
ATOM   663 C  CA  . GLU A 1 92 ? 8.73442   8.94355   -6.40134  1.000 42.95676 ? 118 GLU A CA  1 
ATOM   664 C  C   . GLU A 1 92 ? 8.54063   10.29151  -7.07134  1.000 44.93201 ? 118 GLU A C   1 
ATOM   665 O  O   . GLU A 1 92 ? 8.38781   10.35709  -8.29626  1.000 46.14817 ? 118 GLU A O   1 
ATOM   666 C  CB  . GLU A 1 92 ? 7.39155   8.26529   -6.10702  1.000 47.61443 ? 118 GLU A CB  1 
ATOM   667 C  CG  . GLU A 1 92 ? 7.56176   6.82756   -5.64496  1.000 42.82380 ? 118 GLU A CG  1 
ATOM   668 C  CD  . GLU A 1 92 ? 6.30446   6.18743   -5.07208  1.000 48.86894 ? 118 GLU A CD  1 
ATOM   669 O  OE1 . GLU A 1 92 ? 5.32872   6.90243   -4.75498  1.000 52.05648 ? 118 GLU A OE1 1 
ATOM   670 O  OE2 . GLU A 1 92 ? 6.29837   4.94638   -4.96938  1.000 45.06154 ? 118 GLU A OE2 1 
ATOM   671 N  N   . GLU A 1 93 ? 8.58852   11.37337  -6.29899  1.000 45.44074 ? 119 GLU A N   1 
ATOM   672 C  CA  . GLU A 1 93 ? 8.40558   12.69093  -6.88379  1.000 48.17811 ? 119 GLU A CA  1 
ATOM   673 C  C   . GLU A 1 93 ? 9.61150   13.10134  -7.72664  1.000 49.86432 ? 119 GLU A C   1 
ATOM   674 O  O   . GLU A 1 93 ? 9.46032   13.85451  -8.69295  1.000 49.82363 ? 119 GLU A O   1 
ATOM   675 C  CB  . GLU A 1 93 ? 8.07188   13.67451  -5.75318  1.000 50.22842 ? 119 GLU A CB  1 
ATOM   676 C  CG  . GLU A 1 93 ? 8.57446   15.08010  -5.86540  1.000 60.36769 ? 119 GLU A CG  1 
ATOM   677 C  CD  . GLU A 1 93 ? 7.92228   15.99400  -4.81942  1.000 69.98564 ? 119 GLU A CD  1 
ATOM   678 O  OE1 . GLU A 1 93 ? 7.43570   15.48494  -3.77967  1.000 75.94497 ? 119 GLU A OE1 1 
ATOM   679 O  OE2 . GLU A 1 93 ? 7.89483   17.22024  -5.04171  1.000 76.87716 ? 119 GLU A OE2 1 
ATOM   680 N  N   . LEU A 1 94 ? 10.80179  12.57356  -7.42797  1.000 45.10240 ? 120 LEU A N   1 
ATOM   681 C  CA  . LEU A 1 94 ? 12.00550  12.89296  -8.18634  1.000 51.07333 ? 120 LEU A CA  1 
ATOM   682 C  C   . LEU A 1 94 ? 12.57024  11.68626  -8.93714  1.000 51.83511 ? 120 LEU A C   1 
ATOM   683 O  O   . LEU A 1 94 ? 13.64982  11.78531  -9.53673  1.000 49.53615 ? 120 LEU A O   1 
ATOM   684 C  CB  . LEU A 1 94 ? 13.06353  13.47435  -7.23752  1.000 51.86081 ? 120 LEU A CB  1 
ATOM   685 C  CG  . LEU A 1 94 ? 12.65738  14.79899  -6.56852  1.000 53.11502 ? 120 LEU A CG  1 
ATOM   686 C  CD1 . LEU A 1 94 ? 13.59693  15.14282  -5.41556  1.000 53.61421 ? 120 LEU A CD1 1 
ATOM   687 C  CD2 . LEU A 1 94 ? 12.56756  15.95575  -7.56815  1.000 51.49862 ? 120 LEU A CD2 1 
ATOM   688 N  N   . CYS A 1 95 ? 11.86182  10.55851  -8.93379  1.000 50.37190 ? 121 CYS A N   1 
ATOM   689 C  CA  . CYS A 1 95 ? 12.42187  9.31821   -9.45113  1.000 48.12576 ? 121 CYS A CA  1 
ATOM   690 C  C   . CYS A 1 95 ? 12.82228  9.43050   -10.91495 1.000 55.62458 ? 121 CYS A C   1 
ATOM   691 O  O   . CYS A 1 95 ? 12.07252  9.95806   -11.74148 1.000 52.16515 ? 121 CYS A O   1 
ATOM   692 C  CB  . CYS A 1 95 ? 11.42853  8.18462   -9.28825  1.000 49.40616 ? 121 CYS A CB  1 
ATOM   693 S  SG  . CYS A 1 95 ? 12.05415  6.63275   -9.90819  1.000 45.68827 ? 121 CYS A SG  1 
ATOM   694 N  N   . GLU A 1 96 ? 14.01625  8.90239   -11.22188 1.000 49.14669 ? 122 GLU A N   1 
ATOM   695 C  CA  . GLU A 1 96 ? 14.52143  8.84786   -12.59551 1.000 54.37375 ? 122 GLU A CA  1 
ATOM   696 C  C   . GLU A 1 96 ? 13.47756  8.31912   -13.57576 1.000 54.76516 ? 122 GLU A C   1 
ATOM   697 O  O   . GLU A 1 96 ? 13.40920  8.76990   -14.72449 1.000 55.78321 ? 122 GLU A O   1 
ATOM   698 C  CB  . GLU A 1 96 ? 15.76612  7.95294   -12.66032 1.000 55.63414 ? 122 GLU A CB  1 
ATOM   699 C  CG  . GLU A 1 96 ? 16.30150  7.74059   -14.07275 1.000 55.21735 ? 122 GLU A CG  1 
ATOM   700 C  CD  . GLU A 1 96 ? 17.63220  6.98556   -14.11736 1.000 59.18228 ? 122 GLU A CD  1 
ATOM   701 O  OE1 . GLU A 1 96 ? 18.09066  6.64473   -15.23552 1.000 61.01338 ? 122 GLU A OE1 1 
ATOM   702 O  OE2 . GLU A 1 96 ? 18.18666  6.67883   -13.04210 1.000 56.91568 ? 122 GLU A OE2 1 
ATOM   703 N  N   . PHE A 1 97 ? 12.66459  7.35252   -13.14739 1.000 51.67243 ? 123 PHE A N   1 
ATOM   704 C  CA  . PHE A 1 97 ? 11.77652  6.62575   -14.04640 1.000 54.74460 ? 123 PHE A CA  1 
ATOM   705 C  C   . PHE A 1 97 ? 10.34187  7.13906   -14.02532 1.000 56.92454 ? 123 PHE A C   1 
ATOM   706 O  O   . PHE A 1 97 ? 9.43884   6.44441   -14.51261 1.000 57.73325 ? 123 PHE A O   1 
ATOM   707 C  CB  . PHE A 1 97 ? 11.81546  5.13343   -13.71735 1.000 55.97404 ? 123 PHE A CB  1 
ATOM   708 C  CG  . PHE A 1 97 ? 13.18748  4.55007   -13.78753 1.000 53.96691 ? 123 PHE A CG  1 
ATOM   709 C  CD1 . PHE A 1 97 ? 13.67575  4.04323   -14.97726 1.000 56.32312 ? 123 PHE A CD1 1 
ATOM   710 C  CD2 . PHE A 1 97 ? 14.00382  4.53581   -12.67579 1.000 50.82098 ? 123 PHE A CD2 1 
ATOM   711 C  CE1 . PHE A 1 97 ? 14.95644  3.52985   -15.05147 1.000 57.02288 ? 123 PHE A CE1 1 
ATOM   712 C  CE2 . PHE A 1 97 ? 15.27826  4.01128   -12.74162 1.000 53.62555 ? 123 PHE A CE2 1 
ATOM   713 C  CZ  . PHE A 1 97 ? 15.75634  3.50951   -13.93730 1.000 57.00113 ? 123 PHE A CZ  1 
ATOM   714 N  N   . ARG A 1 98 ? 10.10242  8.34112   -13.48092 1.000 57.51939 ? 124 ARG A N   1 
ATOM   715 C  CA  . ARG A 1 98 ? 8.73965   8.83091   -13.60953 1.000 62.87711 ? 124 ARG A CA  1 
ATOM   716 C  C   . ARG A 1 98 ? 8.50044   9.33877   -15.03163 1.000 68.75956 ? 124 ARG A C   1 
ATOM   717 O  O   . ARG A 1 98 ? 9.44400   9.73496   -15.72109 1.000 66.92138 ? 124 ARG A O   1 
ATOM   718 C  CB  . ARG A 1 98 ? 8.45264   9.94397   -12.60395 1.000 61.86049 ? 124 ARG A CB  1 
ATOM   719 C  CG  . ARG A 1 98 ? 9.00534   11.30937  -12.96316 1.000 68.97989 ? 124 ARG A CG  1 
ATOM   720 C  CD  . ARG A 1 98 ? 9.64739   11.95166  -11.74243 1.000 69.63124 ? 124 ARG A CD  1 
ATOM   721 N  NE  . ARG A 1 98 ? 9.98998   13.35651  -11.94006 1.000 69.92937 ? 124 ARG A NE  1 
ATOM   722 C  CZ  . ARG A 1 98 ? 11.15481  13.78248  -12.40912 1.000 68.57242 ? 124 ARG A CZ  1 
ATOM   723 N  NH1 . ARG A 1 98 ? 12.12520  12.93523  -12.72245 1.000 65.58980 ? 124 ARG A NH1 1 
ATOM   724 N  NH2 . ARG A 1 98 ? 11.35795  15.09091  -12.55309 1.000 73.75775 ? 124 ARG A NH2 1 
ATOM   725 N  N   . PRO A 1 99 ? 7.24446   9.31813   -15.50533 1.000 69.65533 ? 125 PRO A N   1 
ATOM   726 C  CA  . PRO A 1 99 ? 6.91841   9.80543   -16.85388 1.000 71.72589 ? 125 PRO A CA  1 
ATOM   727 C  C   . PRO A 1 99 ? 7.21511   11.29280  -17.06311 1.000 74.21013 ? 125 PRO A C   1 
ATOM   728 O  O   . PRO A 1 99 ? 7.46937   11.74210  -18.18411 1.000 79.86061 ? 125 PRO A O   1 
ATOM   729 C  CB  . PRO A 1 99 ? 5.41349   9.53743   -16.96742 1.000 80.01413 ? 125 PRO A CB  1 
ATOM   730 C  CG  . PRO A 1 99 ? 4.93411   9.39279   -15.55365 1.000 75.34131 ? 125 PRO A CG  1 
ATOM   731 C  CD  . PRO A 1 99 ? 6.06760   8.74393   -14.83394 1.000 67.80776 ? 125 PRO A CD  1 
HETATM 732 ZN ZN  . ZN  B 2 .  ? -14.15091 -6.12781  2.72312   1.000 37.59831 ? 201 ZN  A ZN  1 
HETATM 733 ZN ZN  . ZN  C 2 .  ? 11.84136  5.10940   -8.22452  1.000 43.22622 ? 202 ZN  A ZN  1 
HETATM 734 ZN ZN  . ZN  D 2 .  ? -5.36259  1.49280   -4.74646  1.000 65.52309 ? 203 ZN  A ZN  1 
HETATM 735 O  O   . HOH E 3 .  ? 7.76505   -3.71698  12.48620  1.000 54.92943 ? 301 HOH A O   1 
HETATM 736 O  O   . HOH E 3 .  ? 11.12915  12.41162  2.98053   1.000 52.91272 ? 302 HOH A O   1 
HETATM 737 O  O   . HOH E 3 .  ? -17.44859 -7.69003  5.31872   1.000 42.93999 ? 303 HOH A O   1 
HETATM 738 O  O   . HOH E 3 .  ? 3.59751   5.41946   -3.01683  1.000 54.99044 ? 304 HOH A O   1 
HETATM 739 O  O   . HOH E 3 .  ? 12.19688  8.70165   6.78942   1.000 48.62199 ? 305 HOH A O   1 
HETATM 740 O  O   . HOH E 3 .  ? 11.84453  -6.25627  5.52064   1.000 57.03461 ? 306 HOH A O   1 
HETATM 741 O  O   . HOH E 3 .  ? -16.94406 -2.98111  6.58061   1.000 35.50872 ? 307 HOH A O   1 
HETATM 742 O  O   . HOH E 3 .  ? -17.21317 -3.28569  13.77730  1.000 41.77958 ? 308 HOH A O   1 
HETATM 743 O  O   . HOH E 3 .  ? 6.08047   8.32740   1.63206   1.000 48.58833 ? 309 HOH A O   1 
HETATM 744 O  O   . HOH E 3 .  ? -14.16615 -0.07671  8.26221   1.000 44.47900 ? 310 HOH A O   1 
HETATM 745 O  O   . HOH E 3 .  ? 4.65387   -6.55197  -3.63080  1.000 55.04817 ? 311 HOH A O   1 
HETATM 746 O  O   . HOH E 3 .  ? 11.06042  5.16547   8.04830   1.000 43.29725 ? 312 HOH A O   1 
HETATM 747 O  O   . HOH E 3 .  ? 20.59010  7.05169   -15.88712 1.000 46.54641 ? 313 HOH A O   1 
HETATM 748 O  O   . HOH E 3 .  ? -17.61148 1.38928   -4.85736  1.000 66.06539 ? 314 HOH A O   1 
HETATM 749 O  O   . HOH E 3 .  ? 8.70365   1.06333   5.82196   1.000 45.32527 ? 315 HOH A O   1 
HETATM 750 O  O   . HOH E 3 .  ? 3.73029   8.99376   -4.84034  1.000 54.28803 ? 316 HOH A O   1 
HETATM 751 O  O   . HOH E 3 .  ? 16.95883  0.90488   -12.27043 1.000 54.51219 ? 317 HOH A O   1 
HETATM 752 O  O   . HOH E 3 .  ? 13.89291  10.51391  -5.99984  1.000 47.73600 ? 318 HOH A O   1 
HETATM 753 O  O   . HOH E 3 .  ? 11.66339  -0.80873  -7.24770  1.000 44.77408 ? 319 HOH A O   1 
HETATM 754 O  O   . HOH E 3 .  ? -3.02551  -8.64167  2.76898   1.000 53.12921 ? 320 HOH A O   1 
HETATM 755 O  O   . HOH E 3 .  ? 5.20498   11.33242  -4.85523  1.000 54.90628 ? 321 HOH A O   1 
HETATM 756 O  O   . HOH E 3 .  ? -16.13460 5.86210   9.49543   1.000 52.37115 ? 322 HOH A O   1 
HETATM 757 O  O   . HOH E 3 .  ? -6.98401  -8.46963  3.41533   1.000 47.05981 ? 323 HOH A O   1 
HETATM 758 O  O   . HOH E 3 .  ? -12.06788 4.04089   13.47970  1.000 36.57879 ? 324 HOH A O   1 
HETATM 759 O  O   . HOH E 3 .  ? -21.91545 -1.79991  1.37448   1.000 53.98352 ? 325 HOH A O   1 
HETATM 760 O  O   . HOH E 3 .  ? 8.24326   10.76483  1.36368   1.000 48.56912 ? 326 HOH A O   1 
HETATM 761 O  O   . HOH E 3 .  ? 16.27077  2.80024   -0.44625  1.000 46.99518 ? 327 HOH A O   1 
HETATM 762 O  O   . HOH E 3 .  ? -6.88172  -7.19441  7.78254   1.000 33.63508 ? 328 HOH A O   1 
HETATM 763 O  O   . HOH E 3 .  ? -6.85868  -6.51141  1.42724   1.000 40.47243 ? 329 HOH A O   1 
HETATM 764 O  O   . HOH E 3 .  ? -4.35647  -6.94038  -2.78937  1.000 56.21891 ? 330 HOH A O   1 
HETATM 765 O  O   . HOH E 3 .  ? -3.94085  -5.81710  0.85460   1.000 49.52157 ? 331 HOH A O   1 
HETATM 766 O  O   . HOH E 3 .  ? 14.20075  12.36669  4.99447   1.000 45.90880 ? 332 HOH A O   1 
HETATM 767 O  O   . HOH E 3 .  ? -12.59222 -12.18664 6.52047   1.000 41.31059 ? 333 HOH A O   1 
HETATM 768 O  O   . HOH E 3 .  ? 2.63140   6.25344   4.76538   1.000 50.75266 ? 334 HOH A O   1 
HETATM 769 O  O   . HOH E 3 .  ? 0.71980   2.56276   14.29298  1.000 51.34984 ? 335 HOH A O   1 
HETATM 770 O  O   . HOH E 3 .  ? -16.20879 -0.89312  -4.36394  1.000 57.11956 ? 336 HOH A O   1 
HETATM 771 O  O   . HOH E 3 .  ? 5.95880   -0.96795  -7.72692  1.000 53.04523 ? 337 HOH A O   1 
HETATM 772 O  O   . HOH E 3 .  ? 15.23211  12.93789  -11.53315 1.000 55.26538 ? 338 HOH A O   1 
HETATM 773 O  O   . HOH E 3 .  ? 16.66556  2.03527   -9.75169  1.000 51.31824 ? 339 HOH A O   1 
HETATM 774 O  O   . HOH E 3 .  ? -1.07578  6.72922   3.20672   1.000 57.73898 ? 340 HOH A O   1 
HETATM 775 O  O   . HOH E 3 .  ? -19.28360 -3.32387  10.47046  1.000 39.62535 ? 341 HOH A O   1 
HETATM 776 O  O   . HOH E 3 .  ? 2.50436   2.63076   -4.52873  1.000 56.84871 ? 342 HOH A O   1 
HETATM 777 O  O   . HOH E 3 .  ? 5.57207   -0.43627  -10.48948 1.000 57.04824 ? 343 HOH A O   1 
HETATM 778 O  O   . HOH E 3 .  ? -8.58649  -7.88022  -0.41358  1.000 48.69704 ? 344 HOH A O   1 
HETATM 779 O  O   . HOH E 3 .  ? 19.08234  4.40541   -11.59871 1.000 53.34587 ? 345 HOH A O   1 
HETATM 780 O  O   . HOH E 3 .  ? 12.71251  10.21931  -0.14586  1.000 48.75195 ? 346 HOH A O   1 
HETATM 781 O  O   . HOH E 3 .  ? -16.19128 -10.40525 9.15593   1.000 39.41752 ? 347 HOH A O   1 
HETATM 782 O  O   . HOH E 3 .  ? -5.87122  2.46332   4.12819   1.000 42.27211 ? 348 HOH A O   1 
HETATM 783 O  O   . HOH E 3 .  ? 12.00353  -2.77424  -11.16937 1.000 54.55374 ? 349 HOH A O   1 
HETATM 784 O  O   . HOH E 3 .  ? -10.59310 -4.34547  -0.35490  1.000 44.88449 ? 350 HOH A O   1 
HETATM 785 O  O   . HOH E 3 .  ? -11.79434 -1.93666  2.73630   1.000 47.73796 ? 351 HOH A O   1 
HETATM 786 O  O   . HOH E 3 .  ? -15.65213 2.08623   10.64335  1.000 43.30244 ? 352 HOH A O   1 
HETATM 787 O  O   . HOH E 3 .  ? -23.32507 -4.39077  -0.84086  1.000 46.70208 ? 353 HOH A O   1 
HETATM 788 O  O   . HOH E 3 .  ? -0.16344  1.98628   18.65770  1.000 64.90133 ? 354 HOH A O   1 
HETATM 789 O  O   . HOH E 3 .  ? 14.36105  -4.78857  -0.61213  1.000 56.83333 ? 355 HOH A O   1 
HETATM 790 O  O   . HOH E 3 .  ? 16.70435  -0.62938  -0.47556  1.000 46.01407 ? 356 HOH A O   1 
HETATM 791 O  O   . HOH E 3 .  ? 6.92380   -0.84950  14.68438  1.000 57.57084 ? 357 HOH A O   1 
HETATM 792 O  O   . HOH E 3 .  ? 16.87478  0.25353   -2.93159  1.000 41.36549 ? 358 HOH A O   1 
HETATM 793 O  O   . HOH E 3 .  ? 11.43166  0.13142   6.62633   1.000 50.86852 ? 359 HOH A O   1 
HETATM 794 O  O   . HOH E 3 .  ? -0.25443  -2.47542  17.19213  1.000 49.04029 ? 360 HOH A O   1 
HETATM 795 O  O   . HOH E 3 .  ? 13.54470  14.20583  2.83874   1.000 55.40630 ? 361 HOH A O   1 
HETATM 796 O  O   . HOH E 3 .  ? 3.24732   3.30529   13.77492  1.000 58.26404 ? 362 HOH A O   1 
HETATM 797 O  O   . HOH E 3 .  ? 12.75895  -4.16129  -9.53727  1.000 60.98578 ? 363 HOH A O   1 
HETATM 798 O  O   . HOH E 3 .  ? -21.82175 0.68912   2.54928   1.000 57.03556 ? 364 HOH A O   1 
HETATM 799 O  O   . HOH E 3 .  ? -18.51245 -5.24724  5.97597   1.000 39.60078 ? 365 HOH A O   1 
HETATM 800 O  O   . HOH E 3 .  ? 17.57868  -3.09709  -0.28500  1.000 48.92386 ? 366 HOH A O   1 
HETATM 801 O  O   . HOH E 3 .  ? 11.15953  -3.24213  -7.17157  1.000 51.04092 ? 367 HOH A O   1 
HETATM 802 O  O   . HOH E 3 .  ? 16.96863  4.72718   -9.41834  1.000 44.88706 ? 368 HOH A O   1 
HETATM 803 O  O   . HOH E 3 .  ? -16.63431 -0.26926  9.80277   1.000 45.49648 ? 369 HOH A O   1 
HETATM 804 O  O   . HOH E 3 .  ? 19.47670  2.42421   -12.92904 1.000 58.97219 ? 370 HOH A O   1 
HETATM 805 O  O   . HOH E 3 .  ? -18.60786 -1.74740  8.56322   1.000 48.99196 ? 371 HOH A O   1 
HETATM 806 O  O   . HOH E 3 .  ? 19.45697  1.29693   -8.75333  1.000 53.65316 ? 372 HOH A O   1 
# 
loop_
_atom_site_anisotrop.id 
_atom_site_anisotrop.type_symbol 
_atom_site_anisotrop.pdbx_label_atom_id 
_atom_site_anisotrop.pdbx_label_alt_id 
_atom_site_anisotrop.pdbx_label_comp_id 
_atom_site_anisotrop.pdbx_label_asym_id 
_atom_site_anisotrop.pdbx_label_seq_id 
_atom_site_anisotrop.pdbx_PDB_ins_code 
_atom_site_anisotrop.U[1][1] 
_atom_site_anisotrop.U[2][2] 
_atom_site_anisotrop.U[3][3] 
_atom_site_anisotrop.U[1][2] 
_atom_site_anisotrop.U[1][3] 
_atom_site_anisotrop.U[2][3] 
_atom_site_anisotrop.pdbx_auth_seq_id 
_atom_site_anisotrop.pdbx_auth_comp_id 
_atom_site_anisotrop.pdbx_auth_asym_id 
_atom_site_anisotrop.pdbx_auth_atom_id 
1   N N   . THR A 3  ? 0.86071 0.88511 1.36414 0.25673  -0.08240 -0.14743 29  THR A N   
2   C CA  . THR A 3  ? 0.90473 0.90801 1.35463 0.19993  -0.12496 -0.13806 29  THR A CA  
3   C C   . THR A 3  ? 0.97994 0.97877 1.35969 0.17950  -0.08999 -0.14239 29  THR A C   
4   O O   . THR A 3  ? 0.99522 0.95243 1.30820 0.20933  -0.05415 -0.16183 29  THR A O   
5   C CB  . THR A 3  ? 0.82761 0.89455 1.35491 0.15893  -0.15783 -0.11070 29  THR A CB  
6   N N   . ALA A 4  ? 0.97740 1.01232 1.36526 0.13132  -0.10242 -0.12427 30  ALA A N   
7   C CA  . ALA A 4  ? 0.85250 0.88743 1.18495 0.10657  -0.07637 -0.12376 30  ALA A CA  
8   C C   . ALA A 4  ? 0.85941 0.95657 1.23976 0.11481  -0.02006 -0.12023 30  ALA A C   
9   O O   . ALA A 4  ? 0.85962 1.01933 1.33849 0.12368  -0.01005 -0.10778 30  ALA A O   
10  C CB  . ALA A 4  ? 0.83952 0.88687 1.16394 0.06011  -0.10818 -0.10496 30  ALA A CB  
11  N N   . SER A 5  ? 0.83000 0.91179 1.14765 0.10853  0.01313  -0.12506 31  SER A N   
12  C CA  . SER A 5  ? 0.70736 0.84277 1.06109 0.11602  0.07018  -0.11645 31  SER A CA  
13  C C   . SER A 5  ? 0.65237 0.80230 0.98667 0.07191  0.07163  -0.10520 31  SER A C   
14  O O   . SER A 5  ? 0.61168 0.72135 0.88596 0.04529  0.03962  -0.10785 31  SER A O   
15  C CB  . SER A 5  ? 0.76206 0.85692 1.04614 0.16333  0.12000  -0.13301 31  SER A CB  
16  O OG  . SER A 5  ? 0.79761 0.84508 0.98240 0.14672  0.12829  -0.13933 31  SER A OG  
17  N N   . ASN A 6  ? 0.59824 0.80816 0.99159 0.06604  0.11014  -0.08804 32  ASN A N   
18  C CA  . ASN A 6  ? 0.54515 0.76266 0.92001 0.02760  0.11255  -0.07789 32  ASN A CA  
19  C C   . ASN A 6  ? 0.60134 0.75895 0.86386 0.03007  0.12986  -0.09027 32  ASN A C   
20  O O   . ASN A 6  ? 0.60945 0.73976 0.82590 0.00006  0.10682  -0.08991 32  ASN A O   
21  C CB  . ASN A 6  ? 0.49172 0.78332 0.96202 0.01975  0.14628  -0.05114 32  ASN A CB  
22  C CG  . ASN A 6  ? 0.48015 0.77087 0.92822 -0.01737 0.14866  -0.04089 32  ASN A CG  
23  O OD1 . ASN A 6  ? 0.42069 0.70654 0.87967 -0.05110 0.10704  -0.03843 32  ASN A OD1 
24  N ND2 . ASN A 6  ? 0.48501 0.77133 0.89068 -0.00783 0.19659  -0.03566 32  ASN A ND2 
25  N N   . ASN A 7  ? 0.66875 0.79995 0.88146 0.06866  0.16912  -0.10010 33  ASN A N   
26  C CA  . ASN A 7  ? 0.75293 0.81478 0.84910 0.06992  0.17622  -0.11125 33  ASN A CA  
27  C C   . ASN A 7  ? 0.73905 0.72796 0.76779 0.05791  0.11941  -0.12524 33  ASN A C   
28  O O   . ASN A 7  ? 0.71447 0.65976 0.67712 0.03721  0.10450  -0.12363 33  ASN A O   
29  C CB  . ASN A 7  ? 0.82065 0.85331 0.85592 0.12060  0.22780  -0.12107 33  ASN A CB  
30  C CG  . ASN A 7  ? 0.94608 1.06606 1.08008 0.14504  0.28667  -0.09925 33  ASN A CG  
31  O OD1 . ASN A 7  ? 0.83746 1.00871 1.07098 0.15557  0.28054  -0.09267 33  ASN A OD1 
32  N ND2 . ASN A 7  ? 1.08363 1.22596 1.20078 0.15161  0.34227  -0.08108 33  ASN A ND2 
33  N N   . ASP A 8  ? 0.70797 0.68684 0.76314 0.06826  0.08487  -0.13257 34  ASP A N   
34  C CA  . ASP A 8  ? 0.75143 0.67413 0.76545 0.05107  0.02861  -0.13384 34  ASP A CA  
35  C C   . ASP A 8  ? 0.67611 0.62993 0.71594 0.00755  0.00918  -0.11308 34  ASP A C   
36  O O   . ASP A 8  ? 0.69100 0.60662 0.68545 -0.01166 -0.01432 -0.10410 34  ASP A O   
37  C CB  . ASP A 8  ? 0.76753 0.67891 0.81421 0.06930  -0.00432 -0.14010 34  ASP A CB  
38  C CG  . ASP A 8  ? 0.91349 0.77260 0.91765 0.12042  0.00958  -0.16427 34  ASP A CG  
39  O OD1 . ASP A 8  ? 0.95511 0.74909 0.86532 0.13895  0.02350  -0.17894 34  ASP A OD1 
40  O OD2 . ASP A 8  ? 0.91643 0.79162 0.97388 0.14503  0.00396  -0.16894 34  ASP A OD2 
41  N N   . LEU A 9  ? 0.62146 0.64009 0.73338 -0.00603 0.01675  -0.10340 35  LEU A N   
42  C CA  . LEU A 9  ? 0.57039 0.60637 0.68960 -0.03823 0.00179  -0.08796 35  LEU A CA  
43  C C   . LEU A 9  ? 0.53246 0.56348 0.61810 -0.05375 0.02559  -0.08306 35  LEU A C   
44  O O   . LEU A 9  ? 0.53239 0.54330 0.58695 -0.07082 0.01173  -0.07168 35  LEU A O   
45  C CB  . LEU A 9  ? 0.46898 0.55499 0.65562 -0.04692 -0.00432 -0.08282 35  LEU A CB  
46  C CG  . LEU A 9  ? 0.54505 0.63054 0.75805 -0.03854 -0.03933 -0.08173 35  LEU A CG  
47  C CD1 . LEU A 9  ? 0.57969 0.70358 0.85165 -0.04846 -0.05436 -0.07621 35  LEU A CD1 
48  C CD2 . LEU A 9  ? 0.53351 0.58383 0.69977 -0.04779 -0.06826 -0.06997 35  LEU A CD2 
49  N N   . ALA A 10 ? 0.50725 0.56047 0.60564 -0.04704 0.06321  -0.08613 36  ALA A N   
50  C CA  . ALA A 10 ? 0.53009 0.57732 0.59780 -0.06331 0.08376  -0.07850 36  ALA A CA  
51  C C   . ALA A 10 ? 0.57371 0.55869 0.56140 -0.06399 0.07048  -0.07930 36  ALA A C   
52  O O   . ALA A 10 ? 0.56478 0.53875 0.53338 -0.08492 0.06373  -0.06717 36  ALA A O   
53  C CB  . ALA A 10 ? 0.47310 0.55282 0.56471 -0.05278 0.12934  -0.07489 36  ALA A CB  
54  N N   . SER A 11 ? 0.62020 0.55749 0.56131 -0.04065 0.06089  -0.09218 37  SER A N   
55  C CA  . SER A 11 ? 0.65110 0.51719 0.51463 -0.04496 0.03586  -0.09066 37  SER A CA  
56  C C   . SER A 11 ? 0.70271 0.56404 0.58476 -0.07115 -0.00528 -0.06931 37  SER A C   
57  O O   . SER A 11 ? 0.64367 0.46665 0.48991 -0.08603 -0.02536 -0.05535 37  SER A O   
58  C CB  . SER A 11 ? 0.75039 0.54804 0.55117 -0.01308 0.02137  -0.11120 37  SER A CB  
59  O OG  . SER A 11 ? 0.84307 0.63564 0.67740 -0.00989 -0.01602 -0.11189 37  SER A OG  
60  N N   . LEU A 12 ? 0.59118 0.49286 0.53047 -0.07594 -0.01659 -0.06156 38  LEU A N   
61  C CA  . LEU A 12 ? 0.57590 0.48219 0.53406 -0.09465 -0.04317 -0.03398 38  LEU A CA  
62  C C   . LEU A 12 ? 0.55661 0.48473 0.52030 -0.11157 -0.02503 -0.01807 38  LEU A C   
63  O O   . LEU A 12 ? 0.59007 0.51967 0.56623 -0.12236 -0.03979 0.01037  38  LEU A O   
64  C CB  . LEU A 12 ? 0.55890 0.49937 0.56127 -0.09114 -0.05360 -0.02839 38  LEU A CB  
65  C CG  . LEU A 12 ? 0.55040 0.46997 0.55673 -0.07369 -0.07533 -0.04188 38  LEU A CG  
66  C CD1 . LEU A 12 ? 0.56066 0.51537 0.60902 -0.07258 -0.08606 -0.03380 38  LEU A CD1 
67  C CD2 . LEU A 12 ? 0.65764 0.51543 0.63378 -0.07561 -0.11658 -0.03098 38  LEU A CD2 
68  N N   . PHE A 13 ? 0.59528 0.54131 0.55647 -0.11266 0.00680  -0.03112 39  PHE A N   
69  C CA  . PHE A 13 ? 0.53411 0.49258 0.49852 -0.12701 0.02167  -0.01900 39  PHE A CA  
70  C C   . PHE A 13 ? 0.57943 0.50333 0.50296 -0.13536 0.02483  -0.01338 39  PHE A C   
71  O O   . PHE A 13 ? 0.62640 0.55696 0.55318 -0.14707 0.03664  -0.00298 39  PHE A O   
72  C CB  . PHE A 13 ? 0.51088 0.50489 0.50396 -0.12859 0.04507  -0.03134 39  PHE A CB  
73  C CG  . PHE A 13 ? 0.47469 0.49267 0.49872 -0.12334 0.03419  -0.03578 39  PHE A CG  
74  C CD1 . PHE A 13 ? 0.47264 0.50285 0.51876 -0.11195 0.02572  -0.04696 39  PHE A CD1 
75  C CD2 . PHE A 13 ? 0.47141 0.49164 0.49414 -0.12639 0.03111  -0.02932 39  PHE A CD2 
76  C CE1 . PHE A 13 ? 0.39783 0.44370 0.46697 -0.10892 0.00916  -0.04897 39  PHE A CE1 
77  C CE2 . PHE A 13 ? 0.46551 0.49290 0.49568 -0.11958 0.01676  -0.03460 39  PHE A CE2 
78  C CZ  . PHE A 13 ? 0.47502 0.51615 0.52986 -0.11352 0.00332  -0.04322 39  PHE A CZ  
79  N N   . GLU A 14 ? 0.49759 0.62464 0.52773 -0.07061 -0.02592 -0.05434 40  GLU A N   
80  C CA  . GLU A 14 ? 0.52274 0.68068 0.50414 -0.08059 -0.02524 -0.05183 40  GLU A CA  
81  C C   . GLU A 14 ? 0.52324 0.68928 0.48558 -0.07633 -0.04637 -0.02944 40  GLU A C   
82  O O   . GLU A 14 ? 0.51968 0.67993 0.50500 -0.07232 -0.05879 -0.03719 40  GLU A O   
83  C CB  . GLU A 14 ? 0.55200 0.73543 0.52455 -0.09370 -0.01191 -0.09322 40  GLU A CB  
84  C CG  . GLU A 14 ? 0.68028 0.87655 0.64307 -0.09907 0.01471  -0.10285 40  GLU A CG  
85  C CD  . GLU A 14 ? 0.72224 0.93302 0.67769 -0.10990 0.03492  -0.15121 40  GLU A CD  
86  O OE1 . GLU A 14 ? 0.71376 0.93937 0.64397 -0.12189 0.02315  -0.17422 40  GLU A OE1 
87  O OE2 . GLU A 14 ? 0.72924 0.93616 0.70735 -0.10731 0.06365  -0.16670 40  GLU A OE2 
88  N N   . CYS A 15 ? 0.55830 0.74026 0.48635 -0.07548 -0.04814 0.00407  41  CYS A N   
89  C CA  . CYS A 15 ? 0.56030 0.76366 0.47426 -0.07019 -0.06555 0.03258  41  CYS A CA  
90  C C   . CYS A 15 ? 0.59669 0.85327 0.49004 -0.08811 -0.07691 0.00794  41  CYS A C   
91  O O   . CYS A 15 ? 0.67048 0.96095 0.52914 -0.10313 -0.06801 -0.00871 41  CYS A O   
92  C CB  . CYS A 15 ? 0.58250 0.79264 0.47279 -0.06263 -0.05969 0.08098  41  CYS A CB  
93  S SG  . CYS A 15 ? 0.70073 0.95023 0.58252 -0.05202 -0.07709 0.12927  41  CYS A SG  
94  N N   . PRO A 16 ? 0.64416 0.91120 0.55678 -0.08961 -0.09560 0.00286  42  PRO A N   
95  C CA  . PRO A 16 ? 0.59681 0.91490 0.49032 -0.11442 -0.10882 -0.02734 42  PRO A CA  
96  C C   . PRO A 16 ? 0.63830 1.02573 0.48331 -0.12453 -0.12191 0.00285  42  PRO A C   
97  O O   . PRO A 16 ? 0.67849 1.11849 0.49556 -0.15078 -0.13521 -0.02431 42  PRO A O   
98  C CB  . PRO A 16 ? 0.61081 0.92034 0.54987 -0.11233 -0.12598 -0.02997 42  PRO A CB  
99  C CG  . PRO A 16 ? 0.58211 0.85715 0.54587 -0.08262 -0.12538 0.01749  42  PRO A CG  
100 C CD  . PRO A 16 ? 0.52472 0.75813 0.47817 -0.07115 -0.10386 0.02142  42  PRO A CD  
101 N N   . VAL A 17 ? 0.66208 1.05313 0.49654 -0.10619 -0.11721 0.05793  43  VAL A N   
102 C CA  . VAL A 17 ? 0.67694 1.14037 0.47341 -0.11071 -0.12771 0.10069  43  VAL A CA  
103 C C   . VAL A 17 ? 0.71357 1.19503 0.46629 -0.11591 -0.10730 0.10344  43  VAL A C   
104 O O   . VAL A 17 ? 0.79246 1.34493 0.49599 -0.13543 -0.11413 0.09872  43  VAL A O   
105 C CB  . VAL A 17 ? 0.66691 1.12666 0.49095 -0.08310 -0.13162 0.17079  43  VAL A CB  
106 C CG1 . VAL A 17 ? 0.71365 1.24025 0.50649 -0.07995 -0.13174 0.22893  43  VAL A CG1 
107 C CG2 . VAL A 17 ? 0.66154 1.13797 0.52036 -0.08186 -0.15498 0.17697  43  VAL A CG2 
108 N N   . CYS A 18 ? 0.74207 1.16508 0.51085 -0.10071 -0.08220 0.11182  44  CYS A N   
109 C CA  . CYS A 18 ? 0.82392 1.26424 0.56047 -0.10482 -0.05985 0.11988  44  CYS A CA  
110 C C   . CYS A 18 ? 0.82812 1.23406 0.56843 -0.11405 -0.03870 0.06480  44  CYS A C   
111 O O   . CYS A 18 ? 0.86683 1.29516 0.57915 -0.11984 -0.01794 0.06436  44  CYS A O   
112 C CB  . CYS A 18 ? 0.75144 1.15918 0.50801 -0.08405 -0.04285 0.17845  44  CYS A CB  
113 S SG  . CYS A 18 ? 0.80110 1.10727 0.61174 -0.07060 -0.03136 0.16526  44  CYS A SG  
114 N N   . PHE A 19 ? 0.82129 1.17694 0.60089 -0.11276 -0.04060 0.02553  45  PHE A N   
115 C CA  . PHE A 19 ? 0.85472 1.17783 0.65445 -0.11698 -0.01957 -0.02028 45  PHE A CA  
116 C C   . PHE A 19 ? 0.85147 1.14401 0.67188 -0.10788 0.00203  0.00165  45  PHE A C   
117 O O   . PHE A 19 ? 0.85220 1.13299 0.69008 -0.11100 0.02268  -0.02645 45  PHE A O   
118 C CB  . PHE A 19 ? 0.90815 1.27088 0.66770 -0.13671 -0.00734 -0.06768 45  PHE A CB  
119 C CG  . PHE A 19 ? 0.93896 1.33606 0.67515 -0.15429 -0.03046 -0.09476 45  PHE A CG  
120 C CD1 . PHE A 19 ? 0.93328 1.39910 0.61792 -0.16557 -0.04981 -0.06908 45  PHE A CD1 
121 C CD2 . PHE A 19 ? 0.89343 1.25848 0.66589 -0.16051 -0.03419 -0.14035 45  PHE A CD2 
122 C CE1 . PHE A 19 ? 0.97837 1.48442 0.64450 -0.18725 -0.07555 -0.09345 45  PHE A CE1 
123 C CE2 . PHE A 19 ? 0.95840 1.35425 0.71594 -0.18171 -0.05641 -0.16633 45  PHE A CE2 
124 C CZ  . PHE A 19 ? 0.98020 1.44840 0.68336 -0.19710 -0.07904 -0.14463 45  PHE A CZ  
125 N N   . ASP A 20 ? 0.77423 1.05308 0.59910 -0.09756 -0.00016 0.05169  46  ASP A N   
126 C CA  . ASP A 20 ? 0.78697 1.01941 0.64689 -0.09251 0.01321  0.06664  46  ASP A CA  
127 C C   . ASP A 20 ? 0.70122 0.88422 0.60129 -0.08577 0.00046  0.04928  46  ASP A C   
128 O O   . ASP A 20 ? 0.70777 0.89244 0.61376 -0.08356 -0.01374 0.02633  46  ASP A O   
129 C CB  . ASP A 20 ? 0.77803 1.00252 0.63264 -0.08602 0.01948  0.12134  46  ASP A CB  
130 C CG  . ASP A 20 ? 0.99055 1.27271 0.80732 -0.09031 0.03297  0.14854  46  ASP A CG  
131 O OD1 . ASP A 20 ? 1.03060 1.35319 0.82237 -0.10063 0.04238  0.11925  46  ASP A OD1 
132 O OD2 . ASP A 20 ? 1.10290 1.38946 0.91595 -0.08207 0.03773  0.20111  46  ASP A OD2 
133 N N   . TYR A 21 ? 0.58241 0.72360 0.51036 -0.08433 0.00504  0.06102  47  TYR A N   
134 C CA  . TYR A 21 ? 0.54707 0.65216 0.50842 -0.08029 -0.00581 0.04310  47  TYR A CA  
135 C C   . TYR A 21 ? 0.60847 0.67300 0.56674 -0.06966 -0.01609 0.06562  47  TYR A C   
136 O O   . TYR A 21 ? 0.64066 0.68612 0.58750 -0.06845 -0.00765 0.09576  47  TYR A O   
137 C CB  . TYR A 21 ? 0.58680 0.68273 0.58169 -0.09002 0.00384  0.03407  47  TYR A CB  
138 C CG  . TYR A 21 ? 0.54023 0.67308 0.54735 -0.09470 0.01923  0.01031  47  TYR A CG  
139 C CD1 . TYR A 21 ? 0.52005 0.65940 0.54961 -0.08928 0.01728  -0.01964 47  TYR A CD1 
140 C CD2 . TYR A 21 ? 0.57662 0.73555 0.57523 -0.10278 0.04043  0.01906  47  TYR A CD2 
141 C CE1 . TYR A 21 ? 0.53166 0.69590 0.57501 -0.09133 0.03835  -0.04412 47  TYR A CE1 
142 C CE2 . TYR A 21 ? 0.57852 0.76842 0.58641 -0.10436 0.06106  -0.00497 47  TYR A CE2 
143 C CZ  . TYR A 21 ? 0.56204 0.75118 0.59208 -0.09833 0.06101  -0.03851 47  TYR A CZ  
144 O OH  . TYR A 21 ? 0.58132 0.79189 0.62402 -0.09780 0.08804  -0.06512 47  TYR A OH  
145 N N   . VAL A 22 ? 0.51950 0.56975 0.49072 -0.06030 -0.02999 0.05256  48  VAL A N   
146 C CA  . VAL A 22 ? 0.51958 0.52889 0.48814 -0.04772 -0.03560 0.06892  48  VAL A CA  
147 C C   . VAL A 22 ? 0.55242 0.52515 0.53479 -0.05554 -0.03457 0.05848  48  VAL A C   
148 O O   . VAL A 22 ? 0.57626 0.55784 0.58120 -0.05797 -0.04268 0.03828  48  VAL A O   
149 C CB  . VAL A 22 ? 0.53368 0.55095 0.51055 -0.03407 -0.04933 0.06334  48  VAL A CB  
150 C CG1 . VAL A 22 ? 0.59496 0.57114 0.56604 -0.01749 -0.04896 0.08361  48  VAL A CG1 
151 C CG2 . VAL A 22 ? 0.54297 0.60695 0.50841 -0.03476 -0.05519 0.06791  48  VAL A CG2 
152 N N   . LEU A 23 ? 0.62341 0.55791 0.59510 -0.06121 -0.02428 0.07344  49  LEU A N   
153 C CA  . LEU A 23 ? 0.58396 0.48691 0.56410 -0.07713 -0.02522 0.06018  49  LEU A CA  
154 C C   . LEU A 23 ? 0.64560 0.49309 0.60633 -0.06886 -0.02409 0.06058  49  LEU A C   
155 O O   . LEU A 23 ? 0.66248 0.49033 0.60872 -0.04912 -0.01557 0.07991  49  LEU A O   
156 C CB  . LEU A 23 ? 0.60690 0.50332 0.59389 -0.09752 -0.01112 0.07009  49  LEU A CB  
157 C CG  . LEU A 23 ? 0.59914 0.55052 0.60124 -0.10415 -0.00541 0.07166  49  LEU A CG  
158 C CD1 . LEU A 23 ? 0.70190 0.64693 0.71475 -0.12266 0.01098  0.08801  49  LEU A CD1 
159 C CD2 . LEU A 23 ? 0.55872 0.54587 0.58867 -0.10792 -0.01630 0.04723  49  LEU A CD2 
160 N N   . PRO A 24 ? 0.51728 0.51439 0.76462 -0.09349 0.04616  0.05865  50  PRO A N   
161 C CA  . PRO A 24 ? 0.52880 0.50140 0.78535 -0.08808 0.02878  0.05083  50  PRO A CA  
162 C C   . PRO A 24 ? 0.53991 0.47254 0.79764 -0.09664 0.03096  0.06923  50  PRO A C   
163 O O   . PRO A 24 ? 0.54955 0.47418 0.81733 -0.11508 0.04562  0.08578  50  PRO A O   
164 C CB  . PRO A 24 ? 0.50200 0.49931 0.79976 -0.09504 0.02394  0.02770  50  PRO A CB  
165 C CG  . PRO A 24 ? 0.46873 0.50480 0.77330 -0.09109 0.03062  0.02122  50  PRO A CG  
166 C CD  . PRO A 24 ? 0.53918 0.57519 0.82265 -0.09769 0.05109  0.03963  50  PRO A CD  
167 N N   . PRO A 25 ? 0.56453 0.47086 0.81403 -0.08348 0.01712  0.06796  51  PRO A N   
168 C CA  . PRO A 25 ? 0.50245 0.42139 0.73862 -0.06616 0.00258  0.05008  51  PRO A CA  
169 C C   . PRO A 25 ? 0.49083 0.42042 0.68847 -0.05444 0.00182  0.06075  51  PRO A C   
170 O O   . PRO A 25 ? 0.52846 0.44540 0.70527 -0.05252 0.00475  0.08207  51  PRO A O   
171 C CB  . PRO A 25 ? 0.50163 0.39206 0.74870 -0.05913 -0.00708 0.04399  51  PRO A CB  
172 C CG  . PRO A 25 ? 0.62775 0.48195 0.88003 -0.06473 -0.00041 0.06990  51  PRO A CG  
173 C CD  . PRO A 25 ? 0.56736 0.42976 0.82331 -0.08480 0.01561  0.08482  51  PRO A CD  
174 N N   . ILE A 26 ? 0.45068 0.40256 0.63910 -0.04753 -0.00363 0.04651  52  ILE A N   
175 C CA  . ILE A 26 ? 0.45518 0.41632 0.61202 -0.04031 -0.00306 0.05132  52  ILE A CA  
176 C C   . ILE A 26 ? 0.45943 0.41657 0.60056 -0.03033 -0.01571 0.04705  52  ILE A C   
177 O O   . ILE A 26 ? 0.46468 0.42840 0.61192 -0.02775 -0.02425 0.03264  52  ILE A O   
178 C CB  . ILE A 26 ? 0.42517 0.40712 0.58607 -0.03895 -0.00049 0.03941  52  ILE A CB  
179 C CG1 . ILE A 26 ? 0.44755 0.44432 0.62561 -0.04799 0.01543  0.04114  52  ILE A CG1 
180 C CG2 . ILE A 26 ? 0.47400 0.45799 0.60508 -0.03215 -0.00169 0.03871  52  ILE A CG2 
181 C CD1 . ILE A 26 ? 0.42423 0.44351 0.61848 -0.04176 0.01613  0.02611  52  ILE A CD1 
182 N N   . LEU A 27 ? 0.45789 0.41063 0.57793 -0.02588 -0.01700 0.05969  53  LEU A N   
183 C CA  . LEU A 27 ? 0.43421 0.39225 0.54276 -0.01746 -0.02740 0.05540  53  LEU A CA  
184 C C   . LEU A 27 ? 0.48468 0.45697 0.56564 -0.01878 -0.02718 0.05408  53  LEU A C   
185 O O   . LEU A 27 ? 0.45588 0.43134 0.52387 -0.02351 -0.01882 0.05819  53  LEU A O   
186 C CB  . LEU A 27 ? 0.45567 0.40285 0.56769 -0.00959 -0.03236 0.06963  53  LEU A CB  
187 C CG  . LEU A 27 ? 0.54703 0.46973 0.68995 -0.00778 -0.03261 0.07070  53  LEU A CG  
188 C CD1 . LEU A 27 ? 0.53919 0.44830 0.68900 0.00559  -0.04091 0.08491  53  LEU A CD1 
189 C CD2 . LEU A 27 ? 0.51445 0.44294 0.67750 -0.00819 -0.03553 0.04369  53  LEU A CD2 
190 N N   . GLN A 28 ? 0.42383 0.40655 0.49721 -0.01658 -0.03486 0.04565  54  GLN A N   
191 C CA  . GLN A 28 ? 0.41970 0.41259 0.46998 -0.02123 -0.03506 0.04221  54  GLN A CA  
192 C C   . GLN A 28 ? 0.41643 0.42655 0.46238 -0.02039 -0.04342 0.03792  54  GLN A C   
193 O O   . GLN A 28 ? 0.40932 0.42577 0.47108 -0.01552 -0.04770 0.03325  54  GLN A O   
194 C CB  . GLN A 28 ? 0.41337 0.39967 0.46233 -0.02629 -0.03249 0.03234  54  GLN A CB  
195 C CG  . GLN A 28 ? 0.41254 0.40067 0.46819 -0.02765 -0.03913 0.02628  54  GLN A CG  
196 C CD  . GLN A 28 ? 0.50282 0.48092 0.55229 -0.03231 -0.04045 0.02339  54  GLN A CD  
197 O OE1 . GLN A 28 ? 0.46204 0.43064 0.52121 -0.02853 -0.03836 0.02328  54  GLN A OE1 
198 N NE2 . GLN A 28 ? 0.45329 0.43379 0.48972 -0.04048 -0.04404 0.02203  54  GLN A NE2 
199 N N   . CYS A 29 ? 0.42410 0.44640 0.45085 -0.02652 -0.04472 0.03558  55  CYS A N   
200 C CA  . CYS A 29 ? 0.42153 0.46765 0.44747 -0.02985 -0.05180 0.02875  55  CYS A CA  
201 C C   . CYS A 29 ? 0.42170 0.46476 0.44782 -0.04089 -0.04971 0.01837  55  CYS A C   
202 O O   . CYS A 29 ? 0.41465 0.43555 0.43960 -0.04349 -0.04571 0.01832  55  CYS A O   
203 C CB  . CYS A 29 ? 0.43709 0.50108 0.44317 -0.03639 -0.05506 0.02733  55  CYS A CB  
204 S SG  . CYS A 29 ? 0.44825 0.49475 0.43577 -0.05310 -0.04695 0.01267  55  CYS A SG  
205 N N   . GLN A 30 ? 0.42371 0.49256 0.45176 -0.04814 -0.05308 0.01132  56  GLN A N   
206 C CA  . GLN A 30 ? 0.41466 0.48400 0.43843 -0.06350 -0.05017 0.00568  56  GLN A CA  
207 C C   . GLN A 30 ? 0.47562 0.51316 0.48351 -0.07537 -0.04701 0.00683  56  GLN A C   
208 O O   . GLN A 30 ? 0.48965 0.51030 0.49329 -0.08288 -0.04577 0.01084  56  GLN A O   
209 C CB  . GLN A 30 ? 0.41625 0.52484 0.44545 -0.07385 -0.05201 -0.00291 56  GLN A CB  
210 C CG  . GLN A 30 ? 0.42766 0.53855 0.44835 -0.09689 -0.04678 -0.00569 56  GLN A CG  
211 C CD  . GLN A 30 ? 0.50971 0.63519 0.53582 -0.09638 -0.04281 -0.00676 56  GLN A CD  
212 O OE1 . GLN A 30 ? 0.51799 0.66360 0.56219 -0.07967 -0.04381 -0.01332 56  GLN A OE1 
213 N NE2 . GLN A 30 ? 0.45533 0.56950 0.46491 -0.11498 -0.03855 -0.00040 56  GLN A NE2 
214 N N   . SER A 31 ? 0.44213 0.47215 0.44100 -0.07707 -0.04630 0.00272  57  SER A N   
215 C CA  . SER A 31 ? 0.46438 0.46304 0.45385 -0.08693 -0.04259 -0.00259 57  SER A CA  
216 C C   . SER A 31 ? 0.48267 0.45503 0.47523 -0.07363 -0.03816 -0.00102 57  SER A C   
217 O O   . SER A 31 ? 0.48843 0.43476 0.47902 -0.07677 -0.03445 -0.00922 57  SER A O   
218 C CB  . SER A 31 ? 0.48272 0.49418 0.46198 -0.10037 -0.04307 -0.01663 57  SER A CB  
219 O OG  . SER A 31 ? 0.48031 0.52450 0.46331 -0.11378 -0.04721 -0.01962 57  SER A OG  
220 N N   . GLY A 32 ? 0.44809 0.42715 0.44993 -0.05955 -0.03774 0.00702  58  GLY A N   
221 C CA  . GLY A 32 ? 0.52038 0.48260 0.53229 -0.04901 -0.03288 0.00842  58  GLY A CA  
222 C C   . GLY A 32 ? 0.52990 0.49925 0.53791 -0.04430 -0.02440 0.00445  58  GLY A C   
223 O O   . GLY A 32 ? 0.52169 0.48169 0.54064 -0.03807 -0.01741 0.00043  58  GLY A O   
224 N N   . HIS A 33 ? 0.51706 0.50741 0.51050 -0.04689 -0.02508 0.00665  59  HIS A N   
225 C CA  . HIS A 33 ? 0.47296 0.47493 0.45372 -0.04590 -0.01687 0.00669  59  HIS A CA  
226 C C   . HIS A 33 ? 0.46549 0.47178 0.45502 -0.03872 -0.01534 0.02510  59  HIS A C   
227 O O   . HIS A 33 ? 0.45369 0.46127 0.45282 -0.03416 -0.02396 0.03595  59  HIS A O   
228 C CB  . HIS A 33 ? 0.49065 0.51570 0.44625 -0.05395 -0.02159 0.00219  59  HIS A CB  
229 C CG  . HIS A 33 ? 0.50211 0.52160 0.45249 -0.06555 -0.02369 -0.01781 59  HIS A CG  
230 N ND1 . HIS A 33 ? 0.50247 0.54004 0.44813 -0.07472 -0.03412 -0.02059 59  HIS A ND1 
231 C CD2 . HIS A 33 ? 0.51772 0.51278 0.47223 -0.06989 -0.01667 -0.03611 59  HIS A CD2 
232 C CE1 . HIS A 33 ? 0.51934 0.54251 0.46349 -0.08823 -0.03235 -0.03936 59  HIS A CE1 
233 N NE2 . HIS A 33 ? 0.53081 0.52370 0.48029 -0.08430 -0.02236 -0.04839 59  HIS A NE2 
234 N N   . LEU A 34 ? 0.47742 0.48640 0.46576 -0.03897 -0.00294 0.02663  60  LEU A N   
235 C CA  . LEU A 34 ? 0.47747 0.48527 0.47792 -0.03688 0.00184  0.04395  60  LEU A CA  
236 C C   . LEU A 34 ? 0.54087 0.56358 0.51433 -0.04150 0.00470  0.06122  60  LEU A C   
237 O O   . LEU A 34 ? 0.54754 0.58838 0.49251 -0.04737 0.00847  0.05378  60  LEU A O   
238 C CB  . LEU A 34 ? 0.54882 0.55543 0.57063 -0.03705 0.01530  0.03532  60  LEU A CB  
239 C CG  . LEU A 34 ? 0.56796 0.56336 0.61740 -0.03057 0.01149  0.02166  60  LEU A CG  
240 C CD1 . LEU A 34 ? 0.54230 0.54669 0.62048 -0.02960 0.02237  0.01884  60  LEU A CD1 
241 C CD2 . LEU A 34 ? 0.50454 0.48851 0.56403 -0.02736 -0.00337 0.02704  60  LEU A CD2 
242 N N   . VAL A 35 ? 0.55261 0.56657 0.53397 -0.03941 0.00172  0.08467  61  VAL A N   
243 C CA  . VAL A 35 ? 0.63253 0.65426 0.58934 -0.04442 0.00457  0.11043  61  VAL A CA  
244 C C   . VAL A 35 ? 0.67022 0.67154 0.65024 -0.04798 0.01229  0.12881  61  VAL A C   
245 O O   . VAL A 35 ? 0.70053 0.68063 0.71339 -0.04172 0.00580  0.12612  61  VAL A O   
246 C CB  . VAL A 35 ? 0.66507 0.69214 0.60664 -0.03627 -0.01473 0.12804  61  VAL A CB  
247 C CG1 . VAL A 35 ? 0.66239 0.70681 0.56449 -0.04308 -0.01359 0.15380  61  VAL A CG1 
248 C CG2 . VAL A 35 ? 0.60828 0.65135 0.54586 -0.03275 -0.02591 0.10616  61  VAL A CG2 
249 N N   . CYS A 36 ? 0.69733 0.70681 0.65948 -0.06063 0.02682  0.14656  62  CYS A N   
250 C CA  . CYS A 36 ? 0.71113 0.70135 0.69847 -0.06972 0.03711  0.16273  62  CYS A CA  
251 C C   . CYS A 36 ? 0.76833 0.72577 0.76178 -0.06423 0.02314  0.19407  62  CYS A C   
252 O O   . CYS A 36 ? 0.76893 0.72558 0.74405 -0.05224 0.00595  0.20740  62  CYS A O   
253 C CB  . CYS A 36 ? 0.70220 0.71507 0.67062 -0.08904 0.06080  0.17203  62  CYS A CB  
254 S SG  . CYS A 36 ? 0.77449 0.79777 0.68504 -0.09932 0.06108  0.21374  62  CYS A SG  
255 N N   . SER A 37 ? 0.91536 0.67662 0.90030 -0.17180 0.04385  0.23812  63  SER A N   
256 C CA  . SER A 37 ? 0.92791 0.59399 0.90194 -0.17244 0.05866  0.23708  63  SER A CA  
257 C C   . SER A 37 ? 1.02094 0.64419 0.96537 -0.12715 0.07756  0.27952  63  SER A C   
258 O O   . SER A 37 ? 1.11173 0.67229 1.03599 -0.09762 0.08626  0.28215  63  SER A O   
259 C CB  . SER A 37 ? 1.06515 0.69069 1.06382 -0.23292 0.07471  0.23077  63  SER A CB  
260 O OG  . SER A 37 ? 1.19634 0.84407 1.21091 -0.26916 0.05545  0.18483  63  SER A OG  
261 N N   . ASN A 38 ? 1.01887 0.67732 0.95666 -0.11578 0.08642  0.31600  64  ASN A N   
262 C CA  . ASN A 38 ? 1.05232 0.67417 0.95657 -0.07101 0.10686  0.36149  64  ASN A CA  
263 C C   . ASN A 38 ? 1.06960 0.73813 0.94174 -0.01365 0.08430  0.36268  64  ASN A C   
264 O O   . ASN A 38 ? 1.06182 0.69960 0.90568 0.03183  0.09347  0.38869  64  ASN A O   
265 C CB  . ASN A 38 ? 1.07033 0.71902 0.96954 -0.08065 0.12018  0.38022  64  ASN A CB  
266 C CG  . ASN A 38 ? 1.16619 0.79258 1.10040 -0.14163 0.13695  0.37032  64  ASN A CG  
267 O OD1 . ASN A 38 ? 1.13308 0.68879 1.07707 -0.16990 0.14872  0.35967  64  ASN A OD1 
268 N ND2 . ASN A 38 ? 1.09683 0.78665 1.04866 -0.16107 0.13825  0.37087  64  ASN A ND2 
269 N N   . CYS A 39 ? 0.98716 0.73314 0.86360 -0.01552 0.05619  0.33368  65  CYS A N   
270 C CA  . CYS A 39 ? 0.93776 0.73530 0.78906 0.02754  0.03294  0.32671  65  CYS A CA  
271 C C   . CYS A 39 ? 0.98369 0.77081 0.84742 0.04215  0.01867  0.30005  65  CYS A C   
272 O O   . CYS A 39 ? 0.99009 0.79734 0.83653 0.08612  0.00887  0.31066  65  CYS A O   
273 C CB  . CYS A 39 ? 0.91992 0.79013 0.76939 0.01571  0.01626  0.30334  65  CYS A CB  
274 S SG  . CYS A 39 ? 0.98113 0.87219 0.80066 0.01842  0.03452  0.33987  65  CYS A SG  
275 N N   . ARG A 40 ? 0.92681 0.69072 0.81984 0.00794  0.01741  0.26684  66  ARG A N   
276 C CA  . ARG A 40 ? 0.95287 0.70218 0.85745 0.02048  0.00849  0.24015  66  ARG A CA  
277 C C   . ARG A 40 ? 1.06036 0.76755 0.94760 0.06794  0.01992  0.26744  66  ARG A C   
278 O O   . ARG A 40 ? 0.98941 0.74088 0.88021 0.10217  0.00356  0.26023  66  ARG A O   
279 C CB  . ARG A 40 ? 0.94214 0.64498 0.86689 -0.02394 0.01585  0.21113  66  ARG A CB  
280 C CG  . ARG A 40 ? 0.95708 0.66289 0.89379 -0.01932 0.00454  0.17437  66  ARG A CG  
281 C CD  . ARG A 40 ? 0.92045 0.61526 0.87132 -0.06628 0.00372  0.14209  66  ARG A CD  
282 N NE  . ARG A 40 ? 0.75779 0.53296 0.72310 -0.08043 -0.01118 0.12823  66  ARG A NE  
283 C CZ  . ARG A 40 ? 0.77228 0.58839 0.74671 -0.07041 -0.02243 0.10178  66  ARG A CZ  
284 N NH1 . ARG A 40 ? 0.80908 0.60276 0.78417 -0.04756 -0.02351 0.08622  66  ARG A NH1 
285 N NH2 . ARG A 40 ? 0.68355 0.56155 0.66641 -0.08042 -0.02740 0.09402  66  ARG A NH2 
286 N N   . PRO A 41 ? 1.09914 0.72579 0.96938 0.07469  0.05063  0.30160  67  PRO A N   
287 C CA  . PRO A 41 ? 1.11427 0.69758 0.96452 0.12969  0.06809  0.33287  67  PRO A CA  
288 C C   . PRO A 41 ? 1.13778 0.79754 0.96717 0.18573  0.05346  0.36653  67  PRO A C   
289 O O   . PRO A 41 ? 1.16937 0.82850 0.98872 0.23975  0.05912  0.39035  67  PRO A O   
290 C CB  . PRO A 41 ? 1.18704 0.65553 1.02170 0.11593  0.11242  0.36156  67  PRO A CB  
291 C CG  . PRO A 41 ? 1.19664 0.65511 1.05433 0.04371  0.11146  0.33275  67  PRO A CG  
292 C CD  . PRO A 41 ? 1.08801 0.65925 0.95835 0.03504  0.07596  0.31732  67  PRO A CD  
293 N N   . LYS A 42 ? 1.08810 0.81606 0.90718 0.17721  0.03602  0.37009  68  LYS A N   
294 C CA  . LYS A 42 ? 1.09971 0.90818 0.89089 0.22532  0.01745  0.39481  68  LYS A CA  
295 C C   . LYS A 42 ? 1.07229 0.98414 0.88134 0.22599  -0.02362 0.35517  68  LYS A C   
296 O O   . LYS A 42 ? 1.05325 1.04738 0.83944 0.24982  -0.04652 0.36140  68  LYS A O   
297 C CB  . LYS A 42 ? 1.11450 0.93932 0.88014 0.21129  0.02219  0.40665  68  LYS A CB  
298 C CG  . LYS A 42 ? 1.13366 0.87138 0.90321 0.17981  0.05907  0.42241  68  LYS A CG  
299 N N   . LEU A 43 ? 1.00796 0.91682 0.85518 0.19935  -0.03164 0.31380  69  LEU A N   
300 C CA  . LEU A 43 ? 0.85733 0.85417 0.72819 0.18866  -0.06326 0.27276  69  LEU A CA  
301 C C   . LEU A 43 ? 0.87967 0.87640 0.78605 0.20365  -0.06473 0.25745  69  LEU A C   
302 O O   . LEU A 43 ? 0.94915 0.86209 0.86180 0.20166  -0.04089 0.26062  69  LEU A O   
303 C CB  . LEU A 43 ? 0.86702 0.86517 0.74864 0.13468  -0.06601 0.23504  69  LEU A CB  
304 C CG  . LEU A 43 ? 0.92108 0.94054 0.76915 0.12201  -0.06647 0.24405  69  LEU A CG  
305 C CD1 . LEU A 43 ? 0.77039 0.77466 0.63178 0.07526  -0.05789 0.21776  69  LEU A CD1 
306 C CD2 . LEU A 43 ? 0.90255 1.00932 0.72803 0.14056  -0.09261 0.23551  69  LEU A CD2 
307 N N   . THR A 44 ? 0.77279 0.86362 0.70204 0.21596  -0.09110 0.23864  70  THR A N   
308 C CA  . THR A 44 ? 0.75796 0.86414 0.72770 0.23099  -0.09177 0.22459  70  THR A CA  
309 C C   . THR A 44 ? 0.70975 0.84521 0.71485 0.18912  -0.10129 0.17380  70  THR A C   
310 O O   . THR A 44 ? 0.77988 0.93535 0.82196 0.19942  -0.10057 0.16012  70  THR A O   
311 C CB  . THR A 44 ? 0.79283 0.99445 0.77440 0.28252  -0.11025 0.24826  70  THR A CB  
312 O OG1 . THR A 44 ? 0.77024 1.08071 0.75383 0.26605  -0.14417 0.22623  70  THR A OG1 
313 C CG2 . THR A 44 ? 0.80151 0.96921 0.74516 0.33593  -0.09336 0.30634  70  THR A CG2 
314 N N   . CYS A 45 ? 0.63136 0.76768 0.62503 0.14687  -0.10496 0.14962  71  CYS A N   
315 C CA  . CYS A 45 ? 0.59425 0.75030 0.61553 0.11115  -0.10624 0.10628  71  CYS A CA  
316 C C   . CYS A 45 ? 0.52752 0.66326 0.52256 0.07507  -0.10022 0.09520  71  CYS A C   
317 O O   . CYS A 45 ? 0.59472 0.71666 0.55434 0.07750  -0.09920 0.11885  71  CYS A O   
318 C CB  . CYS A 45 ? 0.58864 0.84263 0.64176 0.11301  -0.12686 0.08383  71  CYS A CB  
319 S SG  . CYS A 45 ? 0.68586 1.02471 0.70771 0.11686  -0.15494 0.08857  71  CYS A SG  
320 N N   . CYS A 46 ? 0.51017 0.64466 0.52242 0.04657  -0.09189 0.06337  72  CYS A N   
321 C CA  . CYS A 46 ? 0.51571 0.63291 0.50648 0.01830  -0.08018 0.05588  72  CYS A CA  
322 C C   . CYS A 46 ? 0.52083 0.67994 0.48113 0.01529  -0.08978 0.05494  72  CYS A C   
323 O O   . CYS A 46 ? 0.52228 0.73579 0.49237 0.01291  -0.10266 0.03167  72  CYS A O   
324 C CB  . CYS A 46 ? 0.43748 0.55353 0.45113 -0.00192 -0.06585 0.02489  72  CYS A CB  
325 S SG  . CYS A 46 ? 0.45278 0.55750 0.44021 -0.02680 -0.04533 0.02042  72  CYS A SG  
326 N N   . PRO A 47 ? 0.52335 0.66111 0.44576 0.01397  -0.08329 0.07831  73  PRO A N   
327 C CA  . PRO A 47 ? 0.56085 0.73361 0.44261 0.01472  -0.09081 0.07631  73  PRO A CA  
328 C C   . PRO A 47 ? 0.50675 0.69181 0.38170 -0.01184 -0.07977 0.03911  73  PRO A C   
329 O O   . PRO A 47 ? 0.58813 0.80549 0.43084 -0.01645 -0.08822 0.02244  73  PRO A O   
330 C CB  . PRO A 47 ? 0.65682 0.79234 0.50324 0.02059  -0.07718 0.11412  73  PRO A CB  
331 C CG  . PRO A 47 ? 0.60158 0.68669 0.47678 0.01241  -0.06258 0.12938  73  PRO A CG  
332 C CD  . PRO A 47 ? 0.63837 0.72342 0.55493 0.00452  -0.06533 0.10092  73  PRO A CD  
333 N N   . THR A 48 ? 0.50524 0.66246 0.40389 -0.02839 -0.05833 0.02556  74  THR A N   
334 C CA  . THR A 48 ? 0.50446 0.65977 0.39263 -0.04896 -0.03732 -0.00478 74  THR A CA  
335 C C   . THR A 48 ? 0.45965 0.64623 0.38200 -0.06129 -0.04313 -0.04317 74  THR A C   
336 O O   . THR A 48 ? 0.54282 0.74950 0.44750 -0.07875 -0.04220 -0.07302 74  THR A O   
337 C CB  . THR A 48 ? 0.50197 0.62004 0.39645 -0.05443 -0.00672 0.00486  74  THR A CB  
338 O OG1 . THR A 48 ? 0.56828 0.67000 0.43940 -0.04773 -0.00097 0.04097  74  THR A OG1 
339 C CG2 . THR A 48 ? 0.50627 0.61154 0.38581 -0.06797 0.02512  -0.02045 74  THR A CG2 
340 N N   . CYS A 49 ? 0.50343 0.69415 0.47409 -0.05459 -0.04736 -0.04457 75  CYS A N   
341 C CA  . CYS A 49 ? 0.46656 0.68898 0.47803 -0.06661 -0.04669 -0.07755 75  CYS A CA  
342 C C   . CYS A 49 ? 0.37248 0.65272 0.41819 -0.05164 -0.07828 -0.07544 75  CYS A C   
343 O O   . CYS A 49 ? 0.45032 0.77382 0.53650 -0.06387 -0.08043 -0.10199 75  CYS A O   
344 C CB  . CYS A 49 ? 0.39621 0.58489 0.43828 -0.06717 -0.01902 -0.08267 75  CYS A CB  
345 S SG  . CYS A 49 ? 0.42901 0.59803 0.49527 -0.04115 -0.02884 -0.05703 75  CYS A SG  
346 N N   . ARG A 50 ? 0.42481 0.70852 0.45766 -0.02408 -0.09857 -0.04196 76  ARG A N   
347 C CA  . ARG A 50 ? 0.46181 0.79796 0.52211 0.00286  -0.12375 -0.02793 76  ARG A CA  
348 C C   . ARG A 50 ? 0.40904 0.73557 0.51981 0.01605  -0.11402 -0.02770 76  ARG A C   
349 O O   . ARG A 50 ? 0.39000 0.76444 0.53151 0.04163  -0.12895 -0.01611 76  ARG A O   
350 C CB  . ARG A 50 ? 0.51938 0.94729 0.58768 -0.00694 -0.14949 -0.05038 76  ARG A CB  
351 C CG  . ARG A 50 ? 0.49037 0.92787 0.49736 -0.01720 -0.15993 -0.05369 76  ARG A CG  
352 C CD  . ARG A 50 ? 0.63913 1.15884 0.65078 -0.04561 -0.18018 -0.09526 76  ARG A CD  
353 N NE  . ARG A 50 ? 0.64105 1.26665 0.68992 -0.02604 -0.21579 -0.08953 76  ARG A NE  
354 C CZ  . ARG A 50 ? 0.77330 1.43228 0.81367 0.02197  -0.23633 -0.04518 76  ARG A CZ  
355 N NH1 . ARG A 50 ? 0.84872 1.43942 0.84156 0.05150  -0.22582 -0.00404 76  ARG A NH1 
356 N NH2 . ARG A 50 ? 0.69068 1.42294 0.76985 0.04020  -0.25393 -0.03745 76  ARG A NH2 
357 N N   . GLY A 51 ? 0.35493 0.62506 0.47216 0.00378  -0.08786 -0.03777 77  GLY A N   
358 C CA  . GLY A 51 ? 0.38170 0.62438 0.52864 0.02124  -0.07592 -0.03308 77  GLY A CA  
359 C C   . GLY A 51 ? 0.41547 0.60856 0.54011 0.04797  -0.07924 -0.00050 77  GLY A C   
360 O O   . GLY A 51 ? 0.47035 0.64579 0.55929 0.05020  -0.08690 0.02038  77  GLY A O   
361 N N   . PRO A 52 ? 0.46180 0.62475 0.60427 0.06880  -0.06891 0.00445  78  PRO A N   
362 C CA  . PRO A 52 ? 0.48478 0.58055 0.60027 0.08938  -0.06422 0.03045  78  PRO A CA  
363 C C   . PRO A 52 ? 0.47845 0.51428 0.55694 0.06347  -0.05702 0.03215  78  PRO A C   
364 O O   . PRO A 52 ? 0.43632 0.47159 0.51251 0.03731  -0.04971 0.01331  78  PRO A O   
365 C CB  . PRO A 52 ? 0.60111 0.66609 0.73616 0.10950  -0.04768 0.02433  78  PRO A CB  
366 C CG  . PRO A 52 ? 0.52388 0.66335 0.70771 0.10990  -0.04849 0.00593  78  PRO A CG  
367 C CD  . PRO A 52 ? 0.43178 0.61128 0.61553 0.07374  -0.05542 -0.01409 78  PRO A CD  
368 N N   . LEU A 53 ? 0.55962 0.65369 0.58587 0.01294  -0.13713 0.12459  79  LEU A N   
369 C CA  . LEU A 53 ? 0.56322 0.59684 0.55586 0.00538  -0.12344 0.13474  79  LEU A CA  
370 C C   . LEU A 53 ? 0.54060 0.54188 0.55257 0.01024  -0.10444 0.12388  79  LEU A C   
371 O O   . LEU A 53 ? 0.59673 0.57423 0.59431 -0.00567 -0.08696 0.11372  79  LEU A O   
372 C CB  . LEU A 53 ? 0.65825 0.66538 0.62759 0.02136  -0.13745 0.16682  79  LEU A CB  
373 C CG  . LEU A 53 ? 0.68886 0.71396 0.61474 0.01014  -0.14872 0.18146  79  LEU A CG  
374 C CD1 . LEU A 53 ? 0.73151 0.73565 0.63803 0.03162  -0.16431 0.22092  79  LEU A CD1 
375 C CD2 . LEU A 53 ? 0.63301 0.63556 0.52606 -0.01709 -0.12949 0.17231  79  LEU A CD2 
376 N N   . GLY A 54 ? 0.68386 0.69015 0.72901 0.03484  -0.10869 0.12342  80  GLY A N   
377 C CA  . GLY A 54 ? 0.70622 0.68983 0.76867 0.04323  -0.09286 0.10959  80  GLY A CA  
378 C C   . GLY A 54 ? 0.68361 0.60965 0.72291 0.03777  -0.08405 0.11423  80  GLY A C   
379 O O   . GLY A 54 ? 0.66582 0.56364 0.68074 0.03194  -0.09037 0.13390  80  GLY A O   
380 N N   . SER A 55 ? 0.53840 0.45317 0.58506 0.03818  -0.06865 0.09553  81  SER A N   
381 C CA  . SER A 55 ? 0.53245 0.40173 0.56784 0.03449  -0.06175 0.09281  81  SER A CA  
382 C C   . SER A 55 ? 0.50518 0.38285 0.53658 0.02827  -0.04544 0.07083  81  SER A C   
383 O O   . SER A 55 ? 0.51147 0.37027 0.54845 0.03412  -0.04027 0.05600  81  SER A O   
384 C CB  . SER A 55 ? 0.57050 0.40754 0.62930 0.05643  -0.06882 0.09334  81  SER A CB  
385 O OG  . SER A 55 ? 0.61940 0.48369 0.70783 0.07731  -0.06619 0.07261  81  SER A OG  
386 N N   . ILE A 56 ? 0.49438 0.40006 0.51574 0.01664  -0.03780 0.06842  82  ILE A N   
387 C CA  . ILE A 56 ? 0.48436 0.39324 0.49283 0.01123  -0.02300 0.05603  82  ILE A CA  
388 C C   . ILE A 56 ? 0.51286 0.39373 0.50137 0.00156  -0.02172 0.05545  82  ILE A C   
389 O O   . ILE A 56 ? 0.54504 0.41314 0.52072 -0.01080 -0.02661 0.06745  82  ILE A O   
390 C CB  . ILE A 56 ? 0.45202 0.38220 0.45276 -0.00228 -0.01513 0.05942  82  ILE A CB  
391 C CG1 . ILE A 56 ? 0.45019 0.41790 0.47795 0.00296  -0.01357 0.05747  82  ILE A CG1 
392 C CG2 . ILE A 56 ? 0.44611 0.36992 0.42744 -0.00519 -0.00107 0.05411  82  ILE A CG2 
393 C CD1 . ILE A 56 ? 0.45707 0.44184 0.48495 -0.01670 -0.00872 0.06086  82  ILE A CD1 
394 N N   . ARG A 57 ? 0.49300 0.37192 0.47925 0.00715  -0.01508 0.03998  83  ARG A N   
395 C CA  . ARG A 57 ? 0.47378 0.33584 0.45098 -0.00144 -0.01469 0.03429  83  ARG A CA  
396 C C   . ARG A 57 ? 0.51475 0.38865 0.47042 -0.00696 -0.00696 0.03323  83  ARG A C   
397 O O   . ARG A 57 ? 0.51653 0.40650 0.46500 0.00274  -0.00031 0.02816  83  ARG A O   
398 C CB  . ARG A 57 ? 0.49185 0.34991 0.48422 0.00853  -0.01537 0.01231  83  ARG A CB  
399 C CG  . ARG A 57 ? 0.59587 0.44359 0.58800 -0.00395 -0.01533 0.00235  83  ARG A CG  
400 C CD  . ARG A 57 ? 0.63952 0.45110 0.64784 -0.01549 -0.01987 0.01001  83  ARG A CD  
401 N NE  . ARG A 57 ? 0.60297 0.41114 0.61973 -0.03062 -0.01714 -0.00549 83  ARG A NE  
402 C CZ  . ARG A 57 ? 0.65673 0.45833 0.69626 -0.03025 -0.01880 -0.03271 83  ARG A CZ  
403 N NH1 . ARG A 57 ? 0.64653 0.43461 0.70310 -0.01370 -0.02300 -0.04730 83  ARG A NH1 
404 N NH2 . ARG A 57 ? 0.64673 0.45908 0.69580 -0.04712 -0.01620 -0.04950 83  ARG A NH2 
405 N N   . ASN A 58 ? 0.45491 0.32116 0.39936 -0.02056 -0.00684 0.03919  84  ASN A N   
406 C CA  . ASN A 58 ? 0.51064 0.38570 0.43882 -0.02108 -0.00030 0.03505  84  ASN A CA  
407 C C   . ASN A 58 ? 0.53187 0.41602 0.46472 -0.01959 -0.00032 0.01952  84  ASN A C   
408 O O   . ASN A 58 ? 0.51999 0.40539 0.45398 -0.03175 0.00076  0.01791  84  ASN A O   
409 C CB  . ASN A 58 ? 0.47880 0.34922 0.39398 -0.03408 0.00109  0.04402  84  ASN A CB  
410 C CG  . ASN A 58 ? 0.50700 0.37960 0.40883 -0.02916 0.00831  0.03927  84  ASN A CG  
411 O OD1 . ASN A 58 ? 0.50686 0.38740 0.40705 -0.01679 0.01070  0.03148  84  ASN A OD1 
412 N ND2 . ASN A 58 ? 0.45739 0.32279 0.35076 -0.03671 0.01069  0.04270  84  ASN A ND2 
413 N N   . LEU A 59 ? 0.48622 0.38428 0.42294 -0.00514 -0.00123 0.00572  85  LEU A N   
414 C CA  . LEU A 59 ? 0.53430 0.45098 0.47957 -0.00346 -0.00413 -0.01507 85  LEU A CA  
415 C C   . LEU A 59 ? 0.54133 0.47670 0.47556 0.00006  -0.00177 -0.01665 85  LEU A C   
416 O O   . LEU A 59 ? 0.49169 0.44512 0.43910 -0.00748 -0.00331 -0.03074 85  LEU A O   
417 C CB  . LEU A 59 ? 0.56133 0.49822 0.50703 0.01428  -0.00705 -0.03269 85  LEU A CB  
418 C CG  . LEU A 59 ? 0.56906 0.49611 0.53268 0.01631  -0.01009 -0.04479 85  LEU A CG  
419 C CD1 . LEU A 59 ? 0.51330 0.47258 0.46700 0.03689  -0.01056 -0.06347 85  LEU A CD1 
420 C CD2 . LEU A 59 ? 0.52043 0.42986 0.51168 -0.00052 -0.01475 -0.05984 85  LEU A CD2 
421 N N   . ALA A 60 ? 0.46220 0.39420 0.37604 0.01221  0.00259  -0.00371 86  ALA A N   
422 C CA  . ALA A 60 ? 0.53529 0.48053 0.43983 0.02291  0.00413  -0.00557 86  ALA A CA  
423 C C   . ALA A 60 ? 0.52323 0.46840 0.43600 0.00647  0.00721  -0.00827 86  ALA A C   
424 O O   . ALA A 60 ? 0.49353 0.46663 0.41539 0.00978  0.00658  -0.02193 86  ALA A O   
425 C CB  . ALA A 60 ? 0.54430 0.47058 0.42711 0.03692  0.01020  0.01211  86  ALA A CB  
426 N N   . MET A 61 ? 0.44766 0.36932 0.35692 -0.01027 0.01067  0.00366  87  MET A N   
427 C CA  . MET A 61 ? 0.49841 0.42455 0.40949 -0.02754 0.01502  0.00263  87  MET A CA  
428 C C   . MET A 61 ? 0.52914 0.47279 0.45977 -0.04308 0.01514  -0.00581 87  MET A C   
429 O O   . MET A 61 ? 0.51726 0.48305 0.45344 -0.05293 0.02159  -0.01276 87  MET A O   
430 C CB  . MET A 61 ? 0.53836 0.44191 0.43850 -0.04097 0.01531  0.01767  87  MET A CB  
431 C CG  . MET A 61 ? 0.54062 0.43382 0.42552 -0.03769 0.01905  0.01831  87  MET A CG  
432 S SD  . MET A 61 ? 0.56224 0.46786 0.44287 -0.02488 0.02657  0.00168  87  MET A SD  
433 C CE  . MET A 61 ? 0.54063 0.46510 0.41441 -0.04630 0.03195  -0.00298 87  MET A CE  
434 N N   . GLU A 62 ? 0.47348 0.40628 0.41718 -0.04774 0.00994  -0.00617 88  GLU A N   
435 C CA  . GLU A 62 ? 0.47372 0.41683 0.44169 -0.06527 0.01113  -0.01718 88  GLU A CA  
436 C C   . GLU A 62 ? 0.51498 0.50247 0.49835 -0.05840 0.01045  -0.04182 88  GLU A C   
437 O O   . GLU A 62 ? 0.51102 0.52217 0.51539 -0.07713 0.01613  -0.05222 88  GLU A O   
438 C CB  . GLU A 62 ? 0.50141 0.42056 0.48431 -0.06710 0.00488  -0.02000 88  GLU A CB  
439 C CG  . GLU A 62 ? 0.55276 0.43263 0.52712 -0.07144 0.00346  0.00444  88  GLU A CG  
440 C CD  . GLU A 62 ? 0.55267 0.40885 0.54467 -0.06520 -0.00313 -0.00208 88  GLU A CD  
441 O OE1 . GLU A 62 ? 0.57242 0.43954 0.58371 -0.06332 -0.00561 -0.02787 88  GLU A OE1 
442 O OE2 . GLU A 62 ? 0.61452 0.44514 0.60270 -0.06051 -0.00676 0.01544  88  GLU A OE2 
443 N N   . LYS A 63 ? 0.47526 0.47898 0.44940 -0.03162 0.00371  -0.05034 89  LYS A N   
444 C CA  . LYS A 63 ? 0.44684 0.50058 0.43485 -0.01955 -0.00065 -0.07322 89  LYS A CA  
445 C C   . LYS A 63 ? 0.46521 0.54157 0.45216 -0.01586 0.00640  -0.07316 89  LYS A C   
446 O O   . LYS A 63 ? 0.44530 0.56883 0.45721 -0.02060 0.00736  -0.09282 89  LYS A O   
447 C CB  . LYS A 63 ? 0.44890 0.51575 0.42088 0.01191  -0.01058 -0.07764 89  LYS A CB  
448 C CG  . LYS A 63 ? 0.55123 0.61841 0.53190 0.00951  -0.01796 -0.09237 89  LYS A CG  
449 C CD  . LYS A 63 ? 0.63864 0.72175 0.59501 0.04010  -0.02526 -0.09329 89  LYS A CD  
450 C CE  . LYS A 63 ? 0.69316 0.77247 0.65577 0.03714  -0.02961 -0.10954 89  LYS A CE  
451 N NZ  . LYS A 63 ? 0.74172 0.77923 0.72692 0.00905  -0.02415 -0.10711 89  LYS A NZ  
452 N N   . VAL A 64 ? 0.44655 0.49404 0.40850 -0.00695 0.01155  -0.05542 90  VAL A N   
453 C CA  . VAL A 64 ? 0.48873 0.55205 0.44982 -0.00505 0.02014  -0.05904 90  VAL A CA  
454 C C   . VAL A 64 ? 0.50631 0.59064 0.48486 -0.03651 0.03059  -0.06392 90  VAL A C   
455 O O   . VAL A 64 ? 0.45521 0.58365 0.44990 -0.03719 0.03768  -0.07929 90  VAL A O   
456 C CB  . VAL A 64 ? 0.45890 0.47979 0.39248 0.00124  0.02454  -0.04304 90  VAL A CB  
457 C CG1 . VAL A 64 ? 0.46952 0.50674 0.40237 0.00254  0.03438  -0.05322 90  VAL A CG1 
458 C CG2 . VAL A 64 ? 0.47313 0.47106 0.39104 0.02946  0.01833  -0.03446 90  VAL A CG2 
459 N N   . ALA A 65 ? 0.45671 0.51071 0.43225 -0.06193 0.03291  -0.04888 91  ALA A N   
460 C CA  . ALA A 65 ? 0.48962 0.55464 0.47434 -0.09348 0.04552  -0.04413 91  ALA A CA  
461 C C   . ALA A 65 ? 0.54130 0.65481 0.56455 -0.10762 0.04982  -0.06586 91  ALA A C   
462 O O   . ALA A 65 ? 0.49930 0.64407 0.53370 -0.12895 0.06482  -0.06797 91  ALA A O   
463 C CB  . ALA A 65 ? 0.52876 0.54640 0.50347 -0.11275 0.04459  -0.01984 91  ALA A CB  
464 N N   . ASN A 66 ? 0.46607 0.59441 0.51077 -0.09693 0.03756  -0.08470 92  ASN A N   
465 C CA  . ASN A 66 ? 0.57517 0.76147 0.66239 -0.10996 0.03896  -0.11273 92  ASN A CA  
466 C C   . ASN A 66 ? 0.54142 0.79263 0.64083 -0.09345 0.04304  -0.13072 92  ASN A C   
467 O O   . ASN A 66 ? 0.61952 0.93229 0.75929 -0.10447 0.04488  -0.15622 92  ASN A O   
468 C CB  . ASN A 66 ? 0.53002 0.72792 0.63389 -0.09717 0.02146  -0.13493 92  ASN A CB  
469 C CG  . ASN A 66 ? 0.61746 0.75609 0.71530 -0.10866 0.01705  -0.12476 92  ASN A CG  
470 O OD1 . ASN A 66 ? 0.67749 0.77324 0.77492 -0.13548 0.02726  -0.10502 92  ASN A OD1 
471 N ND2 . ASN A 66 ? 0.55502 0.69262 0.64615 -0.08523 0.00188  -0.13727 92  ASN A ND2 
472 N N   . SER A 67 ? 0.53561 0.77638 0.60589 -0.06635 0.04389  -0.12150 93  SER A N   
473 C CA  . SER A 67 ? 0.56808 0.86354 0.64992 -0.04326 0.04719  -0.13959 93  SER A CA  
474 C C   . SER A 67 ? 0.60083 0.89967 0.67035 -0.05543 0.06677  -0.13374 93  SER A C   
475 O O   . SER A 67 ? 0.57526 0.90893 0.64905 -0.03125 0.07078  -0.14900 93  SER A O   
476 C CB  . SER A 67 ? 0.57299 0.85267 0.63341 0.00410  0.03222  -0.13800 93  SER A CB  
477 O OG  . SER A 67 ? 0.71431 1.00328 0.78054 0.01903  0.01451  -0.14428 93  SER A OG  
478 N N   . VAL A 68 ? 0.58420 0.68451 0.62425 -0.11095 0.10602  -0.08444 94  VAL A N   
479 C CA  . VAL A 68 ? 0.52380 0.62014 0.57612 -0.11529 0.10212  -0.08742 94  VAL A CA  
480 C C   . VAL A 68 ? 0.50516 0.60854 0.56822 -0.10290 0.08759  -0.09006 94  VAL A C   
481 O O   . VAL A 68 ? 0.46553 0.58563 0.53951 -0.09499 0.08187  -0.09515 94  VAL A O   
482 C CB  . VAL A 68 ? 0.48930 0.60910 0.56064 -0.13050 0.10748  -0.09644 94  VAL A CB  
483 C CG1 . VAL A 68 ? 0.49502 0.61658 0.57472 -0.13692 0.09791  -0.10208 94  VAL A CG1 
484 C CG2 . VAL A 68 ? 0.49992 0.60787 0.56029 -0.14743 0.12358  -0.09163 94  VAL A CG2 
485 N N   . LEU A 69 ? 0.48840 0.57546 0.54661 -0.10112 0.08425  -0.08651 95  LEU A N   
486 C CA  . LEU A 69 ? 0.47238 0.56643 0.53898 -0.09311 0.07287  -0.08719 95  LEU A CA  
487 C C   . LEU A 69 ? 0.52749 0.63270 0.59951 -0.10295 0.06929  -0.09525 95  LEU A C   
488 O O   . LEU A 69 ? 0.53561 0.62418 0.59383 -0.11469 0.07574  -0.09892 95  LEU A O   
489 C CB  . LEU A 69 ? 0.51344 0.58784 0.57063 -0.08487 0.07400  -0.07713 95  LEU A CB  
490 C CG  . LEU A 69 ? 0.52358 0.59633 0.57971 -0.07691 0.07185  -0.06581 95  LEU A CG  
491 C CD1 . LEU A 69 ? 0.46539 0.52602 0.52106 -0.06772 0.07585  -0.05221 95  LEU A CD1 
492 C CD2 . LEU A 69 ? 0.42714 0.51548 0.49232 -0.07362 0.05938  -0.06815 95  LEU A CD2 
493 N N   . PHE A 70 ? 0.49207 0.62389 0.58304 -0.09877 0.05825  -0.09756 96  PHE A N   
494 C CA  . PHE A 70 ? 0.43928 0.59322 0.53952 -0.10875 0.04988  -0.10199 96  PHE A CA  
495 C C   . PHE A 70 ? 0.48968 0.63868 0.57851 -0.10515 0.03938  -0.09770 96  PHE A C   
496 O O   . PHE A 70 ? 0.48349 0.63023 0.57699 -0.09107 0.03441  -0.09002 96  PHE A O   
497 C CB  . PHE A 70 ? 0.41456 0.60599 0.54766 -0.10305 0.04473  -0.10274 96  PHE A CB  
498 C CG  . PHE A 70 ? 0.42871 0.63194 0.57278 -0.10929 0.05823  -0.10746 96  PHE A CG  
499 C CD1 . PHE A 70 ? 0.47524 0.69995 0.63050 -0.12879 0.06079  -0.11119 96  PHE A CD1 
500 C CD2 . PHE A 70 ? 0.44200 0.63449 0.58152 -0.09888 0.06865  -0.10801 96  PHE A CD2 
501 C CE1 . PHE A 70 ? 0.43584 0.67289 0.60153 -0.13651 0.07609  -0.11323 96  PHE A CE1 
502 C CE2 . PHE A 70 ? 0.37812 0.58097 0.52131 -0.10548 0.08379  -0.11127 96  PHE A CE2 
503 C CZ  . PHE A 70 ? 0.47152 0.69767 0.62992 -0.12372 0.08879  -0.11279 96  PHE A CZ  
504 N N   . PRO A 71 ? 0.48307 0.62741 0.55283 -0.11959 0.03670  -0.10269 97  PRO A N   
505 C CA  . PRO A 71 ? 0.52565 0.66521 0.57662 -0.11708 0.02875  -0.09822 97  PRO A CA  
506 C C   . PRO A 71 ? 0.51528 0.68719 0.58765 -0.10847 0.01058  -0.08819 97  PRO A C   
507 O O   . PRO A 71 ? 0.50657 0.71150 0.60656 -0.11012 0.00141  -0.08807 97  PRO A O   
508 C CB  . PRO A 71 ? 0.62101 0.74845 0.64124 -0.13883 0.02960  -0.11011 97  PRO A CB  
509 C CG  . PRO A 71 ? 0.53963 0.65741 0.56368 -0.15257 0.03999  -0.11964 97  PRO A CG  
510 C CD  . PRO A 71 ? 0.48938 0.62279 0.54580 -0.14084 0.04407  -0.11343 97  PRO A CD  
511 N N   . CYS A 72 ? 0.43391 0.59667 0.49633 -0.09805 0.00699  -0.07730 98  CYS A N   
512 C CA  . CYS A 72 ? 0.49142 0.67681 0.56771 -0.08981 -0.01032 -0.06383 98  CYS A CA  
513 C C   . CYS A 72 ? 0.50516 0.72180 0.57871 -0.10368 -0.02696 -0.06465 98  CYS A C   
514 O O   . CYS A 72 ? 0.51335 0.72209 0.55475 -0.12299 -0.02572 -0.07538 98  CYS A O   
515 C CB  . CYS A 72 ? 0.48111 0.64822 0.53605 -0.08399 -0.00970 -0.05117 98  CYS A CB  
516 S SG  . CYS A 72 ? 0.47310 0.66042 0.53731 -0.07478 -0.03103 -0.02916 98  CYS A SG  
517 N N   . LYS A 73 ? 0.45003 0.70206 0.55771 -0.09401 -0.04302 -0.05307 99  LYS A N   
518 C CA  . LYS A 73 ? 0.49995 0.79281 0.61111 -0.10750 -0.06401 -0.04921 99  LYS A CA  
519 C C   . LYS A 73 ? 0.54936 0.83373 0.61324 -0.11836 -0.07554 -0.04253 99  LYS A C   
520 O O   . LYS A 73 ? 0.54322 0.85467 0.59272 -0.13762 -0.09348 -0.04364 99  LYS A O   
521 C CB  . LYS A 73 ? 0.47681 0.81290 0.63965 -0.08866 -0.07909 -0.03213 99  LYS A CB  
522 C CG  . LYS A 73 ? 0.56533 0.89056 0.72549 -0.06864 -0.08858 -0.00959 99  LYS A CG  
523 C CD  . LYS A 73 ? 0.47082 0.81316 0.68357 -0.03995 -0.09185 0.00532  99  LYS A CD  
524 C CE  . LYS A 73 ? 0.55345 0.95618 0.80794 -0.03461 -0.11227 0.01956  99  LYS A CE  
525 N NZ  . LYS A 73 ? 0.59731 0.99751 0.88911 -0.00055 -0.11467 0.04097  99  LYS A NZ  
526 N N   . TYR A 74 ? 0.53918 0.78913 0.57706 -0.10857 -0.06581 -0.03514 100 TYR A N   
527 C CA  . TYR A 74 ? 0.54020 0.78087 0.52726 -0.11899 -0.07187 -0.02880 100 TYR A CA  
528 C C   . TYR A 74 ? 0.58506 0.78721 0.52443 -0.13343 -0.05000 -0.04909 100 TYR A C   
529 O O   . TYR A 74 ? 0.64605 0.82805 0.54285 -0.13545 -0.04246 -0.04510 100 TYR A O   
530 C CB  . TYR A 74 ? 0.57589 0.80672 0.56299 -0.10109 -0.07380 -0.00417 100 TYR A CB  
531 C CG  . TYR A 74 ? 0.59001 0.84948 0.62221 -0.08307 -0.09332 0.01766  100 TYR A CG  
532 C CD1 . TYR A 74 ? 0.56888 0.87090 0.60623 -0.08725 -0.12039 0.03110  100 TYR A CD1 
533 C CD2 . TYR A 74 ? 0.54782 0.79078 0.61724 -0.06154 -0.08484 0.02526  100 TYR A CD2 
534 C CE1 . TYR A 74 ? 0.57993 0.90899 0.66478 -0.06550 -0.13640 0.05401  100 TYR A CE1 
535 C CE2 . TYR A 74 ? 0.56277 0.82344 0.67304 -0.04149 -0.09851 0.04395  100 TYR A CE2 
536 C CZ  . TYR A 74 ? 0.61971 0.92424 0.74060 -0.04105 -0.12326 0.05961  100 TYR A CZ  
537 O OH  . TYR A 74 ? 0.59191 0.91492 0.75933 -0.01601 -0.13517 0.08123  100 TYR A OH  
538 N N   . ALA A 75 ? 0.61700 0.80708 0.56264 -0.14238 -0.03735 -0.06962 101 ALA A N   
539 C CA  . ALA A 75 ? 0.61443 0.76315 0.51599 -0.15405 -0.01543 -0.08881 101 ALA A CA  
540 C C   . ALA A 75 ? 0.72235 0.86602 0.56562 -0.17684 -0.02361 -0.09813 101 ALA A C   
541 O O   . ALA A 75 ? 0.78713 0.89487 0.58248 -0.17880 -0.00437 -0.10641 101 ALA A O   
542 C CB  . ALA A 75 ? 0.54727 0.68316 0.46560 -0.16175 -0.00369 -0.10598 101 ALA A CB  
543 N N   . SER A 76 ? 0.71155 0.89336 0.55728 -0.19433 -0.05186 -0.09656 102 SER A N   
544 C CA  . SER A 76 ? 0.80208 0.97991 0.58539 -0.22162 -0.06349 -0.10771 102 SER A CA  
545 C C   . SER A 76 ? 0.84893 1.02925 0.59396 -0.21439 -0.06963 -0.08938 102 SER A C   
546 O O   . SER A 76 ? 0.92204 1.09116 0.60108 -0.23596 -0.07453 -0.09939 102 SER A O   
547 C CB  . SER A 76 ? 0.69826 0.92520 0.49805 -0.24621 -0.09634 -0.10888 102 SER A CB  
548 O OG  . SER A 76 ? 0.73676 1.01919 0.59234 -0.22799 -0.12012 -0.08039 102 SER A OG  
549 N N   . SER A 77 ? 0.76901 0.96147 0.54989 -0.18721 -0.06953 -0.06309 103 SER A N   
550 C CA  . SER A 77 ? 0.79061 0.97524 0.53684 -0.17859 -0.06657 -0.04353 103 SER A CA  
551 C C   . SER A 77 ? 0.79630 0.93801 0.52811 -0.16585 -0.02909 -0.04912 103 SER A C   
552 O O   . SER A 77 ? 0.81539 0.95003 0.52208 -0.15894 -0.02049 -0.03235 103 SER A O   
553 C CB  . SER A 77 ? 0.78692 1.00383 0.58007 -0.15795 -0.08689 -0.00931 103 SER A CB  
554 O OG  . SER A 77 ? 0.74482 1.00868 0.55414 -0.16561 -0.12212 0.00191  103 SER A OG  
555 N N   . GLY A 78 ? 0.75488 0.87153 0.50519 -0.16222 -0.00671 -0.06895 104 GLY A N   
556 C CA  . GLY A 78 ? 0.75612 0.83861 0.49810 -0.14929 0.02814  -0.07316 104 GLY A CA  
557 C C   . GLY A 78 ? 0.71034 0.79575 0.51348 -0.12743 0.03763  -0.06099 104 GLY A C   
558 O O   . GLY A 78 ? 0.68093 0.74863 0.48544 -0.11583 0.06354  -0.05862 104 GLY A O   
559 N N   . CYS A 79 ? 0.63705 0.74582 0.49016 -0.12181 0.01834  -0.05346 105 CYS A N   
560 C CA  . CYS A 79 ? 0.63420 0.74118 0.53615 -0.10531 0.02678  -0.04690 105 CYS A CA  
561 C C   . CYS A 79 ? 0.65311 0.74067 0.56191 -0.10594 0.04335  -0.06576 105 CYS A C   
562 O O   . CYS A 79 ? 0.66293 0.75082 0.56828 -0.11796 0.03706  -0.08080 105 CYS A O   
563 C CB  . CYS A 79 ? 0.57148 0.70310 0.51790 -0.09799 0.00485  -0.03550 105 CYS A CB  
564 S SG  . CYS A 79 ? 0.52708 0.65047 0.51935 -0.08250 0.01460  -0.03069 105 CYS A SG  
565 N N   . GLU A 80 ? 0.62128 0.69415 0.54237 -0.09375 0.06387  -0.06225 106 GLU A N   
566 C CA  . GLU A 80 ? 0.61111 0.66380 0.53939 -0.09078 0.07992  -0.07442 106 GLU A CA  
567 C C   . GLU A 80 ? 0.54232 0.60662 0.51542 -0.08130 0.07435  -0.06671 106 GLU A C   
568 O O   . GLU A 80 ? 0.54247 0.59303 0.52440 -0.07642 0.08632  -0.07038 106 GLU A O   
569 C CB  . GLU A 80 ? 0.66643 0.69534 0.57566 -0.08175 0.10866  -0.07539 106 GLU A CB  
570 C CG  . GLU A 80 ? 0.77464 0.79352 0.63493 -0.08888 0.11727  -0.08006 106 GLU A CG  
571 C CD  . GLU A 80 ? 0.79880 0.79469 0.64293 -0.07616 0.15173  -0.08178 106 GLU A CD  
572 O OE1 . GLU A 80 ? 0.88778 0.86243 0.74467 -0.06588 0.16924  -0.08800 106 GLU A OE1 
573 O OE2 . GLU A 80 ? 0.89076 0.89163 0.71253 -0.07440 0.16277  -0.07403 106 GLU A OE2 
574 N N   . ILE A 81 ? 0.53892 0.62454 0.53655 -0.07866 0.05690  -0.05612 107 ILE A N   
575 C CA  . ILE A 81 ? 0.45171 0.54420 0.48297 -0.07197 0.05185  -0.05204 107 ILE A CA  
576 C C   . ILE A 81 ? 0.46579 0.56141 0.50343 -0.07760 0.04686  -0.06478 107 ILE A C   
577 O O   . ILE A 81 ? 0.46638 0.57328 0.49898 -0.08579 0.03716  -0.07101 107 ILE A O   
578 C CB  . ILE A 81 ? 0.48882 0.59313 0.53908 -0.06787 0.03790  -0.03906 107 ILE A CB  
579 C CG1 . ILE A 81 ? 0.51296 0.61574 0.55879 -0.06583 0.04505  -0.02369 107 ILE A CG1 
580 C CG2 . ILE A 81 ? 0.45227 0.55794 0.52841 -0.06395 0.03246  -0.04023 107 ILE A CG2 
581 C CD1 . ILE A 81 ? 0.42899 0.52858 0.48014 -0.06137 0.06314  -0.02050 107 ILE A CD1 
582 N N   . THR A 82 ? 0.46176 0.55108 0.51062 -0.07453 0.05342  -0.06667 108 THR A N   
583 C CA  . THR A 82 ? 0.46531 0.56007 0.52251 -0.07977 0.05115  -0.07565 108 THR A CA  
584 C C   . THR A 82 ? 0.46214 0.56348 0.53812 -0.07259 0.04647  -0.07145 108 THR A C   
585 O O   . THR A 82 ? 0.50426 0.60040 0.58357 -0.06713 0.04761  -0.06272 108 THR A O   
586 C CB  . THR A 82 ? 0.49701 0.57112 0.53952 -0.08610 0.06543  -0.08224 108 THR A CB  
587 O OG1 . THR A 82 ? 0.54692 0.60693 0.59038 -0.07569 0.07535  -0.07257 108 THR A OG1 
588 C CG2 . THR A 82 ? 0.54132 0.60003 0.55798 -0.09591 0.07112  -0.09091 108 THR A CG2 
589 N N   . LEU A 83 ? 0.44979 0.56432 0.53802 -0.07340 0.04154  -0.07802 109 LEU A N   
590 C CA  . LEU A 83 ? 0.46141 0.57786 0.56170 -0.06641 0.03664  -0.07787 109 LEU A CA  
591 C C   . LEU A 83 ? 0.44556 0.56752 0.54813 -0.06802 0.04322  -0.08715 109 LEU A C   
592 O O   . LEU A 83 ? 0.46352 0.59959 0.57191 -0.07338 0.04775  -0.09280 109 LEU A O   
593 C CB  . LEU A 83 ? 0.49078 0.61537 0.60559 -0.05959 0.02638  -0.07530 109 LEU A CB  
594 C CG  . LEU A 83 ? 0.47866 0.59771 0.58870 -0.05858 0.02021  -0.06323 109 LEU A CG  
595 C CD1 . LEU A 83 ? 0.58035 0.71561 0.69471 -0.05749 0.01149  -0.05988 109 LEU A CD1 
596 C CD2 . LEU A 83 ? 0.52635 0.63224 0.64429 -0.05396 0.01510  -0.05756 109 LEU A CD2 
597 N N   . PRO A 84 ? 0.46451 0.57781 0.56176 -0.06552 0.04369  -0.08910 110 PRO A N   
598 C CA  . PRO A 84 ? 0.42768 0.54648 0.52364 -0.06529 0.05200  -0.09953 110 PRO A CA  
599 C C   . PRO A 84 ? 0.44017 0.57481 0.55974 -0.05665 0.05212  -0.10577 110 PRO A C   
600 O O   . PRO A 84 ? 0.39503 0.52784 0.52704 -0.04910 0.04258  -0.10134 110 PRO A O   
601 C CB  . PRO A 84 ? 0.37085 0.47303 0.45002 -0.06525 0.04864  -0.10186 110 PRO A CB  
602 C CG  . PRO A 84 ? 0.45800 0.55285 0.53510 -0.06801 0.03816  -0.08872 110 PRO A CG  
603 C CD  . PRO A 84 ? 0.42730 0.52786 0.51968 -0.06456 0.03586  -0.08283 110 PRO A CD  
604 N N   . HIS A 85 ? 0.42248 0.57539 0.55116 -0.05694 0.06384  -0.11324 111 HIS A N   
605 C CA  . HIS A 85 ? 0.44449 0.62273 0.60573 -0.04621 0.06437  -0.11549 111 HIS A CA  
606 C C   . HIS A 85 ? 0.41750 0.57860 0.58488 -0.02908 0.06344  -0.11995 111 HIS A C   
607 O O   . HIS A 85 ? 0.41198 0.58504 0.60716 -0.01564 0.05782  -0.11495 111 HIS A O   
608 C CB  . HIS A 85 ? 0.40417 0.61193 0.58025 -0.05031 0.08018  -0.12131 111 HIS A CB  
609 C CG  . HIS A 85 ? 0.44436 0.64053 0.60208 -0.04750 0.09782  -0.13192 111 HIS A CG  
610 N ND1 . HIS A 85 ? 0.49652 0.69669 0.66776 -0.03058 0.11011  -0.14206 111 HIS A ND1 
611 C CD2 . HIS A 85 ? 0.48544 0.66518 0.60879 -0.05908 0.10628  -0.13349 111 HIS A CD2 
612 C CE1 . HIS A 85 ? 0.56751 0.75259 0.70787 -0.03388 0.12614  -0.15240 111 HIS A CE1 
613 N NE2 . HIS A 85 ? 0.53121 0.70588 0.64198 -0.05178 0.12227  -0.14572 111 HIS A NE2 
614 N N   . THR A 86 ? 0.45161 0.58180 0.59157 -0.03030 0.06725  -0.12820 112 THR A N   
615 C CA  . THR A 86 ? 0.48169 0.58446 0.62172 -0.01750 0.06739  -0.13574 112 THR A CA  
616 C C   . THR A 86 ? 0.44645 0.53193 0.59279 -0.01581 0.05022  -0.12336 112 THR A C   
617 O O   . THR A 86 ? 0.45579 0.51798 0.61058 -0.00352 0.04952  -0.12533 112 THR A O   
618 C CB  . THR A 86 ? 0.51207 0.58488 0.61376 -0.02529 0.07368  -0.15011 112 THR A CB  
619 O OG1 . THR A 86 ? 0.49818 0.56322 0.57733 -0.04220 0.06025  -0.14125 112 THR A OG1 
620 C CG2 . THR A 86 ? 0.55019 0.63944 0.64147 -0.02619 0.09387  -0.16092 112 THR A CG2 
621 N N   . GLU A 87 ? 0.50607 0.59975 0.64800 -0.02705 0.03906  -0.11009 113 GLU A N   
622 C CA  . GLU A 87 ? 0.46408 0.54443 0.60963 -0.02704 0.02595  -0.09651 113 GLU A CA  
623 C C   . GLU A 87 ? 0.49428 0.59914 0.65719 -0.02278 0.01866  -0.08279 113 GLU A C   
624 O O   . GLU A 87 ? 0.44177 0.53691 0.60628 -0.02121 0.00913  -0.06924 113 GLU A O   
625 C CB  . GLU A 87 ? 0.42437 0.49510 0.55056 -0.04219 0.02026  -0.09033 113 GLU A CB  
626 C CG  . GLU A 87 ? 0.51332 0.56372 0.61953 -0.05042 0.02124  -0.10122 113 GLU A CG  
627 C CD  . GLU A 87 ? 0.46985 0.48634 0.57449 -0.04977 0.01646  -0.10619 113 GLU A CD  
628 O OE1 . GLU A 87 ? 0.53814 0.54571 0.65938 -0.04183 0.01249  -0.09667 113 GLU A OE1 
629 O OE2 . GLU A 87 ? 0.50975 0.50494 0.59309 -0.05828 0.01662  -0.11974 113 GLU A OE2 
630 N N   . LYS A 88 ? 0.45064 0.58738 0.62452 -0.02341 0.02222  -0.08533 114 LYS A N   
631 C CA  . LYS A 88 ? 0.42126 0.58313 0.60250 -0.02664 0.01207  -0.07407 114 LYS A CA  
632 C C   . LYS A 88 ? 0.44948 0.61659 0.65194 -0.01129 0.00102  -0.06059 114 LYS A C   
633 O O   . LYS A 88 ? 0.43902 0.60475 0.63244 -0.01401 -0.01054 -0.04604 114 LYS A O   
634 C CB  . LYS A 88 ? 0.46232 0.65780 0.65392 -0.03462 0.01688  -0.08092 114 LYS A CB  
635 C CG  . LYS A 88 ? 0.48485 0.70307 0.67268 -0.04710 0.00561  -0.07435 114 LYS A CG  
636 C CD  . LYS A 88 ? 0.47620 0.70876 0.65988 -0.06496 0.01400  -0.08481 114 LYS A CD  
637 C CE  . LYS A 88 ? 0.51771 0.77978 0.70367 -0.08104 0.00178  -0.08282 114 LYS A CE  
638 N NZ  . LYS A 88 ? 0.44168 0.73620 0.65072 -0.07211 -0.01695 -0.06980 114 LYS A NZ  
639 N N   . ALA A 89 ? 0.40027 0.57057 0.62933 0.00668  0.00635  -0.06391 115 ALA A N   
640 C CA  . ALA A 89 ? 0.44075 0.61785 0.69663 0.02611  -0.00349 -0.04757 115 ALA A CA  
641 C C   . ALA A 89 ? 0.48959 0.62385 0.72980 0.02868  -0.01033 -0.03518 115 ALA A C   
642 O O   . ALA A 89 ? 0.45723 0.59764 0.70057 0.03271  -0.02443 -0.01389 115 ALA A O   
643 C CB  . ALA A 89 ? 0.49261 0.67627 0.78234 0.04910  0.00954  -0.05511 115 ALA A CB  
644 N N   . ASP A 90 ? 0.49404 0.58561 0.71624 0.02417  -0.00134 -0.04693 116 ASP A N   
645 C CA  . ASP A 90 ? 0.51460 0.56567 0.72435 0.02127  -0.00727 -0.03502 116 ASP A CA  
646 C C   . ASP A 90 ? 0.45303 0.51516 0.64339 0.00451  -0.01654 -0.01971 116 ASP A C   
647 O O   . ASP A 90 ? 0.52207 0.57123 0.70978 0.00570  -0.02458 0.00074  116 ASP A O   
648 C CB  . ASP A 90 ? 0.51214 0.52086 0.70470 0.01263  0.00143  -0.05249 116 ASP A CB  
649 C CG  . ASP A 90 ? 0.73169 0.70861 0.93533 0.03114  0.01223  -0.06582 116 ASP A CG  
650 O OD1 . ASP A 90 ? 0.69127 0.67348 0.92262 0.05480  0.01258  -0.05531 116 ASP A OD1 
651 O OD2 . ASP A 90 ? 0.74537 0.69074 0.92870 0.02249  0.02044  -0.08628 116 ASP A OD2 
652 N N   . HIS A 91 ? 0.44735 0.53053 0.62241 -0.01020 -0.01309 -0.02852 117 HIS A N   
653 C CA  . HIS A 91 ? 0.46061 0.55198 0.61555 -0.02322 -0.01660 -0.01679 117 HIS A CA  
654 C C   . HIS A 91 ? 0.41845 0.53229 0.57272 -0.01902 -0.02798 -0.00059 117 HIS A C   
655 O O   . HIS A 91 ? 0.45983 0.56644 0.59962 -0.02247 -0.03303 0.01753  117 HIS A O   
656 C CB  . HIS A 91 ? 0.47462 0.57985 0.61488 -0.03546 -0.00832 -0.02979 117 HIS A CB  
657 C CG  . HIS A 91 ? 0.48532 0.60104 0.60414 -0.04470 -0.00818 -0.02190 117 HIS A CG  
658 N ND1 . HIS A 91 ? 0.41326 0.51758 0.51896 -0.05110 -0.00300 -0.01202 117 HIS A ND1 
659 C CD2 . HIS A 91 ? 0.38627 0.52209 0.49254 -0.04965 -0.01146 -0.02337 117 HIS A CD2 
660 C CE1 . HIS A 91 ? 0.44166 0.55533 0.52457 -0.05684 0.00027  -0.00914 117 HIS A CE1 
661 N NE2 . HIS A 91 ? 0.48589 0.61581 0.56536 -0.05769 -0.00609 -0.01718 117 HIS A NE2 
662 N N   . GLU A 92 ? 0.39883 0.54368 0.56822 -0.01344 -0.03276 -0.00548 118 GLU A N   
663 C CA  . GLU A 92 ? 0.42998 0.60490 0.59728 -0.01352 -0.04809 0.00954  118 GLU A CA  
664 C C   . GLU A 92 ? 0.45401 0.61988 0.63333 0.00241  -0.05976 0.03475  118 GLU A C   
665 O O   . GLU A 92 ? 0.46952 0.65049 0.63341 -0.00058 -0.07387 0.05416  118 GLU A O   
666 C CB  . GLU A 92 ? 0.46746 0.68393 0.65774 -0.01320 -0.05199 -0.00031 118 GLU A CB  
667 C CG  . GLU A 92 ? 0.41118 0.63214 0.58379 -0.03237 -0.04121 -0.02140 118 GLU A CG  
668 C CD  . GLU A 92 ? 0.46645 0.72438 0.66597 -0.03527 -0.04041 -0.03238 118 GLU A CD  
669 O OE1 . GLU A 92 ? 0.48546 0.76800 0.72446 -0.01858 -0.04378 -0.02660 118 GLU A OE1 
670 O OE2 . GLU A 92 ? 0.42260 0.68448 0.60505 -0.05436 -0.03476 -0.04578 118 GLU A OE2 
671 N N   . GLU A 93 ? 0.46301 0.59913 0.66440 0.01833  -0.05356 0.03515  119 GLU A N   
672 C CA  . GLU A 93 ? 0.49966 0.61722 0.71367 0.03548  -0.06253 0.06064  119 GLU A CA  
673 C C   . GLU A 93 ? 0.54117 0.62917 0.72427 0.02297  -0.06411 0.07879  119 GLU A C   
674 O O   . GLU A 93 ? 0.54298 0.62646 0.72363 0.03069  -0.07565 0.10725  119 GLU A O   
675 C CB  . GLU A 93 ? 0.52650 0.61217 0.76978 0.05583  -0.05145 0.05117  119 GLU A CB  
676 C CG  . GLU A 93 ? 0.67276 0.70372 0.91721 0.06589  -0.05036 0.06696  119 GLU A CG  
677 C CD  . GLU A 93 ? 0.79521 0.79528 1.06864 0.09047  -0.03802 0.05487  119 GLU A CD  
678 O OE1 . GLU A 93 ? 0.86213 0.87756 1.14587 0.09357  -0.02586 0.02868  119 GLU A OE1 
679 O OE2 . GLU A 93 ? 0.89350 0.85047 1.17700 0.10700  -0.03828 0.07174  119 GLU A OE2 
680 N N   . LEU A 94 ? 0.49335 0.56628 0.65404 0.00373  -0.05261 0.06598  120 LEU A N   
681 C CA  . LEU A 94 ? 0.58380 0.63632 0.72044 -0.00968 -0.05010 0.08315  120 LEU A CA  
682 C C   . LEU A 94 ? 0.59580 0.67336 0.70034 -0.02657 -0.04564 0.08032  120 LEU A C   
683 O O   . LEU A 94 ? 0.57669 0.64371 0.66176 -0.03810 -0.03831 0.09256  120 LEU A O   
684 C CB  . LEU A 94 ? 0.60432 0.61832 0.74784 -0.01772 -0.03928 0.07439  120 LEU A CB  
685 C CG  . LEU A 94 ? 0.62645 0.59944 0.79224 -0.00340 -0.04046 0.07541  120 LEU A CG  
686 C CD1 . LEU A 94 ? 0.64394 0.58251 0.81065 -0.01707 -0.03164 0.05723  120 LEU A CD1 
687 C CD2 . LEU A 94 ? 0.61416 0.56218 0.78038 0.00492  -0.04824 0.10839  120 LEU A CD2 
688 N N   . CYS A 95 ? 0.49402 0.70182 0.71805 -0.12855 -0.00794 0.04885  121 CYS A N   
689 C CA  . CYS A 95 ? 0.48726 0.69275 0.64855 -0.12823 -0.02645 0.03461  121 CYS A CA  
690 C C   . CYS A 95 ? 0.59675 0.80493 0.71180 -0.11943 -0.03237 0.05233  121 CYS A C   
691 O O   . CYS A 95 ? 0.54960 0.76591 0.66652 -0.11489 -0.04598 0.08160  121 CYS A O   
692 C CB  . CYS A 95 ? 0.50887 0.71287 0.65548 -0.13795 -0.05345 0.02283  121 CYS A CB  
693 S SG  . CYS A 95 ? 0.49916 0.67497 0.56182 -0.13675 -0.06954 0.00160  121 CYS A SG  
694 N N   . GLU A 96 ? 0.52939 0.73542 0.60254 -0.11656 -0.02251 0.03429  122 GLU A N   
695 C CA  . GLU A 96 ? 0.61286 0.82223 0.63087 -0.11477 -0.02153 0.04150  122 GLU A CA  
696 C C   . GLU A 96 ? 0.63198 0.84007 0.60878 -0.12014 -0.05317 0.05402  122 GLU A C   
697 O O   . GLU A 96 ? 0.65532 0.86956 0.59463 -0.12463 -0.05809 0.07783  122 GLU A O   
698 C CB  . GLU A 96 ? 0.63803 0.85138 0.62443 -0.10653 -0.00842 0.00830  122 GLU A CB  
699 C CG  . GLU A 96 ? 0.65191 0.86996 0.57614 -0.10874 -0.00068 0.00511  122 GLU A CG  
700 C CD  . GLU A 96 ? 0.70164 0.93439 0.61262 -0.09347 0.02098  -0.03159 122 GLU A CD  
701 O OE1 . GLU A 96 ? 0.74124 0.97743 0.59956 -0.09595 0.03316  -0.04437 122 GLU A OE1 
702 O OE2 . GLU A 96 ? 0.65549 0.89918 0.60786 -0.07783 0.02468  -0.04835 122 GLU A OE2 
703 N N   . PHE A 97 ? 0.59546 0.79680 0.57104 -0.12605 -0.07519 0.03831  123 PHE A N   
704 C CA  . PHE A 97 ? 0.64879 0.85495 0.57631 -0.14116 -0.10452 0.03924  123 PHE A CA  
705 C C   . PHE A 97 ? 0.64845 0.89226 0.62217 -0.14740 -0.13144 0.06670  123 PHE A C   
706 O O   . PHE A 97 ? 0.66141 0.92427 0.60792 -0.16714 -0.15972 0.06262  123 PHE A O   
707 C CB  . PHE A 97 ? 0.69110 0.85988 0.57578 -0.15052 -0.10876 0.00058  123 PHE A CB  
708 C CG  . PHE A 97 ? 0.68830 0.82557 0.53663 -0.13350 -0.08449 -0.02622 123 PHE A CG  
709 C CD1 . PHE A 97 ? 0.74496 0.87095 0.52411 -0.13668 -0.07777 -0.04131 123 PHE A CD1 
710 C CD2 . PHE A 97 ? 0.63904 0.76683 0.52509 -0.11418 -0.06781 -0.03727 123 PHE A CD2 
711 C CE1 . PHE A 97 ? 0.76655 0.87407 0.52598 -0.11462 -0.05096 -0.06947 123 PHE A CE1 
712 C CE2 . PHE A 97 ? 0.68471 0.80106 0.55175 -0.09114 -0.04851 -0.06039 123 PHE A CE2 
713 C CZ  . PHE A 97 ? 0.74980 0.85704 0.55894 -0.08825 -0.03811 -0.07772 123 PHE A CZ  
714 N N   . ARG A 98 ? 0.62711 0.88551 0.67287 -0.13161 -0.12155 0.09207  124 ARG A N   
715 C CA  . ARG A 98 ? 0.66246 0.96642 0.76016 -0.12794 -0.14772 0.11943  124 ARG A CA  
716 C C   . ARG A 98 ? 0.74179 1.06883 0.80192 -0.12245 -0.17297 0.16044  124 ARG A C   
717 O O   . ARG A 98 ? 0.74560 1.04344 0.75367 -0.11985 -0.15817 0.17299  124 ARG A O   
718 C CB  . ARG A 98 ? 0.61871 0.92422 0.80749 -0.10860 -0.12596 0.13140  124 ARG A CB  
719 C CG  . ARG A 98 ? 0.71400 0.99315 0.91377 -0.08663 -0.10563 0.16621  124 ARG A CG  
720 C CD  . ARG A 98 ? 0.71935 0.96334 0.96298 -0.08570 -0.06192 0.14753  124 ARG A CD  
721 N NE  . ARG A 98 ? 0.72948 0.93730 0.99022 -0.07012 -0.03653 0.17832  124 ARG A NE  
722 C CZ  . ARG A 98 ? 0.74101 0.91412 0.95032 -0.07882 -0.01412 0.18422  124 ARG A CZ  
723 N NH1 . ARG A 98 ? 0.72078 0.90159 0.86974 -0.09635 -0.01315 0.15973  124 ARG A NH1 
724 N NH2 . ARG A 98 ? 0.81843 0.94575 1.03827 -0.07035 0.01174  0.21322  124 ARG A NH2 
725 N N   . PRO A 99 ? 0.72586 1.11240 0.80832 -0.12429 -0.21253 0.18228  125 PRO A N   
726 C CA  . PRO A 99 ? 0.75529 1.17205 0.79791 -0.11959 -0.24580 0.22883  125 PRO A CA  
727 C C   . PRO A 99 ? 0.78773 1.17583 0.85609 -0.08461 -0.23315 0.27980  125 PRO A C   
728 O O   . PRO A 99 ? 0.88423 1.26252 0.88759 -0.08453 -0.24720 0.31852  125 PRO A O   
729 C CB  . PRO A 99 ? 0.81400 1.31934 0.90683 -0.12447 -0.29136 0.23933  125 PRO A CB  
730 C CG  . PRO A 99 ? 0.72086 1.23634 0.90542 -0.12072 -0.27089 0.20776  125 PRO A CG  
731 C CD  . PRO A 99 ? 0.66612 1.10413 0.80612 -0.13705 -0.23039 0.16279  125 PRO A CD  
# 
